data_3LZK
#
_entry.id   3LZK
#
_cell.length_a   62.773
_cell.length_b   188.894
_cell.length_c   67.736
_cell.angle_alpha   90.00
_cell.angle_beta   115.17
_cell.angle_gamma   90.00
#
_symmetry.space_group_name_H-M   'P 1 21 1'
#
loop_
_entity.id
_entity.type
_entity.pdbx_description
1 polymer 'Fumarylacetoacetate hydrolase family protein'
2 non-polymer 'CALCIUM ION'
3 water water
#
_entity_poly.entity_id   1
_entity_poly.type   'polypeptide(L)'
_entity_poly.pdbx_seq_one_letter_code
;MGSSHHHHHHSSGRENLYFQG(MSE)KLATLKDSTRDGKLVVVSKDLTRCSEVGHIARTLQAALDDWAHAGPRLERVAEG
IETGAQPT(MSE)RFHEHDAASPLPRAFQWADGSAYVNHVELVRKARNAE(MSE)PASFWTDPLIYQGGSDSFLGPRDPI
L(MSE)ADDAWGID(MSE)EGEAAVIVDDVP(MSE)GATLDEAKAAIRLV(MSE)LVNDVSLRGLIPGELAKGFGFYQSK
PSSAFSPVAVTPEELGEAWDGGKLHLPLHVDLNGEPFGRANAGID(MSE)TFDFPQLIVHAARTRPLSAGTIIGSGTVSN
KLEGGPGRPVSEGGAGYSCIAELR(MSE)IETIEGGAPKTQFLKFGDVVRIE(MSE)KDRTGHSIFGAIEQKVGKYERG
;
_entity_poly.pdbx_strand_id   A,B,C,D
#
loop_
_chem_comp.id
_chem_comp.type
_chem_comp.name
_chem_comp.formula
CA non-polymer 'CALCIUM ION' 'Ca 2'
#
# COMPACT_ATOMS: atom_id res chain seq x y z
N PHE A 19 -17.70 -12.57 24.10
CA PHE A 19 -16.75 -13.18 23.18
C PHE A 19 -15.30 -12.83 23.53
N GLN A 20 -14.43 -13.84 23.47
CA GLN A 20 -13.01 -13.67 23.80
C GLN A 20 -12.09 -14.45 22.86
N GLY A 21 -10.95 -13.83 22.54
CA GLY A 21 -9.86 -14.53 21.90
C GLY A 21 -9.95 -14.61 20.39
N MSE A 22 -8.80 -14.73 19.73
CA MSE A 22 -8.77 -14.94 18.28
C MSE A 22 -7.48 -15.58 17.83
O MSE A 22 -6.46 -15.56 18.56
CB MSE A 22 -9.00 -13.64 17.52
CG MSE A 22 -7.82 -12.71 17.48
SE MSE A 22 -8.23 -11.13 16.37
CE MSE A 22 -6.69 -10.09 16.98
N LYS A 23 -7.53 -16.16 16.64
CA LYS A 23 -6.40 -16.83 16.01
C LYS A 23 -6.13 -16.22 14.64
N LEU A 24 -4.85 -16.02 14.35
CA LEU A 24 -4.43 -15.39 13.11
C LEU A 24 -3.44 -16.27 12.41
N ALA A 25 -3.46 -16.23 11.09
CA ALA A 25 -2.51 -17.00 10.30
C ALA A 25 -2.05 -16.19 9.08
N THR A 26 -0.94 -16.60 8.47
CA THR A 26 -0.46 -15.98 7.25
C THR A 26 -0.40 -17.08 6.19
N LEU A 27 -1.11 -16.87 5.08
CA LEU A 27 -1.14 -17.84 4.00
C LEU A 27 -0.05 -17.48 3.00
N LYS A 28 0.69 -18.50 2.57
CA LYS A 28 1.66 -18.32 1.49
C LYS A 28 0.98 -17.73 0.24
N ASP A 29 1.66 -16.81 -0.43
CA ASP A 29 1.19 -16.25 -1.71
C ASP A 29 2.39 -15.68 -2.46
N SER A 30 2.17 -14.81 -3.46
CA SER A 30 3.28 -14.36 -4.31
C SER A 30 4.15 -13.25 -3.69
N THR A 31 3.75 -12.81 -2.51
CA THR A 31 4.45 -11.74 -1.83
C THR A 31 5.27 -12.34 -0.69
N ARG A 32 6.26 -11.58 -0.23
CA ARG A 32 7.17 -12.04 0.78
C ARG A 32 6.50 -12.18 2.14
N ASP A 33 5.58 -11.28 2.44
CA ASP A 33 4.94 -11.26 3.75
C ASP A 33 3.67 -12.10 3.85
N GLY A 34 3.23 -12.61 2.71
CA GLY A 34 2.09 -13.51 2.70
C GLY A 34 0.78 -12.79 2.96
N LYS A 35 -0.27 -13.57 3.21
CA LYS A 35 -1.59 -13.02 3.31
C LYS A 35 -2.25 -13.30 4.65
N LEU A 36 -2.49 -12.24 5.43
CA LEU A 36 -3.09 -12.38 6.74
C LEU A 36 -4.53 -12.88 6.67
N VAL A 37 -4.83 -13.88 7.51
CA VAL A 37 -6.21 -14.33 7.69
C VAL A 37 -6.56 -14.52 9.15
N VAL A 38 -7.83 -14.35 9.46
CA VAL A 38 -8.32 -14.68 10.78
C VAL A 38 -8.85 -16.10 10.72
N VAL A 39 -8.47 -16.92 11.69
CA VAL A 39 -8.79 -18.35 11.65
C VAL A 39 -9.79 -18.73 12.74
N SER A 40 -10.71 -19.63 12.40
CA SER A 40 -11.70 -20.10 13.36
C SER A 40 -11.05 -20.89 14.50
N LYS A 41 -11.69 -20.93 15.66
CA LYS A 41 -11.08 -21.59 16.81
C LYS A 41 -10.72 -23.04 16.47
N ASP A 42 -11.55 -23.70 15.66
CA ASP A 42 -11.34 -25.10 15.34
C ASP A 42 -10.35 -25.30 14.19
N LEU A 43 -9.79 -24.18 13.73
CA LEU A 43 -8.76 -24.21 12.69
C LEU A 43 -9.22 -24.73 11.32
N THR A 44 -10.53 -24.75 11.08
CA THR A 44 -11.04 -25.28 9.81
C THR A 44 -11.39 -24.20 8.79
N ARG A 45 -11.77 -23.03 9.28
CA ARG A 45 -12.22 -21.94 8.41
C ARG A 45 -11.36 -20.69 8.62
N CYS A 46 -11.27 -19.85 7.60
CA CYS A 46 -10.54 -18.59 7.74
C CYS A 46 -11.10 -17.49 6.84
N SER A 47 -10.70 -16.25 7.09
CA SER A 47 -11.15 -15.14 6.27
C SER A 47 -10.02 -14.15 6.04
N GLU A 48 -9.84 -13.78 4.78
CA GLU A 48 -8.94 -12.70 4.38
C GLU A 48 -9.46 -11.40 5.00
N VAL A 49 -8.58 -10.45 5.28
CA VAL A 49 -9.01 -9.20 5.93
C VAL A 49 -8.24 -8.02 5.34
N GLY A 50 -8.18 -7.96 4.00
CA GLY A 50 -7.38 -6.95 3.33
C GLY A 50 -7.83 -5.50 3.53
N HIS A 51 -9.08 -5.30 3.91
CA HIS A 51 -9.54 -3.95 4.24
C HIS A 51 -9.01 -3.46 5.60
N ILE A 52 -8.45 -4.37 6.39
CA ILE A 52 -7.88 -3.98 7.68
C ILE A 52 -6.35 -4.06 7.63
N ALA A 53 -5.85 -5.20 7.20
CA ALA A 53 -4.41 -5.41 7.10
C ALA A 53 -4.11 -6.58 6.15
N ARG A 54 -3.17 -6.35 5.24
CA ARG A 54 -2.77 -7.36 4.28
C ARG A 54 -1.84 -8.41 4.89
N THR A 55 -1.09 -8.02 5.92
CA THR A 55 -0.09 -8.90 6.54
C THR A 55 -0.18 -8.78 8.07
N LEU A 56 0.29 -9.82 8.76
CA LEU A 56 0.31 -9.82 10.20
C LEU A 56 1.17 -8.66 10.71
N GLN A 57 2.31 -8.43 10.09
CA GLN A 57 3.18 -7.35 10.51
C GLN A 57 2.48 -5.98 10.44
N ALA A 58 1.75 -5.73 9.37
CA ALA A 58 0.97 -4.51 9.25
C ALA A 58 -0.03 -4.37 10.42
N ALA A 59 -0.73 -5.45 10.76
CA ALA A 59 -1.65 -5.42 11.88
C ALA A 59 -0.93 -5.08 13.18
N LEU A 60 0.24 -5.67 13.39
CA LEU A 60 1.05 -5.41 14.57
C LEU A 60 1.57 -3.98 14.62
N ASP A 61 1.96 -3.46 13.46
CA ASP A 61 2.48 -2.11 13.37
C ASP A 61 1.46 -1.11 13.92
N ASP A 62 0.17 -1.45 13.79
CA ASP A 62 -0.94 -0.52 14.12
C ASP A 62 -1.92 -1.27 15.00
N TRP A 63 -1.40 -2.11 15.92
CA TRP A 63 -2.26 -3.01 16.68
C TRP A 63 -3.39 -2.32 17.43
N ALA A 64 -3.08 -1.20 18.06
CA ALA A 64 -4.09 -0.52 18.87
C ALA A 64 -5.36 -0.27 18.04
N HIS A 65 -5.20 -0.14 16.73
CA HIS A 65 -6.34 0.12 15.84
C HIS A 65 -6.80 -1.11 15.07
N ALA A 66 -5.85 -1.87 14.56
CA ALA A 66 -6.16 -3.09 13.80
C ALA A 66 -6.70 -4.24 14.67
N GLY A 67 -6.14 -4.40 15.86
CA GLY A 67 -6.54 -5.48 16.74
C GLY A 67 -8.04 -5.56 16.97
N PRO A 68 -8.63 -4.50 17.51
CA PRO A 68 -10.08 -4.52 17.74
C PRO A 68 -10.88 -4.86 16.46
N ARG A 69 -10.41 -4.43 15.29
CA ARG A 69 -11.12 -4.74 14.05
C ARG A 69 -11.00 -6.22 13.66
N LEU A 70 -9.84 -6.80 13.89
CA LEU A 70 -9.68 -8.23 13.67
C LEU A 70 -10.52 -9.04 14.66
N GLU A 71 -10.65 -8.56 15.89
CA GLU A 71 -11.50 -9.24 16.88
C GLU A 71 -12.95 -9.34 16.41
N ARG A 72 -13.48 -8.25 15.85
CA ARG A 72 -14.82 -8.27 15.30
C ARG A 72 -14.96 -9.31 14.19
N VAL A 73 -13.93 -9.43 13.35
CA VAL A 73 -13.93 -10.46 12.30
C VAL A 73 -13.95 -11.85 12.94
N ALA A 74 -13.09 -12.05 13.93
CA ALA A 74 -13.04 -13.31 14.66
C ALA A 74 -14.42 -13.69 15.22
N GLU A 75 -15.09 -12.70 15.82
CA GLU A 75 -16.42 -12.93 16.37
C GLU A 75 -17.42 -13.31 15.28
N GLY A 76 -17.32 -12.64 14.14
CA GLY A 76 -18.17 -12.91 12.99
C GLY A 76 -17.96 -14.29 12.40
N ILE A 77 -16.72 -14.77 12.42
CA ILE A 77 -16.46 -16.15 12.00
C ILE A 77 -17.10 -17.14 12.96
N GLU A 78 -17.04 -16.85 14.25
CA GLU A 78 -17.61 -17.75 15.23
C GLU A 78 -19.13 -17.84 15.08
N THR A 79 -19.78 -16.72 14.80
CA THR A 79 -21.24 -16.70 14.66
C THR A 79 -21.69 -17.06 13.25
N GLY A 80 -20.77 -17.07 12.29
CA GLY A 80 -21.11 -17.41 10.92
C GLY A 80 -21.61 -16.23 10.11
N ALA A 81 -21.56 -15.04 10.69
CA ALA A 81 -21.95 -13.81 9.99
C ALA A 81 -20.89 -13.41 8.96
N GLN A 82 -19.67 -13.87 9.17
CA GLN A 82 -18.54 -13.56 8.31
C GLN A 82 -18.28 -14.70 7.32
N PRO A 83 -18.30 -14.41 6.01
CA PRO A 83 -17.92 -15.36 4.96
C PRO A 83 -16.49 -15.86 5.13
N THR A 84 -16.29 -17.16 4.91
CA THR A 84 -14.98 -17.78 5.09
C THR A 84 -14.65 -18.78 3.97
N MSE A 85 -13.40 -19.18 3.92
CA MSE A 85 -12.98 -20.30 3.08
C MSE A 85 -12.30 -21.34 3.98
O MSE A 85 -12.16 -21.13 5.19
CB MSE A 85 -12.00 -19.81 2.01
CG MSE A 85 -10.90 -18.96 2.56
SE MSE A 85 -9.51 -18.52 1.28
CE MSE A 85 -8.48 -17.32 2.39
N ARG A 86 -11.87 -22.45 3.40
CA ARG A 86 -11.19 -23.48 4.18
C ARG A 86 -9.78 -23.02 4.56
N PHE A 87 -9.37 -23.33 5.80
CA PHE A 87 -8.01 -23.10 6.23
C PHE A 87 -7.21 -24.40 6.08
N HIS A 88 -6.10 -24.32 5.36
CA HIS A 88 -5.25 -25.49 5.11
C HIS A 88 -3.88 -25.24 5.73
N GLU A 89 -3.56 -25.95 6.82
CA GLU A 89 -2.26 -25.77 7.44
C GLU A 89 -1.13 -25.97 6.43
N HIS A 90 -1.35 -26.85 5.46
CA HIS A 90 -0.35 -27.11 4.43
C HIS A 90 -0.07 -25.87 3.58
N ASP A 91 -0.92 -24.86 3.69
CA ASP A 91 -0.79 -23.64 2.89
C ASP A 91 -0.33 -22.46 3.74
N ALA A 92 -0.22 -22.66 5.04
CA ALA A 92 0.21 -21.58 5.91
C ALA A 92 1.73 -21.34 5.83
N ALA A 93 2.11 -20.07 5.94
CA ALA A 93 3.50 -19.72 6.20
C ALA A 93 3.63 -19.71 7.72
N SER A 94 4.81 -19.39 8.26
CA SER A 94 4.86 -19.01 9.67
C SER A 94 4.04 -17.71 9.81
N PRO A 95 3.39 -17.49 10.96
CA PRO A 95 2.56 -16.29 11.04
C PRO A 95 3.30 -15.03 10.64
N LEU A 96 4.54 -14.86 11.07
CA LEU A 96 5.40 -13.87 10.44
C LEU A 96 6.43 -14.62 9.60
N PRO A 97 6.27 -14.65 8.26
CA PRO A 97 7.18 -15.41 7.40
C PRO A 97 8.55 -14.78 7.47
N ARG A 98 8.59 -13.47 7.66
CA ARG A 98 9.83 -12.79 8.00
C ARG A 98 9.56 -11.79 9.11
N ALA A 99 10.48 -11.72 10.06
CA ALA A 99 10.27 -10.90 11.24
C ALA A 99 11.47 -10.00 11.44
N PHE A 100 11.26 -8.92 12.17
CA PHE A 100 12.32 -7.98 12.41
C PHE A 100 13.24 -8.43 13.56
N GLN A 101 12.75 -9.36 14.36
CA GLN A 101 13.55 -9.85 15.49
C GLN A 101 13.09 -11.23 15.95
N TRP A 102 14.06 -12.11 16.20
CA TRP A 102 13.80 -13.42 16.75
C TRP A 102 14.87 -13.59 17.82
N ALA A 103 14.45 -13.63 19.08
CA ALA A 103 15.36 -13.73 20.20
C ALA A 103 14.86 -14.87 21.07
N ASP A 104 15.74 -15.81 21.36
CA ASP A 104 15.34 -17.07 21.95
C ASP A 104 15.98 -17.27 23.31
N GLY A 105 15.13 -17.44 24.32
CA GLY A 105 15.64 -17.64 25.67
C GLY A 105 15.96 -19.09 25.93
N SER A 106 16.38 -19.38 27.15
CA SER A 106 16.54 -20.76 27.63
C SER A 106 15.87 -20.81 28.98
N ALA A 107 14.54 -20.72 28.98
CA ALA A 107 13.79 -20.51 30.20
C ALA A 107 13.74 -21.74 31.09
N TYR A 108 13.85 -22.93 30.49
CA TYR A 108 13.87 -24.16 31.27
C TYR A 108 15.32 -24.50 31.59
N VAL A 109 15.83 -23.88 32.63
CA VAL A 109 17.27 -23.89 32.93
C VAL A 109 17.76 -25.30 33.25
N ASN A 110 16.83 -26.21 33.51
CA ASN A 110 17.19 -27.60 33.66
C ASN A 110 17.93 -28.12 32.43
N HIS A 111 17.44 -27.74 31.25
CA HIS A 111 18.04 -28.20 30.00
C HIS A 111 19.50 -27.80 29.89
N VAL A 112 19.81 -26.54 30.14
CA VAL A 112 21.19 -26.09 30.01
C VAL A 112 22.07 -26.72 31.10
N GLU A 113 21.47 -27.04 32.24
CA GLU A 113 22.19 -27.76 33.29
C GLU A 113 22.63 -29.15 32.80
N LEU A 114 21.71 -29.86 32.13
CA LEU A 114 22.01 -31.16 31.53
C LEU A 114 23.15 -31.08 30.50
N VAL A 115 23.08 -30.11 29.60
CA VAL A 115 24.13 -30.00 28.58
C VAL A 115 25.46 -29.59 29.20
N ARG A 116 25.42 -28.76 30.23
CA ARG A 116 26.63 -28.34 30.93
CA ARG A 116 26.62 -28.34 30.93
C ARG A 116 27.23 -29.52 31.68
N LYS A 117 26.36 -30.32 32.29
CA LYS A 117 26.74 -31.46 33.13
C LYS A 117 27.29 -32.62 32.33
N ALA A 118 26.88 -32.69 31.06
CA ALA A 118 27.34 -33.72 30.15
C ALA A 118 28.81 -33.48 29.80
N ARG A 119 29.19 -32.21 29.65
CA ARG A 119 30.59 -31.84 29.47
C ARG A 119 31.31 -32.02 30.80
N ASN A 120 30.59 -32.61 31.76
CA ASN A 120 31.09 -32.85 33.11
C ASN A 120 31.60 -31.57 33.77
N ALA A 121 30.83 -30.50 33.60
CA ALA A 121 31.19 -29.21 34.15
C ALA A 121 30.07 -28.67 35.04
N GLU A 122 30.44 -27.87 36.04
CA GLU A 122 29.46 -27.30 36.96
C GLU A 122 28.85 -26.01 36.41
N MSE A 123 27.55 -25.85 36.63
CA MSE A 123 26.85 -24.64 36.19
C MSE A 123 26.76 -23.61 37.31
O MSE A 123 26.23 -23.90 38.39
CB MSE A 123 25.44 -24.98 35.69
CG MSE A 123 24.72 -23.76 35.05
SE MSE A 123 22.84 -24.07 34.52
CE MSE A 123 22.03 -24.01 36.30
N PRO A 124 27.29 -22.41 37.06
CA PRO A 124 27.27 -21.30 38.02
C PRO A 124 25.86 -21.04 38.59
N ALA A 125 25.77 -20.81 39.90
CA ALA A 125 24.49 -20.51 40.53
C ALA A 125 23.78 -19.39 39.77
N SER A 126 24.56 -18.48 39.22
CA SER A 126 24.02 -17.31 38.54
C SER A 126 23.00 -17.69 37.47
N PHE A 127 23.08 -18.90 36.94
CA PHE A 127 22.22 -19.27 35.81
C PHE A 127 20.75 -19.45 36.24
N TRP A 128 20.51 -19.51 37.54
CA TRP A 128 19.14 -19.62 38.03
C TRP A 128 18.50 -18.23 38.17
N THR A 129 19.32 -17.19 38.04
CA THR A 129 18.85 -15.83 38.25
C THR A 129 19.05 -14.93 37.03
N ASP A 130 19.97 -15.32 36.16
CA ASP A 130 20.27 -14.53 34.96
C ASP A 130 19.94 -15.29 33.66
N PRO A 131 18.81 -14.93 33.01
CA PRO A 131 18.29 -15.55 31.80
C PRO A 131 19.30 -15.55 30.67
N LEU A 132 19.32 -16.63 29.90
CA LEU A 132 20.11 -16.67 28.68
C LEU A 132 19.20 -16.22 27.55
N ILE A 133 19.81 -15.64 26.53
CA ILE A 133 19.05 -15.30 25.34
C ILE A 133 20.03 -15.25 24.19
N TYR A 134 19.60 -15.65 23.00
CA TYR A 134 20.43 -15.42 21.82
C TYR A 134 19.61 -14.80 20.71
N GLN A 135 20.29 -14.03 19.87
CA GLN A 135 19.68 -13.38 18.71
C GLN A 135 19.67 -14.34 17.55
N GLY A 136 18.50 -14.65 17.00
CA GLY A 136 18.41 -15.64 15.94
C GLY A 136 18.08 -15.07 14.56
N GLY A 137 18.19 -15.90 13.52
CA GLY A 137 17.81 -15.49 12.19
C GLY A 137 16.30 -15.33 12.08
N SER A 138 15.83 -14.18 11.57
CA SER A 138 14.40 -13.90 11.57
C SER A 138 13.83 -13.70 10.19
N ASP A 139 14.65 -13.84 9.15
CA ASP A 139 14.23 -13.35 7.85
C ASP A 139 13.74 -14.42 6.88
N SER A 140 13.92 -15.70 7.23
CA SER A 140 13.60 -16.78 6.29
C SER A 140 12.92 -17.97 6.94
N PHE A 141 11.95 -17.72 7.80
CA PHE A 141 11.33 -18.82 8.53
C PHE A 141 10.66 -19.79 7.57
N LEU A 142 10.71 -21.07 7.92
CA LEU A 142 10.01 -22.13 7.21
C LEU A 142 8.55 -22.10 7.62
N GLY A 143 7.66 -22.53 6.73
CA GLY A 143 6.27 -22.73 7.08
C GLY A 143 6.10 -24.00 7.88
N PRO A 144 5.01 -24.09 8.67
CA PRO A 144 4.79 -25.17 9.65
C PRO A 144 4.87 -26.56 9.01
N ARG A 145 4.55 -26.66 7.73
CA ARG A 145 4.56 -27.96 7.05
C ARG A 145 5.68 -28.09 6.01
N ASP A 146 6.50 -27.06 5.85
CA ASP A 146 7.65 -27.15 4.93
C ASP A 146 8.68 -28.12 5.45
N PRO A 147 9.41 -28.77 4.52
CA PRO A 147 10.43 -29.71 4.95
C PRO A 147 11.62 -28.97 5.55
N ILE A 148 12.29 -29.63 6.50
CA ILE A 148 13.57 -29.13 6.95
C ILE A 148 14.60 -29.62 5.94
N LEU A 149 15.01 -28.75 5.03
CA LEU A 149 15.97 -29.13 4.00
C LEU A 149 17.38 -28.72 4.40
N MSE A 150 18.29 -29.69 4.36
CA MSE A 150 19.67 -29.47 4.77
C MSE A 150 20.62 -30.23 3.86
O MSE A 150 20.26 -31.26 3.29
CB MSE A 150 19.83 -29.93 6.22
CG MSE A 150 20.84 -29.13 7.00
SE MSE A 150 20.24 -27.33 7.41
CE MSE A 150 21.96 -26.55 7.78
N ALA A 151 21.84 -29.73 3.71
CA ALA A 151 22.82 -30.37 2.84
C ALA A 151 23.26 -31.75 3.33
N ASP A 152 23.34 -31.92 4.65
CA ASP A 152 24.07 -33.05 5.23
C ASP A 152 23.49 -33.40 6.58
N ASP A 153 23.04 -34.64 6.75
CA ASP A 153 22.44 -35.02 8.03
C ASP A 153 23.45 -35.62 8.98
N ALA A 154 24.73 -35.39 8.70
CA ALA A 154 25.80 -35.72 9.64
C ALA A 154 26.05 -34.52 10.54
N TRP A 155 25.24 -33.47 10.35
CA TRP A 155 25.36 -32.24 11.13
C TRP A 155 24.60 -32.25 12.46
N GLY A 156 24.05 -33.40 12.85
CA GLY A 156 23.28 -33.48 14.08
C GLY A 156 22.01 -32.63 14.04
N ILE A 157 21.20 -32.83 13.00
CA ILE A 157 19.95 -32.09 12.87
C ILE A 157 19.02 -32.42 14.02
N ASP A 158 18.46 -31.40 14.66
CA ASP A 158 17.59 -31.64 15.81
C ASP A 158 16.43 -30.67 15.74
N MSE A 159 15.27 -31.10 16.23
CA MSE A 159 14.15 -30.21 16.38
C MSE A 159 14.25 -29.67 17.79
O MSE A 159 14.93 -30.26 18.62
CB MSE A 159 12.81 -30.90 16.13
CG MSE A 159 12.29 -31.80 17.27
SE MSE A 159 13.34 -33.43 17.55
CE MSE A 159 12.09 -34.42 18.64
N GLU A 160 13.58 -28.55 18.06
CA GLU A 160 13.58 -27.99 19.39
C GLU A 160 12.24 -27.36 19.62
N GLY A 161 11.37 -28.06 20.37
CA GLY A 161 10.02 -27.55 20.56
C GLY A 161 9.96 -26.49 21.64
N GLU A 162 9.38 -25.34 21.30
CA GLU A 162 9.23 -24.23 22.26
C GLU A 162 7.91 -23.50 22.06
N ALA A 163 7.62 -22.54 22.95
CA ALA A 163 6.59 -21.53 22.71
C ALA A 163 7.27 -20.19 22.42
N ALA A 164 6.57 -19.31 21.70
CA ALA A 164 7.06 -17.94 21.52
C ALA A 164 5.93 -16.95 21.66
N VAL A 165 6.25 -15.73 22.10
CA VAL A 165 5.27 -14.64 22.09
C VAL A 165 5.74 -13.57 21.10
N ILE A 166 4.76 -12.88 20.50
CA ILE A 166 5.05 -11.72 19.67
C ILE A 166 4.64 -10.49 20.50
N VAL A 167 5.54 -9.52 20.65
CA VAL A 167 5.27 -8.34 21.48
C VAL A 167 4.93 -7.11 20.63
N ASP A 168 4.19 -6.19 21.22
CA ASP A 168 4.03 -4.86 20.66
C ASP A 168 5.34 -4.15 20.95
N ASP A 169 5.39 -2.84 20.69
CA ASP A 169 6.59 -2.08 21.03
C ASP A 169 6.90 -2.15 22.53
N VAL A 170 8.17 -2.37 22.85
CA VAL A 170 8.62 -2.39 24.24
C VAL A 170 9.78 -1.40 24.40
N PRO A 171 9.64 -0.47 25.36
CA PRO A 171 10.66 0.56 25.56
C PRO A 171 11.96 -0.03 26.09
N MSE A 172 13.07 0.63 25.81
CA MSE A 172 14.33 0.29 26.46
C MSE A 172 14.19 0.46 27.97
O MSE A 172 13.69 1.49 28.42
CB MSE A 172 15.45 1.17 25.93
CG MSE A 172 16.73 1.10 26.75
SE MSE A 172 18.29 1.55 25.68
CE MSE A 172 17.86 3.39 25.19
N GLY A 173 14.61 -0.53 28.74
CA GLY A 173 14.52 -0.45 30.18
C GLY A 173 13.12 -0.75 30.65
N ALA A 174 12.37 -1.48 29.85
CA ALA A 174 11.00 -1.80 30.21
C ALA A 174 10.90 -2.55 31.54
N THR A 175 9.83 -2.29 32.28
CA THR A 175 9.55 -3.00 33.52
C THR A 175 8.75 -4.27 33.24
N LEU A 176 8.62 -5.12 34.26
CA LEU A 176 7.81 -6.34 34.17
C LEU A 176 6.35 -6.07 33.76
N ASP A 177 5.75 -5.00 34.28
CA ASP A 177 4.35 -4.69 33.97
C ASP A 177 4.23 -4.29 32.51
N GLU A 178 5.17 -3.47 32.06
CA GLU A 178 5.28 -3.11 30.66
C GLU A 178 5.45 -4.33 29.77
N ALA A 179 6.31 -5.26 30.18
CA ALA A 179 6.60 -6.42 29.33
C ALA A 179 5.38 -7.35 29.21
N LYS A 180 4.73 -7.60 30.33
CA LYS A 180 3.51 -8.40 30.36
C LYS A 180 2.49 -7.79 29.39
N ALA A 181 2.20 -6.52 29.59
CA ALA A 181 1.18 -5.82 28.81
C ALA A 181 1.47 -5.76 27.32
N ALA A 182 2.73 -5.96 26.93
CA ALA A 182 3.13 -5.87 25.53
C ALA A 182 2.98 -7.18 24.74
N ILE A 183 2.63 -8.25 25.44
CA ILE A 183 2.46 -9.57 24.81
C ILE A 183 1.16 -9.54 24.00
N ARG A 184 1.25 -9.75 22.69
CA ARG A 184 0.08 -9.67 21.80
C ARG A 184 -0.41 -11.04 21.28
N LEU A 185 0.53 -11.93 20.99
CA LEU A 185 0.22 -13.23 20.39
C LEU A 185 1.14 -14.28 20.94
N VAL A 186 0.67 -15.53 20.94
CA VAL A 186 1.46 -16.70 21.33
C VAL A 186 1.45 -17.71 20.19
N MSE A 187 2.58 -18.38 19.97
CA MSE A 187 2.62 -19.45 18.99
C MSE A 187 3.66 -20.49 19.40
O MSE A 187 4.41 -20.29 20.35
CB MSE A 187 2.90 -18.91 17.58
CG MSE A 187 4.09 -17.98 17.51
SE MSE A 187 4.38 -17.16 15.74
CE MSE A 187 5.89 -16.02 16.23
N LEU A 188 3.68 -21.60 18.67
CA LEU A 188 4.65 -22.65 18.93
C LEU A 188 5.78 -22.51 17.94
N VAL A 189 6.92 -23.13 18.26
CA VAL A 189 8.12 -23.01 17.44
C VAL A 189 8.97 -24.27 17.43
N ASN A 190 9.59 -24.51 16.28
CA ASN A 190 10.61 -25.53 16.14
C ASN A 190 11.93 -24.83 15.87
N ASP A 191 12.77 -24.68 16.90
CA ASP A 191 14.02 -23.97 16.72
C ASP A 191 15.03 -24.99 16.18
N VAL A 192 14.97 -25.19 14.86
CA VAL A 192 15.85 -26.13 14.16
C VAL A 192 17.33 -25.87 14.47
N SER A 193 18.03 -26.93 14.85
CA SER A 193 19.41 -26.85 15.32
C SER A 193 20.32 -27.85 14.60
N LEU A 194 21.59 -27.49 14.47
CA LEU A 194 22.62 -28.41 13.96
C LEU A 194 23.61 -28.70 15.08
N ARG A 195 23.34 -29.76 15.81
CA ARG A 195 24.10 -30.08 17.01
C ARG A 195 25.59 -30.33 16.75
N GLY A 196 25.91 -30.84 15.57
CA GLY A 196 27.30 -31.17 15.26
C GLY A 196 28.15 -29.93 15.04
N LEU A 197 27.48 -28.82 14.75
CA LEU A 197 28.13 -27.54 14.47
C LEU A 197 28.19 -26.61 15.67
N ILE A 198 27.36 -26.90 16.67
CA ILE A 198 27.23 -26.03 17.83
C ILE A 198 28.52 -25.87 18.64
N PRO A 199 29.12 -26.97 19.08
CA PRO A 199 30.33 -26.82 19.93
C PRO A 199 31.40 -25.95 19.27
N GLY A 200 31.80 -26.27 18.05
CA GLY A 200 32.83 -25.49 17.37
C GLY A 200 32.43 -24.05 17.10
N GLU A 201 31.15 -23.80 16.90
CA GLU A 201 30.75 -22.43 16.64
C GLU A 201 30.82 -21.58 17.91
N LEU A 202 30.14 -22.04 18.96
CA LEU A 202 30.18 -21.31 20.22
C LEU A 202 31.63 -21.14 20.67
N ALA A 203 32.45 -22.15 20.41
CA ALA A 203 33.89 -22.09 20.70
C ALA A 203 34.60 -20.92 20.01
N LYS A 204 34.07 -20.46 18.88
CA LYS A 204 34.54 -19.23 18.24
C LYS A 204 34.24 -18.04 19.16
N GLY A 205 33.15 -18.13 19.92
CA GLY A 205 32.82 -17.16 20.95
C GLY A 205 31.70 -16.18 20.63
N PHE A 206 31.26 -16.17 19.37
CA PHE A 206 30.29 -15.18 18.91
C PHE A 206 28.85 -15.68 18.88
N GLY A 207 28.56 -16.73 19.63
CA GLY A 207 27.20 -17.26 19.69
C GLY A 207 26.80 -18.10 18.49
N PHE A 208 25.50 -18.18 18.23
CA PHE A 208 24.98 -19.07 17.19
C PHE A 208 24.82 -18.37 15.87
N TYR A 209 25.23 -19.04 14.79
CA TYR A 209 24.83 -18.60 13.46
C TYR A 209 24.61 -19.76 12.50
N GLN A 210 25.69 -20.32 11.99
CA GLN A 210 25.63 -21.52 11.15
C GLN A 210 24.90 -22.68 11.83
N SER A 211 25.07 -22.81 13.15
CA SER A 211 24.48 -23.93 13.89
C SER A 211 22.98 -23.76 14.21
N LYS A 212 22.41 -22.60 13.87
CA LYS A 212 20.97 -22.40 14.07
C LYS A 212 20.32 -21.88 12.80
N PRO A 213 19.93 -22.80 11.91
CA PRO A 213 19.29 -22.51 10.62
C PRO A 213 17.86 -22.05 10.81
N SER A 214 17.16 -21.83 9.70
CA SER A 214 15.85 -21.23 9.71
C SER A 214 14.85 -22.03 10.53
N SER A 215 14.18 -21.35 11.44
CA SER A 215 13.19 -21.96 12.32
C SER A 215 11.80 -22.01 11.67
N ALA A 216 10.86 -22.65 12.35
CA ALA A 216 9.49 -22.75 11.87
C ALA A 216 8.52 -22.49 13.03
N PHE A 217 7.39 -21.88 12.71
CA PHE A 217 6.36 -21.61 13.72
C PHE A 217 5.05 -22.34 13.38
N SER A 218 4.16 -22.46 14.36
CA SER A 218 2.86 -23.07 14.15
C SER A 218 2.01 -22.31 13.09
N PRO A 219 1.03 -23.01 12.49
CA PRO A 219 0.13 -22.41 11.46
C PRO A 219 -0.63 -21.20 11.99
N VAL A 220 -0.84 -21.16 13.31
CA VAL A 220 -1.64 -20.13 13.93
C VAL A 220 -0.92 -19.50 15.13
N ALA A 221 -1.13 -18.20 15.32
CA ALA A 221 -0.77 -17.49 16.54
C ALA A 221 -2.07 -17.07 17.22
N VAL A 222 -2.10 -17.11 18.55
CA VAL A 222 -3.35 -16.80 19.25
C VAL A 222 -3.16 -15.69 20.28
N THR A 223 -4.23 -14.98 20.60
CA THR A 223 -4.13 -13.95 21.61
C THR A 223 -4.18 -14.61 22.99
N PRO A 224 -3.52 -13.97 23.98
CA PRO A 224 -3.57 -14.53 25.34
C PRO A 224 -4.98 -14.90 25.78
N GLU A 225 -5.96 -14.07 25.46
CA GLU A 225 -7.36 -14.35 25.81
C GLU A 225 -7.81 -15.71 25.30
N GLU A 226 -7.37 -16.07 24.11
CA GLU A 226 -7.74 -17.34 23.49
C GLU A 226 -7.28 -18.55 24.31
N LEU A 227 -6.18 -18.37 25.04
CA LEU A 227 -5.58 -19.45 25.82
C LEU A 227 -6.38 -19.79 27.06
N GLY A 228 -7.17 -18.84 27.53
CA GLY A 228 -7.98 -19.07 28.71
C GLY A 228 -7.10 -19.38 29.91
N GLU A 229 -7.54 -20.30 30.75
CA GLU A 229 -6.84 -20.55 32.00
C GLU A 229 -5.49 -21.24 31.79
N ALA A 230 -5.25 -21.70 30.57
CA ALA A 230 -3.96 -22.27 30.21
C ALA A 230 -2.83 -21.22 30.17
N TRP A 231 -3.20 -19.94 30.23
CA TRP A 231 -2.24 -18.85 30.19
C TRP A 231 -2.36 -18.06 31.48
N ASP A 232 -1.30 -18.00 32.27
CA ASP A 232 -1.35 -17.24 33.52
C ASP A 232 -0.79 -15.82 33.38
N GLY A 233 -0.68 -15.35 32.14
CA GLY A 233 -0.18 -14.02 31.87
C GLY A 233 1.31 -13.98 31.57
N GLY A 234 2.02 -15.08 31.91
CA GLY A 234 3.46 -15.15 31.71
C GLY A 234 3.99 -16.51 31.30
N LYS A 235 3.22 -17.56 31.56
CA LYS A 235 3.54 -18.89 31.05
C LYS A 235 2.31 -19.71 30.66
N LEU A 236 2.53 -20.67 29.76
CA LEU A 236 1.53 -21.65 29.32
C LEU A 236 1.57 -22.88 30.21
N HIS A 237 0.42 -23.42 30.58
CA HIS A 237 0.35 -24.54 31.52
C HIS A 237 -0.22 -25.81 30.92
N LEU A 238 0.40 -26.25 29.82
CA LEU A 238 -0.09 -27.39 29.04
C LEU A 238 1.08 -28.20 28.51
N PRO A 239 0.84 -29.49 28.29
CA PRO A 239 1.91 -30.29 27.67
C PRO A 239 2.20 -29.82 26.25
N LEU A 240 3.48 -29.80 25.88
CA LEU A 240 3.86 -29.57 24.49
C LEU A 240 4.12 -30.92 23.84
N HIS A 241 3.29 -31.27 22.86
CA HIS A 241 3.41 -32.55 22.17
C HIS A 241 4.50 -32.47 21.12
N VAL A 242 5.55 -33.22 21.30
CA VAL A 242 6.58 -33.38 20.28
C VAL A 242 6.58 -34.86 19.87
N ASP A 243 6.34 -35.13 18.59
CA ASP A 243 6.35 -36.49 18.08
C ASP A 243 7.51 -36.66 17.11
N LEU A 244 8.07 -37.86 17.09
CA LEU A 244 9.15 -38.20 16.18
C LEU A 244 8.74 -39.45 15.42
N ASN A 245 8.58 -39.33 14.11
CA ASN A 245 8.17 -40.45 13.29
C ASN A 245 6.90 -41.11 13.80
N GLY A 246 5.92 -40.29 14.16
CA GLY A 246 4.61 -40.77 14.59
C GLY A 246 4.53 -41.17 16.06
N GLU A 247 5.68 -41.25 16.71
CA GLU A 247 5.71 -41.69 18.10
C GLU A 247 5.89 -40.53 19.06
N PRO A 248 5.13 -40.54 20.17
CA PRO A 248 5.29 -39.50 21.19
C PRO A 248 6.74 -39.46 21.67
N PHE A 249 7.34 -38.27 21.71
CA PHE A 249 8.73 -38.12 22.13
C PHE A 249 8.80 -37.21 23.35
N GLY A 250 7.91 -36.23 23.38
CA GLY A 250 7.82 -35.31 24.49
C GLY A 250 6.40 -34.86 24.77
N ARG A 251 6.09 -34.77 26.06
CA ARG A 251 4.81 -34.24 26.52
C ARG A 251 5.11 -33.28 27.68
N ALA A 252 6.26 -32.65 27.63
CA ALA A 252 6.70 -31.79 28.74
C ALA A 252 5.73 -30.62 28.93
N ASN A 253 5.39 -30.35 30.18
CA ASN A 253 4.49 -29.25 30.49
C ASN A 253 5.20 -27.91 30.45
N ALA A 254 4.71 -26.99 29.63
CA ALA A 254 5.32 -25.68 29.48
C ALA A 254 5.28 -24.83 30.76
N GLY A 255 4.41 -25.19 31.70
CA GLY A 255 4.30 -24.46 32.96
C GLY A 255 5.16 -25.04 34.08
N ILE A 256 5.91 -26.09 33.78
CA ILE A 256 6.74 -26.77 34.80
C ILE A 256 8.24 -26.62 34.52
N ASP A 257 9.01 -26.33 35.58
CA ASP A 257 10.46 -26.13 35.47
C ASP A 257 10.86 -24.98 34.56
N MSE A 258 9.97 -23.99 34.43
CA MSE A 258 10.28 -22.80 33.67
C MSE A 258 10.80 -21.76 34.64
O MSE A 258 10.02 -21.08 35.30
CB MSE A 258 9.03 -22.27 32.97
CG MSE A 258 9.35 -21.35 31.80
SE MSE A 258 7.81 -20.33 31.16
CE MSE A 258 8.62 -19.48 29.61
N THR A 259 12.12 -21.68 34.74
CA THR A 259 12.70 -20.77 35.72
C THR A 259 12.44 -19.28 35.40
N PHE A 260 12.32 -18.95 34.11
CA PHE A 260 12.00 -17.58 33.72
C PHE A 260 10.76 -17.53 32.81
N ASP A 261 9.72 -16.79 33.20
CA ASP A 261 8.55 -16.59 32.33
C ASP A 261 8.77 -15.58 31.21
N PHE A 262 7.77 -15.40 30.35
CA PHE A 262 7.94 -14.52 29.20
C PHE A 262 8.22 -13.05 29.58
N PRO A 263 7.46 -12.50 30.53
CA PRO A 263 7.78 -11.12 30.88
C PRO A 263 9.23 -10.98 31.36
N GLN A 264 9.72 -11.96 32.10
CA GLN A 264 11.11 -11.96 32.56
C GLN A 264 12.10 -11.95 31.39
N LEU A 265 11.84 -12.75 30.35
CA LEU A 265 12.70 -12.75 29.16
C LEU A 265 12.64 -11.41 28.40
N ILE A 266 11.45 -10.86 28.30
CA ILE A 266 11.23 -9.58 27.64
C ILE A 266 11.96 -8.45 28.37
N VAL A 267 11.81 -8.41 29.69
CA VAL A 267 12.53 -7.43 30.49
C VAL A 267 14.02 -7.59 30.24
N HIS A 268 14.49 -8.83 30.24
CA HIS A 268 15.90 -9.10 30.01
C HIS A 268 16.30 -8.53 28.65
N ALA A 269 15.51 -8.85 27.62
CA ALA A 269 15.80 -8.45 26.25
C ALA A 269 15.82 -6.94 26.07
N ALA A 270 15.07 -6.22 26.91
CA ALA A 270 14.87 -4.79 26.72
C ALA A 270 15.82 -3.95 27.56
N ARG A 271 16.73 -4.61 28.27
CA ARG A 271 17.65 -3.89 29.15
C ARG A 271 18.29 -2.68 28.47
N THR A 272 18.88 -2.89 27.30
CA THR A 272 19.68 -1.83 26.67
C THR A 272 19.21 -1.55 25.25
N ARG A 273 17.98 -1.92 24.94
CA ARG A 273 17.44 -1.73 23.61
C ARG A 273 15.92 -1.79 23.65
N PRO A 274 15.26 -1.04 22.76
CA PRO A 274 13.81 -1.17 22.55
C PRO A 274 13.55 -2.48 21.83
N LEU A 275 12.34 -3.00 21.95
CA LEU A 275 11.90 -4.10 21.11
C LEU A 275 10.75 -3.57 20.25
N SER A 276 10.91 -3.52 18.94
CA SER A 276 9.84 -2.98 18.10
C SER A 276 8.70 -4.00 17.94
N ALA A 277 7.50 -3.50 17.68
CA ALA A 277 6.31 -4.33 17.46
C ALA A 277 6.62 -5.41 16.40
N GLY A 278 6.27 -6.66 16.71
CA GLY A 278 6.61 -7.77 15.81
C GLY A 278 7.80 -8.59 16.30
N THR A 279 8.37 -8.17 17.42
CA THR A 279 9.47 -8.91 17.99
C THR A 279 8.98 -10.25 18.54
N ILE A 280 9.69 -11.30 18.16
CA ILE A 280 9.35 -12.63 18.62
C ILE A 280 10.33 -13.07 19.73
N ILE A 281 9.79 -13.41 20.89
CA ILE A 281 10.60 -13.93 22.00
C ILE A 281 10.34 -15.41 22.20
N GLY A 282 11.39 -16.23 22.06
CA GLY A 282 11.28 -17.67 22.28
C GLY A 282 11.55 -18.06 23.72
N SER A 283 10.84 -19.09 24.18
CA SER A 283 11.01 -19.58 25.54
C SER A 283 12.23 -20.48 25.70
N GLY A 284 12.69 -21.04 24.58
CA GLY A 284 13.72 -22.07 24.64
C GLY A 284 13.07 -23.42 24.82
N THR A 285 13.81 -24.49 24.54
CA THR A 285 13.25 -25.82 24.54
C THR A 285 12.56 -26.18 25.86
N VAL A 286 11.34 -26.69 25.74
CA VAL A 286 10.55 -27.02 26.94
C VAL A 286 11.03 -28.32 27.57
N SER A 287 11.41 -28.23 28.85
CA SER A 287 12.09 -29.33 29.56
C SER A 287 11.47 -29.52 30.95
N ASN A 288 11.27 -30.78 31.35
CA ASN A 288 10.76 -31.12 32.66
C ASN A 288 11.68 -32.10 33.37
N LYS A 289 11.87 -31.89 34.67
CA LYS A 289 12.60 -32.85 35.50
C LYS A 289 11.62 -33.90 35.98
N LEU A 290 12.16 -34.95 36.60
CA LEU A 290 11.36 -36.01 37.21
C LEU A 290 11.96 -36.36 38.57
N GLU A 291 11.18 -36.12 39.63
CA GLU A 291 11.64 -36.30 41.01
C GLU A 291 13.01 -35.66 41.25
N GLY A 292 13.18 -34.42 40.75
CA GLY A 292 14.43 -33.70 40.88
C GLY A 292 15.55 -34.25 40.01
N GLY A 293 15.23 -35.22 39.16
CA GLY A 293 16.23 -35.86 38.33
C GLY A 293 15.97 -35.62 36.86
N PRO A 294 16.90 -36.05 35.99
CA PRO A 294 16.64 -35.88 34.56
C PRO A 294 15.28 -36.50 34.22
N GLY A 295 14.58 -35.91 33.26
CA GLY A 295 13.31 -36.46 32.83
C GLY A 295 13.51 -37.84 32.24
N ARG A 296 12.46 -38.65 32.26
CA ARG A 296 12.51 -39.96 31.63
C ARG A 296 11.56 -40.00 30.42
N PRO A 297 11.78 -40.95 29.50
CA PRO A 297 11.02 -41.05 28.24
C PRO A 297 9.55 -41.31 28.45
N VAL A 298 8.75 -40.89 27.48
CA VAL A 298 7.30 -41.03 27.51
C VAL A 298 6.86 -42.49 27.68
N SER A 299 7.50 -43.39 26.94
CA SER A 299 7.19 -44.81 26.99
C SER A 299 7.51 -45.44 28.36
N GLU A 300 8.09 -44.65 29.26
CA GLU A 300 8.38 -45.11 30.61
C GLU A 300 7.57 -44.36 31.65
N GLY A 301 6.60 -43.57 31.20
CA GLY A 301 5.76 -42.82 32.10
C GLY A 301 6.25 -41.39 32.28
N GLY A 302 7.49 -41.15 31.86
CA GLY A 302 8.07 -39.82 31.93
C GLY A 302 7.38 -38.85 30.99
N ALA A 303 7.79 -37.58 31.05
CA ALA A 303 7.22 -36.52 30.21
C ALA A 303 8.03 -36.34 28.93
N GLY A 304 9.09 -37.14 28.78
CA GLY A 304 9.89 -37.12 27.56
C GLY A 304 10.63 -35.81 27.37
N TYR A 305 10.94 -35.49 26.11
CA TYR A 305 11.80 -34.34 25.78
C TYR A 305 11.31 -33.55 24.57
N SER A 306 11.75 -32.30 24.46
CA SER A 306 11.32 -31.46 23.35
C SER A 306 12.43 -31.36 22.30
N CYS A 307 13.51 -32.13 22.49
CA CYS A 307 14.60 -32.21 21.52
C CYS A 307 15.38 -33.50 21.71
N ILE A 308 16.08 -33.93 20.68
CA ILE A 308 16.86 -35.16 20.83
C ILE A 308 18.13 -34.90 21.62
N ALA A 309 18.63 -33.67 21.57
CA ALA A 309 19.85 -33.34 22.32
C ALA A 309 19.74 -33.65 23.83
N GLU A 310 18.60 -33.29 24.43
CA GLU A 310 18.39 -33.53 25.86
C GLU A 310 18.40 -35.01 26.21
N LEU A 311 17.79 -35.83 25.36
CA LEU A 311 17.86 -37.27 25.55
C LEU A 311 19.31 -37.76 25.52
N ARG A 312 20.07 -37.32 24.52
CA ARG A 312 21.47 -37.76 24.38
C ARG A 312 22.32 -37.34 25.57
N MSE A 313 22.09 -36.13 26.07
CA MSE A 313 22.82 -35.65 27.25
C MSE A 313 22.59 -36.61 28.41
O MSE A 313 23.52 -37.00 29.10
CB MSE A 313 22.41 -34.21 27.64
CG MSE A 313 22.64 -33.11 26.57
SE MSE A 313 24.49 -32.82 25.99
CE MSE A 313 24.64 -34.27 24.69
N ILE A 314 21.31 -36.99 28.60
CA ILE A 314 20.93 -37.88 29.70
C ILE A 314 21.51 -39.28 29.53
N GLU A 315 21.55 -39.76 28.29
CA GLU A 315 22.22 -41.03 27.99
C GLU A 315 23.72 -40.91 28.28
N THR A 316 24.30 -39.76 27.95
CA THR A 316 25.70 -39.47 28.22
C THR A 316 26.01 -39.53 29.71
N ILE A 317 25.19 -38.85 30.50
CA ILE A 317 25.31 -38.86 31.95
C ILE A 317 25.05 -40.26 32.49
N GLU A 318 23.91 -40.82 32.11
CA GLU A 318 23.54 -42.17 32.53
C GLU A 318 24.55 -43.20 32.03
N GLY A 319 24.66 -43.33 30.71
CA GLY A 319 25.43 -44.41 30.11
C GLY A 319 26.79 -44.04 29.53
N GLY A 320 27.31 -42.87 29.92
CA GLY A 320 28.65 -42.48 29.51
C GLY A 320 28.76 -41.89 28.12
N ALA A 321 27.75 -42.11 27.29
CA ALA A 321 27.74 -41.53 25.94
C ALA A 321 26.35 -41.48 25.30
N PRO A 322 26.21 -40.72 24.21
CA PRO A 322 24.93 -40.70 23.49
C PRO A 322 24.54 -42.08 22.89
N LYS A 323 23.25 -42.26 22.62
CA LYS A 323 22.73 -43.50 22.04
C LYS A 323 21.82 -43.17 20.86
N THR A 324 20.67 -42.59 21.18
CA THR A 324 19.66 -42.23 20.19
C THR A 324 20.23 -41.22 19.19
N GLN A 325 19.97 -41.44 17.91
CA GLN A 325 20.58 -40.60 16.89
C GLN A 325 19.75 -39.35 16.59
N PHE A 326 20.41 -38.31 16.10
CA PHE A 326 19.69 -37.13 15.64
C PHE A 326 18.86 -37.42 14.40
N LEU A 327 18.12 -36.41 13.94
CA LEU A 327 17.26 -36.52 12.75
C LEU A 327 18.06 -36.87 11.48
N LYS A 328 17.58 -37.84 10.72
CA LYS A 328 18.19 -38.15 9.43
C LYS A 328 17.16 -37.95 8.32
N PHE A 329 17.62 -37.83 7.08
CA PHE A 329 16.72 -37.56 5.96
C PHE A 329 15.63 -38.60 5.97
N GLY A 330 14.38 -38.15 5.89
CA GLY A 330 13.26 -39.08 5.86
C GLY A 330 12.46 -39.04 7.15
N ASP A 331 13.08 -38.55 8.21
CA ASP A 331 12.39 -38.51 9.48
C ASP A 331 11.32 -37.42 9.46
N VAL A 332 10.34 -37.55 10.34
CA VAL A 332 9.28 -36.55 10.47
C VAL A 332 9.13 -36.12 11.91
N VAL A 333 8.95 -34.81 12.10
CA VAL A 333 8.80 -34.25 13.43
C VAL A 333 7.48 -33.49 13.46
N ARG A 334 6.75 -33.63 14.57
CA ARG A 334 5.47 -32.97 14.76
C ARG A 334 5.46 -32.26 16.11
N ILE A 335 4.94 -31.04 16.12
CA ILE A 335 4.85 -30.25 17.34
C ILE A 335 3.46 -29.59 17.35
N GLU A 336 2.77 -29.69 18.50
CA GLU A 336 1.45 -29.08 18.66
C GLU A 336 1.11 -29.00 20.14
N MSE A 337 0.14 -28.17 20.50
CA MSE A 337 -0.30 -28.09 21.89
C MSE A 337 -1.82 -28.21 21.92
O MSE A 337 -2.51 -27.54 21.16
CB MSE A 337 0.17 -26.78 22.54
CG MSE A 337 -0.23 -26.64 24.00
SE MSE A 337 0.66 -25.12 24.81
CE MSE A 337 2.38 -25.98 25.22
N LYS A 338 -2.32 -29.06 22.81
CA LYS A 338 -3.76 -29.29 22.86
C LYS A 338 -4.35 -28.70 24.12
N ASP A 339 -5.56 -28.17 24.01
CA ASP A 339 -6.22 -27.60 25.18
C ASP A 339 -6.77 -28.70 26.09
N ARG A 340 -7.29 -28.28 27.24
CA ARG A 340 -7.84 -29.21 28.23
C ARG A 340 -8.76 -30.28 27.63
N THR A 341 -9.43 -29.96 26.52
CA THR A 341 -10.37 -30.89 25.90
C THR A 341 -9.80 -31.72 24.74
N GLY A 342 -8.54 -31.49 24.41
CA GLY A 342 -7.89 -32.29 23.38
C GLY A 342 -7.83 -31.69 21.98
N HIS A 343 -8.32 -30.46 21.85
CA HIS A 343 -8.30 -29.77 20.56
C HIS A 343 -7.02 -28.94 20.38
N SER A 344 -6.47 -28.98 19.17
CA SER A 344 -5.25 -28.22 18.86
C SER A 344 -5.47 -26.72 18.99
N ILE A 345 -4.55 -26.05 19.66
CA ILE A 345 -4.66 -24.62 19.87
C ILE A 345 -4.03 -23.81 18.75
N PHE A 346 -2.85 -24.25 18.30
CA PHE A 346 -2.06 -23.48 17.33
C PHE A 346 -1.96 -24.18 15.98
N GLY A 347 -2.57 -25.36 15.84
CA GLY A 347 -2.32 -26.17 14.67
C GLY A 347 -1.02 -26.94 14.84
N ALA A 348 -0.59 -27.64 13.80
CA ALA A 348 0.54 -28.54 13.96
C ALA A 348 1.73 -28.13 13.11
N ILE A 349 2.90 -28.07 13.74
CA ILE A 349 4.13 -28.05 12.99
C ILE A 349 4.41 -29.51 12.67
N GLU A 350 4.50 -29.83 11.39
CA GLU A 350 4.84 -31.18 11.00
C GLU A 350 5.78 -31.12 9.81
N GLN A 351 7.01 -31.57 10.01
CA GLN A 351 8.05 -31.36 9.02
C GLN A 351 8.87 -32.60 8.68
N LYS A 352 9.10 -32.81 7.40
CA LYS A 352 9.92 -33.90 6.90
C LYS A 352 11.35 -33.38 6.69
N VAL A 353 12.34 -34.08 7.25
CA VAL A 353 13.73 -33.75 7.00
C VAL A 353 14.15 -34.36 5.67
N GLY A 354 14.90 -33.61 4.88
CA GLY A 354 15.27 -34.04 3.55
C GLY A 354 16.48 -33.26 3.10
N LYS A 355 17.10 -33.73 2.02
CA LYS A 355 18.28 -33.07 1.48
C LYS A 355 17.92 -31.84 0.64
N TYR A 356 18.63 -30.75 0.91
CA TYR A 356 18.56 -29.53 0.12
C TYR A 356 19.08 -29.80 -1.29
N GLU A 357 18.28 -29.46 -2.29
CA GLU A 357 18.71 -29.58 -3.68
C GLU A 357 19.27 -28.25 -4.19
N ARG A 358 20.52 -28.26 -4.63
CA ARG A 358 21.19 -27.05 -5.05
C ARG A 358 21.24 -26.96 -6.57
N GLN B 20 26.69 4.29 -13.84
CA GLN B 20 27.14 5.58 -13.32
C GLN B 20 26.95 5.69 -11.80
N GLY B 21 26.02 4.90 -11.27
CA GLY B 21 25.83 4.81 -9.83
C GLY B 21 24.72 5.66 -9.25
N MSE B 22 24.34 5.41 -8.01
CA MSE B 22 23.35 6.25 -7.32
C MSE B 22 23.44 6.15 -5.80
O MSE B 22 24.14 5.30 -5.25
CB MSE B 22 21.93 5.95 -7.80
CG MSE B 22 21.47 4.53 -7.57
SE MSE B 22 19.58 4.26 -7.95
CE MSE B 22 19.57 2.33 -7.77
N LYS B 23 22.75 7.07 -5.13
CA LYS B 23 22.70 7.09 -3.68
C LYS B 23 21.25 7.08 -3.19
N LEU B 24 20.96 6.23 -2.21
CA LEU B 24 19.61 6.16 -1.64
C LEU B 24 19.58 6.48 -0.16
N ALA B 25 18.47 7.03 0.31
CA ALA B 25 18.30 7.33 1.73
C ALA B 25 16.87 7.12 2.19
N THR B 26 16.69 7.07 3.50
CA THR B 26 15.35 6.98 4.06
C THR B 26 15.14 8.18 4.96
N LEU B 27 14.15 9.01 4.66
CA LEU B 27 13.84 10.13 5.54
C LEU B 27 12.87 9.68 6.61
N LYS B 28 13.05 10.18 7.83
CA LYS B 28 12.13 9.88 8.90
C LYS B 28 10.77 10.46 8.58
N ASP B 29 9.72 9.72 8.90
CA ASP B 29 8.36 10.23 8.77
C ASP B 29 7.47 9.52 9.79
N SER B 30 6.17 9.62 9.61
CA SER B 30 5.22 9.11 10.60
C SER B 30 5.12 7.60 10.58
N THR B 31 5.77 6.97 9.61
CA THR B 31 5.69 5.52 9.47
C THR B 31 6.95 4.82 9.96
N ARG B 32 6.84 3.53 10.19
CA ARG B 32 7.95 2.76 10.74
C ARG B 32 9.12 2.63 9.78
N ASP B 33 8.84 2.53 8.49
CA ASP B 33 9.87 2.33 7.48
C ASP B 33 10.34 3.60 6.75
N GLY B 34 9.76 4.74 7.11
CA GLY B 34 10.26 6.00 6.61
C GLY B 34 9.96 6.19 5.13
N LYS B 35 10.59 7.21 4.55
CA LYS B 35 10.32 7.59 3.17
C LYS B 35 11.57 7.44 2.31
N LEU B 36 11.51 6.58 1.30
CA LEU B 36 12.67 6.34 0.45
C LEU B 36 12.89 7.57 -0.43
N VAL B 37 14.14 8.04 -0.51
CA VAL B 37 14.51 9.07 -1.48
C VAL B 37 15.78 8.71 -2.22
N VAL B 38 15.93 9.25 -3.43
CA VAL B 38 17.18 9.21 -4.17
C VAL B 38 17.92 10.51 -3.88
N VAL B 39 19.22 10.42 -3.66
CA VAL B 39 20.00 11.57 -3.21
C VAL B 39 21.09 11.92 -4.23
N SER B 40 21.31 13.21 -4.46
CA SER B 40 22.35 13.67 -5.38
C SER B 40 23.72 13.24 -4.88
N LYS B 41 24.68 13.17 -5.80
CA LYS B 41 26.01 12.68 -5.46
C LYS B 41 26.66 13.58 -4.40
N ASP B 42 26.39 14.88 -4.49
CA ASP B 42 26.96 15.82 -3.53
C ASP B 42 26.20 15.85 -2.19
N LEU B 43 25.15 15.04 -2.08
CA LEU B 43 24.35 14.93 -0.86
C LEU B 43 23.59 16.19 -0.46
N THR B 44 23.35 17.11 -1.42
CA THR B 44 22.62 18.33 -1.09
C THR B 44 21.14 18.25 -1.44
N ARG B 45 20.80 17.47 -2.46
CA ARG B 45 19.42 17.40 -2.94
C ARG B 45 18.90 15.96 -2.96
N CYS B 46 17.59 15.81 -2.93
CA CYS B 46 16.99 14.48 -3.00
C CYS B 46 15.58 14.53 -3.53
N SER B 47 15.08 13.36 -3.90
CA SER B 47 13.73 13.28 -4.44
C SER B 47 12.98 12.03 -4.00
N GLU B 48 11.80 12.25 -3.45
CA GLU B 48 10.87 11.18 -3.13
C GLU B 48 10.52 10.44 -4.44
N VAL B 49 10.34 9.13 -4.33
CA VAL B 49 10.06 8.28 -5.49
C VAL B 49 8.89 7.33 -5.21
N GLY B 50 7.83 7.88 -4.63
CA GLY B 50 6.66 7.10 -4.22
C GLY B 50 5.98 6.28 -5.31
N HIS B 51 6.12 6.69 -6.56
CA HIS B 51 5.55 5.94 -7.67
C HIS B 51 6.35 4.67 -8.00
N ILE B 52 7.54 4.55 -7.43
CA ILE B 52 8.37 3.35 -7.64
C ILE B 52 8.36 2.49 -6.37
N ALA B 53 8.85 3.05 -5.27
CA ALA B 53 8.80 2.39 -3.97
C ALA B 53 8.66 3.42 -2.83
N ARG B 54 7.78 3.11 -1.87
CA ARG B 54 7.61 3.96 -0.70
C ARG B 54 8.81 3.84 0.25
N THR B 55 9.43 2.67 0.24
CA THR B 55 10.48 2.36 1.23
C THR B 55 11.67 1.66 0.57
N LEU B 56 12.83 1.75 1.19
CA LEU B 56 13.99 1.04 0.66
C LEU B 56 13.72 -0.47 0.61
N GLN B 57 13.11 -1.00 1.67
CA GLN B 57 12.84 -2.44 1.69
C GLN B 57 12.01 -2.87 0.48
N ALA B 58 11.02 -2.05 0.15
CA ALA B 58 10.11 -2.39 -0.94
C ALA B 58 10.87 -2.38 -2.24
N ALA B 59 11.86 -1.50 -2.36
CA ALA B 59 12.68 -1.48 -3.56
C ALA B 59 13.55 -2.72 -3.59
N LEU B 60 14.15 -3.07 -2.47
CA LEU B 60 14.99 -4.27 -2.41
C LEU B 60 14.18 -5.54 -2.66
N ASP B 61 12.96 -5.59 -2.10
CA ASP B 61 12.06 -6.72 -2.35
C ASP B 61 11.86 -6.98 -3.84
N ASP B 62 11.82 -5.91 -4.65
CA ASP B 62 11.52 -6.03 -6.07
C ASP B 62 12.62 -5.41 -6.94
N TRP B 63 13.86 -5.57 -6.50
CA TRP B 63 14.98 -4.81 -7.04
C TRP B 63 15.21 -4.94 -8.54
N ALA B 64 14.97 -6.12 -9.09
CA ALA B 64 15.18 -6.36 -10.52
C ALA B 64 14.33 -5.42 -11.37
N HIS B 65 13.25 -4.91 -10.80
CA HIS B 65 12.40 -3.97 -11.54
C HIS B 65 12.54 -2.54 -11.02
N ALA B 66 12.66 -2.40 -9.71
CA ALA B 66 12.72 -1.09 -9.05
C ALA B 66 14.08 -0.42 -9.26
N GLY B 67 15.15 -1.20 -9.15
CA GLY B 67 16.51 -0.68 -9.31
C GLY B 67 16.74 0.19 -10.53
N PRO B 68 16.45 -0.34 -11.72
CA PRO B 68 16.62 0.43 -12.96
C PRO B 68 15.73 1.68 -13.00
N ARG B 69 14.56 1.64 -12.38
CA ARG B 69 13.69 2.81 -12.39
C ARG B 69 14.30 3.88 -11.51
N LEU B 70 14.84 3.47 -10.37
CA LEU B 70 15.52 4.38 -9.47
C LEU B 70 16.76 4.99 -10.14
N GLU B 71 17.47 4.20 -10.93
CA GLU B 71 18.67 4.71 -11.60
C GLU B 71 18.32 5.86 -12.52
N ARG B 72 17.21 5.74 -13.23
CA ARG B 72 16.73 6.81 -14.11
C ARG B 72 16.45 8.09 -13.34
N VAL B 73 15.94 7.96 -12.12
CA VAL B 73 15.70 9.10 -11.26
C VAL B 73 17.01 9.77 -10.84
N ALA B 74 18.00 8.95 -10.47
CA ALA B 74 19.30 9.47 -10.08
C ALA B 74 19.90 10.25 -11.23
N GLU B 75 19.77 9.69 -12.44
CA GLU B 75 20.26 10.32 -13.65
C GLU B 75 19.58 11.67 -13.87
N GLY B 76 18.28 11.73 -13.62
CA GLY B 76 17.54 12.96 -13.76
C GLY B 76 17.90 13.99 -12.69
N ILE B 77 18.24 13.53 -11.49
CA ILE B 77 18.64 14.46 -10.43
C ILE B 77 19.94 15.12 -10.86
N GLU B 78 20.80 14.32 -11.50
CA GLU B 78 22.10 14.78 -11.97
C GLU B 78 22.00 15.83 -13.06
N THR B 79 21.09 15.63 -14.00
CA THR B 79 20.93 16.56 -15.13
C THR B 79 20.04 17.77 -14.82
N GLY B 80 19.27 17.67 -13.75
CA GLY B 80 18.40 18.78 -13.36
C GLY B 80 16.97 18.57 -13.79
N ALA B 81 16.74 17.55 -14.60
CA ALA B 81 15.39 17.24 -15.07
C ALA B 81 14.43 16.88 -13.93
N GLN B 82 14.91 16.08 -12.98
CA GLN B 82 14.08 15.64 -11.85
C GLN B 82 13.96 16.74 -10.79
N PRO B 83 12.73 17.17 -10.48
CA PRO B 83 12.53 18.07 -9.35
C PRO B 83 13.10 17.47 -8.05
N THR B 84 13.78 18.29 -7.25
CA THR B 84 14.35 17.81 -6.00
C THR B 84 13.95 18.74 -4.85
N MSE B 85 14.32 18.35 -3.64
CA MSE B 85 14.23 19.22 -2.48
C MSE B 85 15.54 19.13 -1.73
O MSE B 85 16.43 18.39 -2.15
CB MSE B 85 13.06 18.82 -1.59
CG MSE B 85 13.15 17.40 -1.11
SE MSE B 85 11.84 16.97 0.26
CE MSE B 85 11.94 15.03 0.12
N ARG B 86 15.69 19.87 -0.64
CA ARG B 86 16.96 19.86 0.08
C ARG B 86 17.07 18.56 0.88
N PHE B 87 18.26 17.96 0.89
CA PHE B 87 18.54 16.79 1.70
C PHE B 87 19.14 17.20 3.04
N HIS B 88 18.47 16.84 4.12
CA HIS B 88 18.97 17.13 5.47
C HIS B 88 19.38 15.82 6.17
N GLU B 89 20.68 15.63 6.41
CA GLU B 89 21.14 14.40 7.04
C GLU B 89 20.53 14.27 8.43
N HIS B 90 20.18 15.38 9.05
CA HIS B 90 19.58 15.36 10.38
C HIS B 90 18.18 14.73 10.40
N ASP B 91 17.56 14.67 9.23
CA ASP B 91 16.19 14.16 9.06
C ASP B 91 16.18 12.73 8.54
N ALA B 92 17.36 12.18 8.30
CA ALA B 92 17.50 10.83 7.76
C ALA B 92 17.43 9.78 8.83
N ALA B 93 16.71 8.71 8.55
CA ALA B 93 16.82 7.50 9.36
C ALA B 93 18.05 6.75 8.87
N SER B 94 18.31 5.56 9.43
CA SER B 94 19.24 4.64 8.76
C SER B 94 18.51 4.20 7.50
N PRO B 95 19.25 3.86 6.43
CA PRO B 95 18.55 3.55 5.16
C PRO B 95 17.53 2.42 5.32
N LEU B 96 17.82 1.43 6.15
CA LEU B 96 16.79 0.51 6.61
C LEU B 96 16.60 0.80 8.11
N PRO B 97 15.54 1.56 8.45
CA PRO B 97 15.30 1.91 9.85
C PRO B 97 15.07 0.67 10.68
N ARG B 98 14.46 -0.33 10.05
CA ARG B 98 14.31 -1.68 10.59
C ARG B 98 14.61 -2.63 9.43
N ALA B 99 15.29 -3.73 9.73
CA ALA B 99 15.74 -4.72 8.73
C ALA B 99 15.42 -6.13 9.18
N PHE B 100 15.39 -7.06 8.23
CA PHE B 100 15.06 -8.43 8.55
C PHE B 100 16.29 -9.18 9.02
N GLN B 101 17.46 -8.60 8.76
CA GLN B 101 18.69 -9.21 9.22
C GLN B 101 19.87 -8.24 9.29
N TRP B 102 20.65 -8.40 10.35
CA TRP B 102 21.88 -7.66 10.55
C TRP B 102 22.86 -8.67 11.11
N ALA B 103 23.89 -8.99 10.34
CA ALA B 103 24.91 -9.94 10.75
C ALA B 103 26.26 -9.26 10.59
N ASP B 104 27.06 -9.29 11.64
CA ASP B 104 28.26 -8.49 11.67
C ASP B 104 29.50 -9.37 11.82
N GLY B 105 30.38 -9.32 10.83
CA GLY B 105 31.61 -10.10 10.88
C GLY B 105 32.69 -9.43 11.71
N SER B 106 33.89 -9.99 11.63
CA SER B 106 35.08 -9.37 12.19
C SER B 106 36.18 -9.67 11.18
N ALA B 107 36.04 -9.08 10.00
CA ALA B 107 36.86 -9.43 8.86
C ALA B 107 38.30 -8.93 8.99
N TYR B 108 38.53 -8.00 9.90
CA TYR B 108 39.89 -7.53 10.15
C TYR B 108 40.45 -8.30 11.34
N VAL B 109 40.85 -9.54 11.08
CA VAL B 109 41.22 -10.44 12.16
C VAL B 109 42.30 -9.84 13.05
N ASN B 110 43.07 -8.91 12.50
CA ASN B 110 44.06 -8.19 13.28
C ASN B 110 43.51 -7.67 14.60
N HIS B 111 42.30 -7.12 14.55
CA HIS B 111 41.63 -6.63 15.74
C HIS B 111 41.37 -7.74 16.76
N VAL B 112 40.88 -8.87 16.27
CA VAL B 112 40.61 -10.03 17.11
C VAL B 112 41.87 -10.50 17.83
N GLU B 113 42.98 -10.51 17.08
CA GLU B 113 44.27 -10.95 17.60
C GLU B 113 44.74 -10.08 18.75
N LEU B 114 44.42 -8.79 18.67
CA LEU B 114 44.76 -7.79 19.67
C LEU B 114 43.95 -7.96 20.95
N VAL B 115 42.66 -8.25 20.81
CA VAL B 115 41.81 -8.52 21.97
C VAL B 115 42.25 -9.79 22.70
N ARG B 116 42.67 -10.79 21.92
CA ARG B 116 43.17 -12.04 22.50
C ARG B 116 44.50 -11.79 23.20
N LYS B 117 45.34 -10.95 22.59
CA LYS B 117 46.66 -10.68 23.12
C LYS B 117 46.62 -9.97 24.47
N ALA B 118 45.74 -8.98 24.58
CA ALA B 118 45.57 -8.24 25.84
C ALA B 118 45.06 -9.16 26.95
N ARG B 119 44.58 -10.35 26.58
CA ARG B 119 44.16 -11.36 27.54
C ARG B 119 45.30 -12.35 27.75
N ASN B 120 46.07 -12.57 26.69
CA ASN B 120 47.28 -13.39 26.69
C ASN B 120 47.09 -14.82 26.17
N ALA B 121 46.02 -15.02 25.39
CA ALA B 121 45.82 -16.29 24.71
C ALA B 121 46.32 -16.19 23.28
N GLU B 122 47.03 -17.22 22.82
CA GLU B 122 47.39 -17.29 21.42
C GLU B 122 46.08 -17.36 20.64
N MSE B 123 46.10 -16.88 19.40
CA MSE B 123 44.93 -17.03 18.56
C MSE B 123 45.09 -18.28 17.71
O MSE B 123 46.12 -18.48 17.06
CB MSE B 123 44.72 -15.80 17.69
CG MSE B 123 43.32 -15.24 17.75
SE MSE B 123 42.95 -14.04 16.26
CE MSE B 123 43.86 -15.02 14.84
N PRO B 124 44.08 -19.16 17.74
CA PRO B 124 44.15 -20.34 16.89
C PRO B 124 44.33 -19.90 15.44
N ALA B 125 45.28 -20.51 14.72
CA ALA B 125 45.58 -20.07 13.36
C ALA B 125 44.37 -20.21 12.44
N SER B 126 43.31 -20.83 12.96
CA SER B 126 42.08 -21.07 12.23
C SER B 126 41.26 -19.78 12.05
N PHE B 127 41.54 -18.79 12.88
CA PHE B 127 40.83 -17.52 12.80
C PHE B 127 41.21 -16.75 11.54
N TRP B 128 42.23 -17.27 10.84
CA TRP B 128 42.72 -16.66 9.61
C TRP B 128 42.05 -17.26 8.38
N THR B 129 41.24 -18.28 8.60
CA THR B 129 40.59 -18.98 7.51
C THR B 129 39.12 -19.21 7.83
N ASP B 130 38.76 -18.97 9.08
CA ASP B 130 37.37 -19.08 9.51
C ASP B 130 36.82 -17.77 10.06
N PRO B 131 35.85 -17.20 9.33
CA PRO B 131 35.25 -15.92 9.71
C PRO B 131 34.44 -16.00 10.99
N LEU B 132 34.59 -15.01 11.85
CA LEU B 132 33.64 -14.81 12.93
C LEU B 132 32.45 -14.04 12.38
N ILE B 133 31.28 -14.29 12.95
CA ILE B 133 30.07 -13.56 12.59
C ILE B 133 29.10 -13.68 13.75
N TYR B 134 28.23 -12.69 13.92
CA TYR B 134 27.22 -12.75 14.96
C TYR B 134 25.92 -12.09 14.50
N GLN B 135 24.82 -12.56 15.08
CA GLN B 135 23.49 -12.11 14.75
C GLN B 135 23.22 -10.88 15.61
N GLY B 136 22.82 -9.78 14.98
CA GLY B 136 22.63 -8.54 15.69
C GLY B 136 21.19 -8.05 15.72
N GLY B 137 20.93 -7.04 16.54
CA GLY B 137 19.59 -6.47 16.63
C GLY B 137 19.38 -5.68 15.37
N SER B 138 18.25 -5.93 14.68
CA SER B 138 18.00 -5.29 13.39
C SER B 138 16.71 -4.45 13.33
N ASP B 139 15.99 -4.37 14.43
CA ASP B 139 14.62 -3.86 14.38
C ASP B 139 14.46 -2.39 14.83
N SER B 140 15.56 -1.75 15.25
CA SER B 140 15.45 -0.47 15.93
C SER B 140 16.68 0.42 15.74
N PHE B 141 17.17 0.54 14.51
CA PHE B 141 18.38 1.29 14.28
C PHE B 141 18.24 2.78 14.56
N LEU B 142 19.27 3.37 15.16
CA LEU B 142 19.31 4.83 15.34
C LEU B 142 19.57 5.49 14.00
N GLY B 143 19.09 6.73 13.83
CA GLY B 143 19.43 7.53 12.67
C GLY B 143 20.85 8.07 12.82
N PRO B 144 21.48 8.43 11.70
CA PRO B 144 22.86 8.92 11.62
C PRO B 144 23.17 10.03 12.63
N ARG B 145 22.25 10.97 12.82
CA ARG B 145 22.45 12.06 13.78
C ARG B 145 21.76 11.86 15.14
N ASP B 146 20.98 10.80 15.28
CA ASP B 146 20.37 10.49 16.58
C ASP B 146 21.45 10.29 17.65
N PRO B 147 21.17 10.77 18.87
CA PRO B 147 22.06 10.56 20.02
C PRO B 147 22.14 9.10 20.42
N ILE B 148 23.27 8.71 20.99
CA ILE B 148 23.41 7.40 21.59
C ILE B 148 23.00 7.51 23.05
N LEU B 149 21.78 7.08 23.35
CA LEU B 149 21.24 7.23 24.69
C LEU B 149 21.38 5.94 25.47
N MSE B 150 22.05 6.02 26.61
CA MSE B 150 22.24 4.86 27.48
C MSE B 150 21.96 5.21 28.93
O MSE B 150 22.16 6.35 29.36
CB MSE B 150 23.65 4.28 27.34
CG MSE B 150 23.87 3.51 26.06
SE MSE B 150 22.78 1.89 25.96
CE MSE B 150 22.28 2.00 24.08
N ALA B 151 21.45 4.24 29.68
CA ALA B 151 21.13 4.46 31.09
C ALA B 151 22.37 4.74 31.93
N ASP B 152 23.51 4.23 31.50
CA ASP B 152 24.71 4.25 32.32
C ASP B 152 25.96 4.28 31.45
N ASP B 153 26.77 5.32 31.57
CA ASP B 153 28.00 5.39 30.78
C ASP B 153 29.19 4.65 31.41
N ALA B 154 28.92 3.93 32.50
CA ALA B 154 29.92 3.06 33.11
C ALA B 154 29.80 1.65 32.54
N TRP B 155 29.05 1.52 31.46
CA TRP B 155 28.93 0.24 30.77
C TRP B 155 29.99 0.10 29.69
N GLY B 156 30.90 1.06 29.60
CA GLY B 156 31.93 1.02 28.58
C GLY B 156 31.34 1.23 27.19
N ILE B 157 30.63 2.36 27.04
CA ILE B 157 30.04 2.74 25.76
C ILE B 157 31.15 3.01 24.74
N ASP B 158 31.11 2.29 23.62
CA ASP B 158 32.16 2.42 22.61
C ASP B 158 31.55 2.50 21.22
N MSE B 159 32.21 3.22 20.33
CA MSE B 159 31.81 3.22 18.93
C MSE B 159 32.58 2.14 18.19
O MSE B 159 33.55 1.57 18.71
CB MSE B 159 31.96 4.61 18.28
CG MSE B 159 33.36 5.06 17.89
SE MSE B 159 34.57 5.49 19.36
CE MSE B 159 36.04 6.34 18.42
N GLU B 160 32.11 1.82 16.99
CA GLU B 160 32.74 0.82 16.15
C GLU B 160 32.43 1.16 14.71
N GLY B 161 33.34 1.87 14.06
CA GLY B 161 33.20 2.19 12.65
C GLY B 161 33.42 0.97 11.77
N GLU B 162 32.46 0.71 10.88
CA GLU B 162 32.60 -0.37 9.90
C GLU B 162 31.88 0.02 8.61
N ALA B 163 32.02 -0.85 7.62
CA ALA B 163 31.26 -0.71 6.41
C ALA B 163 30.29 -1.88 6.37
N ALA B 164 29.19 -1.72 5.65
CA ALA B 164 28.24 -2.81 5.49
C ALA B 164 27.72 -2.87 4.08
N VAL B 165 27.17 -4.03 3.72
CA VAL B 165 26.55 -4.20 2.42
C VAL B 165 25.12 -4.71 2.62
N ILE B 166 24.22 -4.29 1.74
CA ILE B 166 22.88 -4.83 1.72
C ILE B 166 22.83 -5.79 0.55
N VAL B 167 22.33 -6.98 0.79
CA VAL B 167 22.26 -8.01 -0.24
C VAL B 167 20.83 -8.28 -0.72
N ASP B 168 20.74 -8.62 -2.01
CA ASP B 168 19.52 -9.15 -2.59
C ASP B 168 19.39 -10.58 -2.05
N ASP B 169 18.45 -11.37 -2.55
CA ASP B 169 18.28 -12.72 -2.03
C ASP B 169 19.54 -13.55 -2.30
N VAL B 170 20.01 -14.26 -1.28
CA VAL B 170 21.15 -15.16 -1.42
C VAL B 170 20.69 -16.55 -0.99
N PRO B 171 20.83 -17.55 -1.86
CA PRO B 171 20.40 -18.92 -1.57
C PRO B 171 21.28 -19.56 -0.51
N MSE B 172 20.71 -20.50 0.26
CA MSE B 172 21.53 -21.33 1.16
C MSE B 172 22.64 -22.01 0.38
O MSE B 172 22.42 -22.51 -0.73
CB MSE B 172 20.66 -22.37 1.86
CG MSE B 172 21.44 -23.37 2.76
SE MSE B 172 20.21 -24.27 3.98
CE MSE B 172 19.25 -25.36 2.68
N GLY B 173 23.84 -22.00 0.96
CA GLY B 173 25.00 -22.63 0.33
C GLY B 173 25.46 -21.92 -0.92
N ALA B 174 25.23 -20.61 -0.97
CA ALA B 174 25.64 -19.76 -2.10
C ALA B 174 27.16 -19.82 -2.34
N THR B 175 27.57 -19.50 -3.55
CA THR B 175 28.98 -19.50 -3.92
C THR B 175 29.52 -18.07 -3.88
N LEU B 176 30.84 -17.91 -3.94
CA LEU B 176 31.44 -16.57 -4.02
C LEU B 176 30.87 -15.74 -5.18
N ASP B 177 30.69 -16.37 -6.34
CA ASP B 177 30.17 -15.67 -7.51
C ASP B 177 28.75 -15.15 -7.25
N GLU B 178 27.88 -16.03 -6.75
CA GLU B 178 26.53 -15.59 -6.37
C GLU B 178 26.58 -14.56 -5.25
N ALA B 179 27.48 -14.76 -4.30
CA ALA B 179 27.65 -13.81 -3.20
C ALA B 179 27.93 -12.41 -3.75
N LYS B 180 28.98 -12.28 -4.55
CA LYS B 180 29.35 -10.98 -5.08
C LYS B 180 28.22 -10.37 -5.90
N ALA B 181 27.54 -11.21 -6.69
CA ALA B 181 26.47 -10.70 -7.54
C ALA B 181 25.29 -10.15 -6.74
N ALA B 182 25.17 -10.56 -5.47
CA ALA B 182 24.03 -10.17 -4.65
C ALA B 182 24.22 -8.86 -3.91
N ILE B 183 25.43 -8.32 -3.92
CA ILE B 183 25.66 -7.04 -3.24
C ILE B 183 24.93 -5.88 -3.97
N ARG B 184 24.06 -5.18 -3.25
CA ARG B 184 23.25 -4.12 -3.89
C ARG B 184 23.65 -2.71 -3.46
N LEU B 185 23.98 -2.54 -2.19
CA LEU B 185 24.27 -1.23 -1.65
C LEU B 185 25.36 -1.30 -0.61
N VAL B 186 26.06 -0.18 -0.44
CA VAL B 186 27.13 -0.09 0.54
C VAL B 186 26.84 1.08 1.46
N MSE B 187 27.13 0.92 2.76
CA MSE B 187 26.95 2.03 3.70
C MSE B 187 27.92 1.90 4.88
O MSE B 187 28.58 0.88 5.03
CB MSE B 187 25.50 2.13 4.17
CG MSE B 187 24.99 0.93 4.94
SE MSE B 187 23.03 0.93 5.21
CE MSE B 187 22.92 -0.91 5.89
N LEU B 188 28.01 2.94 5.70
CA LEU B 188 28.84 2.85 6.90
C LEU B 188 27.98 2.52 8.09
N VAL B 189 28.60 2.10 9.18
CA VAL B 189 27.85 1.77 10.37
C VAL B 189 28.65 2.11 11.61
N ASN B 190 27.93 2.43 12.68
CA ASN B 190 28.50 2.53 14.02
C ASN B 190 27.90 1.39 14.82
N ASP B 191 28.67 0.33 15.04
CA ASP B 191 28.15 -0.80 15.80
C ASP B 191 28.29 -0.51 17.29
N VAL B 192 27.30 0.16 17.85
CA VAL B 192 27.37 0.59 19.25
C VAL B 192 27.58 -0.62 20.16
N SER B 193 28.59 -0.51 21.02
CA SER B 193 28.96 -1.62 21.90
C SER B 193 29.05 -1.16 23.34
N LEU B 194 28.60 -2.01 24.24
CA LEU B 194 28.81 -1.78 25.66
C LEU B 194 29.91 -2.74 26.15
N ARG B 195 31.15 -2.27 26.11
CA ARG B 195 32.28 -3.14 26.41
C ARG B 195 32.21 -3.68 27.83
N GLY B 196 31.69 -2.89 28.76
CA GLY B 196 31.57 -3.31 30.14
C GLY B 196 30.80 -4.61 30.27
N LEU B 197 29.82 -4.81 29.41
CA LEU B 197 28.92 -5.97 29.50
C LEU B 197 29.37 -7.13 28.61
N ILE B 198 30.25 -6.85 27.66
CA ILE B 198 30.68 -7.90 26.73
C ILE B 198 31.31 -9.14 27.41
N PRO B 199 32.36 -8.95 28.25
CA PRO B 199 32.93 -10.11 28.93
C PRO B 199 31.89 -10.95 29.65
N GLY B 200 31.07 -10.32 30.48
CA GLY B 200 30.07 -11.07 31.23
C GLY B 200 29.11 -11.79 30.30
N GLU B 201 28.64 -11.10 29.28
CA GLU B 201 27.64 -11.73 28.43
C GLU B 201 28.20 -12.93 27.68
N LEU B 202 29.34 -12.74 27.01
CA LEU B 202 29.93 -13.82 26.22
C LEU B 202 30.27 -15.05 27.07
N ALA B 203 30.63 -14.85 28.33
CA ALA B 203 30.94 -15.96 29.23
C ALA B 203 29.72 -16.86 29.44
N LYS B 204 28.54 -16.29 29.24
CA LYS B 204 27.30 -17.05 29.33
C LYS B 204 27.21 -18.06 28.20
N GLY B 205 27.85 -17.75 27.07
CA GLY B 205 28.00 -18.71 25.99
C GLY B 205 27.08 -18.55 24.79
N PHE B 206 26.22 -17.54 24.80
CA PHE B 206 25.22 -17.39 23.74
C PHE B 206 25.39 -16.15 22.86
N GLY B 207 26.60 -15.62 22.79
CA GLY B 207 26.88 -14.48 21.93
C GLY B 207 26.36 -13.17 22.51
N PHE B 208 26.27 -12.14 21.67
CA PHE B 208 25.93 -10.80 22.12
C PHE B 208 24.42 -10.56 22.11
N TYR B 209 23.92 -9.95 23.17
CA TYR B 209 22.58 -9.36 23.12
C TYR B 209 22.56 -8.04 23.87
N GLN B 210 22.55 -8.09 25.20
CA GLN B 210 22.54 -6.87 25.99
C GLN B 210 23.75 -5.97 25.71
N SER B 211 24.90 -6.55 25.41
CA SER B 211 26.12 -5.76 25.22
C SER B 211 26.19 -5.09 23.86
N LYS B 212 25.24 -5.42 22.99
CA LYS B 212 25.19 -4.84 21.65
C LYS B 212 23.85 -4.15 21.37
N PRO B 213 23.73 -2.88 21.79
CA PRO B 213 22.50 -2.08 21.69
C PRO B 213 22.26 -1.68 20.25
N SER B 214 21.30 -0.79 20.01
CA SER B 214 20.96 -0.44 18.64
C SER B 214 22.10 0.31 17.93
N SER B 215 22.44 -0.18 16.74
CA SER B 215 23.46 0.46 15.91
C SER B 215 22.87 1.58 15.08
N ALA B 216 23.73 2.28 14.34
CA ALA B 216 23.34 3.33 13.44
C ALA B 216 24.07 3.18 12.11
N PHE B 217 23.43 3.57 11.01
CA PHE B 217 24.03 3.52 9.69
C PHE B 217 24.12 4.90 9.06
N SER B 218 24.93 5.01 8.00
CA SER B 218 25.18 6.28 7.32
C SER B 218 23.91 6.87 6.68
N PRO B 219 23.88 8.20 6.49
CA PRO B 219 22.67 8.84 5.96
C PRO B 219 22.28 8.28 4.60
N VAL B 220 23.29 7.91 3.81
CA VAL B 220 23.06 7.44 2.47
C VAL B 220 23.65 6.03 2.25
N ALA B 221 23.00 5.23 1.41
CA ALA B 221 23.56 3.97 0.94
C ALA B 221 23.77 4.12 -0.55
N VAL B 222 24.86 3.55 -1.07
CA VAL B 222 25.22 3.74 -2.46
C VAL B 222 25.50 2.44 -3.17
N THR B 223 25.25 2.44 -4.48
CA THR B 223 25.53 1.27 -5.29
C THR B 223 27.04 1.09 -5.51
N PRO B 224 27.47 -0.17 -5.71
CA PRO B 224 28.90 -0.39 -5.93
C PRO B 224 29.43 0.47 -7.06
N GLU B 225 28.62 0.62 -8.10
CA GLU B 225 29.00 1.40 -9.27
C GLU B 225 29.33 2.84 -8.89
N GLU B 226 28.62 3.39 -7.90
CA GLU B 226 28.86 4.75 -7.47
C GLU B 226 30.24 4.88 -6.84
N LEU B 227 30.72 3.79 -6.29
CA LEU B 227 31.96 3.82 -5.53
C LEU B 227 33.17 3.95 -6.44
N GLY B 228 32.99 3.63 -7.71
CA GLY B 228 34.07 3.75 -8.67
C GLY B 228 35.16 2.76 -8.31
N GLU B 229 36.42 3.17 -8.51
CA GLU B 229 37.57 2.28 -8.27
C GLU B 229 37.76 1.93 -6.79
N ALA B 230 37.28 2.80 -5.91
CA ALA B 230 37.42 2.57 -4.47
C ALA B 230 36.76 1.27 -4.07
N TRP B 231 35.90 0.73 -4.92
CA TRP B 231 35.30 -0.57 -4.67
C TRP B 231 35.84 -1.57 -5.67
N ASP B 232 36.31 -2.70 -5.17
CA ASP B 232 36.93 -3.71 -6.03
C ASP B 232 36.08 -4.98 -6.15
N GLY B 233 34.80 -4.88 -5.81
CA GLY B 233 33.89 -6.02 -5.86
C GLY B 233 33.67 -6.69 -4.50
N GLY B 234 34.70 -6.73 -3.68
CA GLY B 234 34.58 -7.34 -2.38
C GLY B 234 34.99 -6.40 -1.25
N LYS B 235 35.69 -5.34 -1.61
CA LYS B 235 36.39 -4.53 -0.63
C LYS B 235 36.30 -3.05 -0.98
N LEU B 236 36.16 -2.21 0.04
CA LEU B 236 36.21 -0.76 -0.13
C LEU B 236 37.59 -0.24 0.28
N HIS B 237 38.28 0.42 -0.64
CA HIS B 237 39.68 0.80 -0.45
C HIS B 237 39.95 2.27 -0.08
N LEU B 238 39.35 2.75 0.99
CA LEU B 238 39.52 4.13 1.43
C LEU B 238 39.60 4.19 2.93
N PRO B 239 40.28 5.23 3.46
CA PRO B 239 40.27 5.48 4.90
C PRO B 239 38.85 5.61 5.44
N LEU B 240 38.62 5.06 6.64
CA LEU B 240 37.38 5.29 7.36
C LEU B 240 37.67 6.32 8.44
N HIS B 241 36.99 7.45 8.33
CA HIS B 241 37.16 8.57 9.25
C HIS B 241 36.34 8.38 10.52
N VAL B 242 37.04 8.29 11.64
CA VAL B 242 36.38 8.27 12.93
C VAL B 242 36.89 9.46 13.72
N ASP B 243 35.97 10.23 14.27
CA ASP B 243 36.35 11.38 15.07
C ASP B 243 35.82 11.23 16.48
N LEU B 244 36.58 11.71 17.44
CA LEU B 244 36.13 11.77 18.82
C LEU B 244 36.19 13.22 19.27
N ASN B 245 35.02 13.79 19.57
CA ASN B 245 34.94 15.18 19.97
C ASN B 245 35.72 16.07 19.03
N GLY B 246 35.53 15.86 17.73
CA GLY B 246 36.12 16.71 16.72
C GLY B 246 37.57 16.41 16.36
N GLU B 247 38.12 15.35 16.93
CA GLU B 247 39.52 15.01 16.64
C GLU B 247 39.67 13.67 15.92
N PRO B 248 40.56 13.62 14.92
CA PRO B 248 40.87 12.45 14.12
C PRO B 248 41.31 11.28 14.98
N PHE B 249 40.46 10.25 15.08
CA PHE B 249 40.73 9.12 15.94
C PHE B 249 41.11 7.89 15.12
N GLY B 250 40.48 7.78 13.96
CA GLY B 250 40.74 6.67 13.06
C GLY B 250 40.70 7.10 11.61
N ARG B 251 41.73 6.70 10.88
CA ARG B 251 41.80 6.97 9.45
C ARG B 251 42.21 5.68 8.78
N ALA B 252 41.81 4.58 9.39
CA ALA B 252 42.25 3.26 8.95
C ALA B 252 41.64 2.91 7.60
N ASN B 253 42.46 2.36 6.72
CA ASN B 253 42.01 2.04 5.38
C ASN B 253 41.16 0.76 5.38
N ALA B 254 39.99 0.80 4.75
CA ALA B 254 39.09 -0.35 4.80
C ALA B 254 39.49 -1.46 3.85
N GLY B 255 40.50 -1.23 3.02
CA GLY B 255 41.00 -2.26 2.12
C GLY B 255 42.30 -2.92 2.55
N ILE B 256 42.81 -2.53 3.73
CA ILE B 256 44.07 -3.06 4.23
C ILE B 256 43.78 -3.93 5.44
N ASP B 257 44.50 -5.04 5.54
CA ASP B 257 44.35 -5.94 6.68
C ASP B 257 42.94 -6.47 6.82
N MSE B 258 42.20 -6.46 5.71
CA MSE B 258 40.86 -7.03 5.69
C MSE B 258 40.99 -8.47 5.20
O MSE B 258 40.98 -8.74 4.01
CB MSE B 258 39.91 -6.23 4.79
CG MSE B 258 38.45 -6.32 5.19
SE MSE B 258 37.24 -5.63 3.86
CE MSE B 258 35.53 -6.19 4.62
N THR B 259 41.14 -9.38 6.17
CA THR B 259 41.45 -10.77 5.88
C THR B 259 40.25 -11.52 5.23
N PHE B 260 39.04 -11.04 5.46
CA PHE B 260 37.86 -11.56 4.78
C PHE B 260 37.10 -10.49 4.01
N ASP B 261 36.85 -10.71 2.72
CA ASP B 261 36.07 -9.74 1.94
C ASP B 261 34.57 -9.95 2.08
N PHE B 262 33.78 -9.01 1.57
CA PHE B 262 32.34 -9.07 1.79
C PHE B 262 31.72 -10.36 1.26
N PRO B 263 32.05 -10.73 0.01
CA PRO B 263 31.59 -12.01 -0.52
C PRO B 263 31.94 -13.21 0.38
N GLN B 264 33.13 -13.19 0.97
CA GLN B 264 33.50 -14.26 1.88
C GLN B 264 32.60 -14.24 3.10
N LEU B 265 32.28 -13.04 3.58
CA LEU B 265 31.44 -12.92 4.77
C LEU B 265 30.07 -13.46 4.42
N ILE B 266 29.61 -13.12 3.22
CA ILE B 266 28.30 -13.54 2.73
C ILE B 266 28.22 -15.05 2.56
N VAL B 267 29.21 -15.65 1.91
CA VAL B 267 29.24 -17.10 1.74
C VAL B 267 29.21 -17.85 3.08
N HIS B 268 29.96 -17.33 4.06
CA HIS B 268 29.96 -17.91 5.40
C HIS B 268 28.57 -17.83 6.02
N ALA B 269 27.97 -16.65 5.97
CA ALA B 269 26.65 -16.43 6.54
C ALA B 269 25.62 -17.35 5.89
N ALA B 270 25.78 -17.64 4.60
CA ALA B 270 24.79 -18.41 3.86
C ALA B 270 24.97 -19.93 3.85
N ARG B 271 25.91 -20.45 4.63
CA ARG B 271 26.21 -21.89 4.55
C ARG B 271 24.99 -22.78 4.85
N THR B 272 24.23 -22.43 5.89
CA THR B 272 23.14 -23.30 6.33
C THR B 272 21.81 -22.55 6.37
N ARG B 273 21.77 -21.42 5.68
CA ARG B 273 20.54 -20.63 5.61
C ARG B 273 20.52 -19.71 4.38
N PRO B 274 19.34 -19.51 3.78
CA PRO B 274 19.29 -18.45 2.78
C PRO B 274 19.37 -17.09 3.47
N LEU B 275 19.77 -16.06 2.75
CA LEU B 275 19.66 -14.69 3.25
C LEU B 275 18.69 -13.93 2.36
N SER B 276 17.61 -13.40 2.95
CA SER B 276 16.59 -12.72 2.15
C SER B 276 16.99 -11.30 1.79
N ALA B 277 16.36 -10.75 0.74
CA ALA B 277 16.64 -9.39 0.27
C ALA B 277 16.53 -8.34 1.39
N GLY B 278 17.53 -7.48 1.52
CA GLY B 278 17.55 -6.53 2.62
C GLY B 278 18.45 -6.93 3.77
N THR B 279 19.01 -8.14 3.69
CA THR B 279 19.97 -8.58 4.71
C THR B 279 21.20 -7.70 4.73
N ILE B 280 21.55 -7.19 5.92
CA ILE B 280 22.71 -6.33 6.08
C ILE B 280 23.89 -7.13 6.62
N ILE B 281 25.02 -7.03 5.96
CA ILE B 281 26.25 -7.71 6.39
C ILE B 281 27.37 -6.72 6.71
N GLY B 282 27.79 -6.67 7.97
CA GLY B 282 28.83 -5.76 8.40
C GLY B 282 30.22 -6.38 8.34
N SER B 283 31.23 -5.55 8.14
CA SER B 283 32.59 -6.06 7.96
C SER B 283 33.30 -6.26 9.28
N GLY B 284 32.82 -5.60 10.32
CA GLY B 284 33.53 -5.58 11.59
C GLY B 284 34.43 -4.37 11.62
N THR B 285 34.84 -3.98 12.82
CA THR B 285 35.62 -2.76 13.00
C THR B 285 36.79 -2.75 12.03
N VAL B 286 36.99 -1.64 11.31
CA VAL B 286 38.12 -1.56 10.39
C VAL B 286 39.40 -1.27 11.19
N SER B 287 40.41 -2.08 10.97
CA SER B 287 41.63 -2.00 11.76
C SER B 287 42.85 -2.21 10.88
N ASN B 288 43.90 -1.42 11.11
CA ASN B 288 45.12 -1.56 10.34
C ASN B 288 46.36 -1.83 11.21
N LYS B 289 47.13 -2.83 10.82
CA LYS B 289 48.46 -3.06 11.36
C LYS B 289 49.37 -1.94 10.87
N LEU B 290 50.39 -1.61 11.65
CA LEU B 290 51.38 -0.64 11.21
C LEU B 290 52.27 -1.27 10.14
N GLU B 291 53.13 -2.18 10.57
CA GLU B 291 53.98 -2.95 9.66
C GLU B 291 54.15 -4.31 10.27
N GLY B 292 53.08 -4.75 10.94
CA GLY B 292 53.16 -5.82 11.92
C GLY B 292 52.97 -5.09 13.24
N GLY B 293 52.41 -5.78 14.24
CA GLY B 293 52.11 -5.10 15.49
C GLY B 293 51.12 -3.96 15.31
N PRO B 294 50.78 -3.27 16.41
CA PRO B 294 49.71 -2.28 16.55
C PRO B 294 49.90 -1.01 15.72
N GLY B 295 48.80 -0.43 15.27
CA GLY B 295 48.82 0.86 14.61
C GLY B 295 49.00 1.95 15.65
N ARG B 296 49.48 3.12 15.22
CA ARG B 296 49.65 4.24 16.12
C ARG B 296 48.54 5.27 15.94
N PRO B 297 48.24 6.05 17.01
CA PRO B 297 47.23 7.11 17.03
C PRO B 297 47.52 8.19 15.99
N VAL B 298 46.52 8.56 15.18
CA VAL B 298 46.74 9.49 14.06
C VAL B 298 47.75 10.58 14.36
N SER B 299 47.65 11.15 15.56
CA SER B 299 48.54 12.24 15.96
C SER B 299 50.01 11.84 15.96
N GLU B 300 50.29 10.59 15.63
CA GLU B 300 51.66 10.08 15.67
C GLU B 300 52.09 9.45 14.35
N GLY B 301 51.31 9.66 13.30
CA GLY B 301 51.70 9.23 11.97
C GLY B 301 51.02 7.98 11.42
N GLY B 302 50.41 7.20 12.31
CA GLY B 302 49.71 5.99 11.92
C GLY B 302 48.26 6.26 11.51
N ALA B 303 47.48 5.18 11.39
CA ALA B 303 46.13 5.28 10.88
C ALA B 303 45.07 5.25 11.99
N GLY B 304 45.52 5.28 13.24
CA GLY B 304 44.60 5.29 14.36
C GLY B 304 43.69 4.08 14.41
N TYR B 305 42.51 4.22 15.02
CA TYR B 305 41.60 3.09 15.22
C TYR B 305 40.15 3.48 14.98
N SER B 306 39.32 2.48 14.70
CA SER B 306 37.89 2.70 14.44
C SER B 306 37.04 2.35 15.65
N CYS B 307 37.70 2.15 16.79
CA CYS B 307 37.02 1.93 18.06
C CYS B 307 37.99 2.13 19.23
N ILE B 308 37.47 2.68 20.32
CA ILE B 308 38.27 2.91 21.52
C ILE B 308 38.83 1.61 22.08
N ALA B 309 38.06 0.53 21.99
CA ALA B 309 38.50 -0.77 22.51
C ALA B 309 39.88 -1.14 21.98
N GLU B 310 40.06 -1.01 20.67
CA GLU B 310 41.33 -1.40 20.07
C GLU B 310 42.46 -0.60 20.69
N LEU B 311 42.19 0.67 20.98
CA LEU B 311 43.18 1.53 21.61
C LEU B 311 43.54 1.04 23.01
N ARG B 312 42.53 0.65 23.78
CA ARG B 312 42.74 0.23 25.16
C ARG B 312 43.48 -1.11 25.23
N MSE B 313 43.23 -1.97 24.25
CA MSE B 313 43.97 -3.22 24.16
C MSE B 313 45.45 -2.94 23.95
O MSE B 313 46.30 -3.51 24.65
CB MSE B 313 43.44 -4.08 23.01
CG MSE B 313 41.96 -4.46 23.13
SE MSE B 313 41.50 -5.33 24.80
CE MSE B 313 41.00 -3.78 25.86
N ILE B 314 45.76 -2.06 23.00
CA ILE B 314 47.14 -1.67 22.74
C ILE B 314 47.78 -1.04 23.97
N GLU B 315 47.01 -0.25 24.72
CA GLU B 315 47.52 0.38 25.91
C GLU B 315 47.82 -0.67 26.98
N THR B 316 46.88 -1.59 27.18
CA THR B 316 47.07 -2.66 28.15
C THR B 316 48.24 -3.58 27.75
N ILE B 317 48.24 -4.03 26.51
CA ILE B 317 49.29 -4.93 26.05
C ILE B 317 50.68 -4.33 26.28
N GLU B 318 50.89 -3.10 25.80
CA GLU B 318 52.14 -2.41 26.08
C GLU B 318 51.94 -1.33 27.15
N GLY B 319 52.02 -1.73 28.41
CA GLY B 319 51.86 -0.79 29.50
C GLY B 319 51.19 -1.33 30.76
N GLY B 320 50.36 -2.36 30.62
CA GLY B 320 49.71 -2.95 31.77
C GLY B 320 48.19 -2.80 31.82
N ALA B 321 47.69 -1.57 31.68
CA ALA B 321 46.26 -1.30 31.84
C ALA B 321 45.74 -0.16 30.96
N PRO B 322 44.43 -0.18 30.67
CA PRO B 322 43.81 0.86 29.84
C PRO B 322 43.98 2.26 30.44
N LYS B 323 44.30 3.23 29.59
CA LYS B 323 44.55 4.59 30.04
C LYS B 323 43.48 5.51 29.47
N THR B 324 42.96 5.15 28.30
CA THR B 324 41.95 5.95 27.61
C THR B 324 40.54 5.47 27.92
N GLN B 325 39.74 6.36 28.49
CA GLN B 325 38.36 6.03 28.84
C GLN B 325 37.51 5.79 27.61
N PHE B 326 36.41 5.07 27.81
CA PHE B 326 35.41 4.92 26.77
C PHE B 326 34.57 6.18 26.65
N LEU B 327 33.47 6.08 25.91
CA LEU B 327 32.56 7.19 25.71
C LEU B 327 31.79 7.51 26.98
N LYS B 328 31.75 8.79 27.34
CA LYS B 328 30.91 9.26 28.42
C LYS B 328 29.87 10.25 27.88
N PHE B 329 28.87 10.56 28.69
CA PHE B 329 27.85 11.50 28.25
C PHE B 329 28.51 12.78 27.78
N GLY B 330 28.04 13.30 26.65
CA GLY B 330 28.59 14.52 26.10
C GLY B 330 29.59 14.25 24.99
N ASP B 331 30.22 13.09 25.02
CA ASP B 331 31.15 12.71 23.96
C ASP B 331 30.44 12.73 22.61
N VAL B 332 31.19 13.09 21.56
CA VAL B 332 30.63 13.10 20.21
C VAL B 332 31.48 12.30 19.24
N VAL B 333 30.84 11.37 18.54
CA VAL B 333 31.53 10.54 17.56
C VAL B 333 31.05 10.88 16.15
N ARG B 334 32.00 10.89 15.22
CA ARG B 334 31.68 11.10 13.81
C ARG B 334 32.32 10.00 13.00
N ILE B 335 31.57 9.49 12.04
CA ILE B 335 32.07 8.46 11.14
C ILE B 335 31.64 8.78 9.71
N GLU B 336 32.62 8.93 8.82
CA GLU B 336 32.35 9.23 7.42
C GLU B 336 33.49 8.70 6.56
N MSE B 337 33.29 8.72 5.25
CA MSE B 337 34.33 8.28 4.32
C MSE B 337 34.31 9.17 3.09
O MSE B 337 33.26 9.43 2.51
CB MSE B 337 34.10 6.80 3.94
CG MSE B 337 35.03 6.30 2.84
SE MSE B 337 34.89 4.37 2.52
CE MSE B 337 35.53 3.74 4.27
N LYS B 338 35.49 9.64 2.68
CA LYS B 338 35.59 10.58 1.56
C LYS B 338 36.28 9.93 0.39
N ASP B 339 35.91 10.31 -0.83
CA ASP B 339 36.50 9.68 -2.01
C ASP B 339 37.86 10.28 -2.28
N ARG B 340 38.51 9.81 -3.34
CA ARG B 340 39.82 10.33 -3.77
C ARG B 340 39.88 11.86 -3.74
N THR B 341 38.78 12.51 -4.10
CA THR B 341 38.76 13.96 -4.22
C THR B 341 38.32 14.69 -2.95
N GLY B 342 38.08 13.95 -1.88
CA GLY B 342 37.79 14.56 -0.58
C GLY B 342 36.34 14.94 -0.34
N HIS B 343 35.43 14.35 -1.11
CA HIS B 343 34.01 14.60 -0.91
C HIS B 343 33.38 13.42 -0.17
N SER B 344 32.51 13.71 0.78
CA SER B 344 31.86 12.65 1.56
C SER B 344 31.02 11.77 0.63
N ILE B 345 31.20 10.46 0.74
CA ILE B 345 30.45 9.54 -0.10
C ILE B 345 29.08 9.17 0.46
N PHE B 346 29.03 8.93 1.77
CA PHE B 346 27.86 8.35 2.42
C PHE B 346 27.16 9.35 3.31
N GLY B 347 27.75 10.51 3.49
CA GLY B 347 27.27 11.42 4.51
C GLY B 347 27.90 11.05 5.85
N ALA B 348 27.51 11.74 6.91
CA ALA B 348 28.17 11.55 8.19
C ALA B 348 27.24 10.97 9.25
N ILE B 349 27.70 9.92 9.91
CA ILE B 349 27.14 9.52 11.18
C ILE B 349 27.75 10.46 12.21
N GLU B 350 26.92 11.13 12.98
CA GLU B 350 27.43 11.99 14.03
C GLU B 350 26.53 11.97 15.24
N GLN B 351 27.04 11.42 16.34
CA GLN B 351 26.21 11.14 17.49
C GLN B 351 26.84 11.61 18.77
N LYS B 352 26.00 12.17 19.63
CA LYS B 352 26.41 12.59 20.96
C LYS B 352 25.86 11.57 21.95
N VAL B 353 26.73 11.08 22.82
CA VAL B 353 26.30 10.14 23.84
C VAL B 353 25.55 10.88 24.94
N GLY B 354 24.44 10.32 25.39
CA GLY B 354 23.60 10.98 26.37
C GLY B 354 22.86 10.03 27.28
N LYS B 355 22.33 10.56 28.38
CA LYS B 355 21.65 9.74 29.38
C LYS B 355 20.23 9.39 29.02
N TYR B 356 19.94 8.11 28.93
CA TYR B 356 18.58 7.64 28.76
C TYR B 356 17.85 7.72 30.09
N GLU B 357 16.62 8.22 30.04
CA GLU B 357 15.82 8.38 31.24
C GLU B 357 14.35 8.12 30.90
N ARG B 358 13.62 7.60 31.88
CA ARG B 358 12.24 7.22 31.66
C ARG B 358 11.26 8.09 32.47
N ASN C 16 -9.29 16.63 24.14
CA ASN C 16 -8.48 17.53 24.96
C ASN C 16 -8.88 19.00 24.80
N LEU C 17 -8.55 19.60 23.65
CA LEU C 17 -9.13 20.88 23.28
C LEU C 17 -10.58 20.63 22.92
N TYR C 18 -11.41 21.65 23.06
CA TYR C 18 -12.79 21.52 22.63
C TYR C 18 -12.78 21.43 21.10
N PHE C 19 -12.85 20.21 20.57
CA PHE C 19 -12.72 19.98 19.13
C PHE C 19 -13.65 20.89 18.30
N GLN C 20 -13.07 21.51 17.29
CA GLN C 20 -13.89 22.40 16.48
C GLN C 20 -13.84 22.15 14.96
N GLY C 21 -13.39 20.96 14.58
CA GLY C 21 -13.36 20.56 13.17
C GLY C 21 -11.95 20.54 12.60
N MSE C 22 -11.80 20.15 11.35
CA MSE C 22 -10.48 20.09 10.77
C MSE C 22 -10.47 20.35 9.27
O MSE C 22 -11.53 20.34 8.62
CB MSE C 22 -9.86 18.72 11.02
CG MSE C 22 -10.61 17.61 10.32
SE MSE C 22 -9.73 15.86 10.65
CE MSE C 22 -10.95 14.76 9.62
N LYS C 23 -9.27 20.56 8.74
CA LYS C 23 -9.05 20.87 7.33
C LYS C 23 -8.05 19.86 6.75
N LEU C 24 -8.35 19.37 5.55
CA LEU C 24 -7.53 18.37 4.85
C LEU C 24 -7.13 18.88 3.47
N ALA C 25 -5.96 18.47 3.00
CA ALA C 25 -5.52 18.83 1.65
C ALA C 25 -4.72 17.67 1.06
N THR C 26 -4.52 17.73 -0.24
CA THR C 26 -3.67 16.76 -0.91
C THR C 26 -2.58 17.54 -1.60
N LEU C 27 -1.32 17.20 -1.32
CA LEU C 27 -0.18 17.88 -1.93
C LEU C 27 0.26 17.08 -3.16
N LYS C 28 0.65 17.78 -4.22
CA LYS C 28 1.09 17.10 -5.42
C LYS C 28 2.38 16.38 -5.14
N ASP C 29 2.49 15.15 -5.63
CA ASP C 29 3.76 14.41 -5.61
C ASP C 29 3.90 13.49 -6.83
N SER C 30 4.80 12.53 -6.76
CA SER C 30 5.12 11.72 -7.92
C SER C 30 3.99 10.72 -8.20
N THR C 31 3.02 10.65 -7.30
CA THR C 31 1.91 9.71 -7.49
C THR C 31 0.65 10.37 -8.05
N ARG C 32 -0.27 9.54 -8.51
CA ARG C 32 -1.50 10.04 -9.11
C ARG C 32 -2.52 10.59 -8.10
N ASP C 33 -2.56 10.01 -6.90
CA ASP C 33 -3.54 10.44 -5.89
C ASP C 33 -2.96 11.47 -4.92
N GLY C 34 -1.68 11.77 -5.06
CA GLY C 34 -1.03 12.78 -4.24
C GLY C 34 -0.81 12.37 -2.79
N LYS C 35 -0.50 13.33 -1.93
CA LYS C 35 -0.16 13.07 -0.53
C LYS C 35 -1.12 13.77 0.44
N LEU C 36 -1.89 13.01 1.20
CA LEU C 36 -2.85 13.58 2.13
C LEU C 36 -2.17 14.30 3.29
N VAL C 37 -2.60 15.52 3.58
CA VAL C 37 -2.10 16.19 4.77
C VAL C 37 -3.23 16.82 5.59
N VAL C 38 -3.01 16.99 6.88
CA VAL C 38 -3.90 17.79 7.71
C VAL C 38 -3.34 19.20 7.77
N VAL C 39 -4.21 20.20 7.64
CA VAL C 39 -3.79 21.60 7.53
C VAL C 39 -4.32 22.41 8.70
N SER C 40 -3.49 23.31 9.23
CA SER C 40 -3.91 24.14 10.34
C SER C 40 -5.08 25.03 9.92
N LYS C 41 -5.81 25.50 10.91
CA LYS C 41 -6.99 26.30 10.64
C LYS C 41 -6.59 27.52 9.80
N ASP C 42 -5.41 28.05 10.08
CA ASP C 42 -4.96 29.29 9.45
C ASP C 42 -4.20 29.03 8.14
N LEU C 43 -4.18 27.78 7.71
CA LEU C 43 -3.67 27.42 6.40
C LEU C 43 -2.17 27.64 6.21
N THR C 44 -1.42 27.80 7.30
CA THR C 44 0.02 28.01 7.16
C THR C 44 0.85 26.75 7.41
N ARG C 45 0.27 25.80 8.13
CA ARG C 45 0.99 24.57 8.50
CA ARG C 45 0.98 24.58 8.51
C ARG C 45 0.22 23.31 8.09
N CYS C 46 0.95 22.22 7.89
CA CYS C 46 0.33 20.91 7.62
C CYS C 46 1.26 19.76 8.04
N SER C 47 0.70 18.56 8.08
CA SER C 47 1.48 17.36 8.38
C SER C 47 0.98 16.15 7.60
N GLU C 48 1.90 15.40 6.99
CA GLU C 48 1.55 14.13 6.35
C GLU C 48 1.07 13.18 7.41
N VAL C 49 0.20 12.25 7.03
CA VAL C 49 -0.40 11.33 7.97
C VAL C 49 -0.33 9.90 7.41
N GLY C 50 0.84 9.56 6.85
CA GLY C 50 1.09 8.27 6.22
C GLY C 50 0.69 7.05 7.04
N HIS C 51 0.78 7.15 8.36
CA HIS C 51 0.45 6.01 9.23
C HIS C 51 -1.06 5.81 9.34
N ILE C 52 -1.81 6.81 8.93
CA ILE C 52 -3.27 6.70 8.88
C ILE C 52 -3.78 6.45 7.46
N ALA C 53 -3.37 7.29 6.53
CA ALA C 53 -3.81 7.18 5.14
C ALA C 53 -2.88 7.99 4.26
N ARG C 54 -2.48 7.40 3.14
CA ARG C 54 -1.62 8.07 2.16
C ARG C 54 -2.41 9.10 1.33
N THR C 55 -3.69 8.82 1.10
CA THR C 55 -4.48 9.71 0.24
C THR C 55 -5.81 10.03 0.87
N LEU C 56 -6.50 11.05 0.37
CA LEU C 56 -7.77 11.42 0.96
C LEU C 56 -8.82 10.36 0.60
N GLN C 57 -8.75 9.83 -0.63
CA GLN C 57 -9.68 8.77 -1.02
C GLN C 57 -9.62 7.60 -0.03
N ALA C 58 -8.41 7.16 0.31
CA ALA C 58 -8.22 6.10 1.30
C ALA C 58 -8.84 6.44 2.66
N ALA C 59 -8.63 7.67 3.12
CA ALA C 59 -9.25 8.10 4.36
C ALA C 59 -10.77 8.05 4.23
N LEU C 60 -11.32 8.53 3.12
CA LEU C 60 -12.74 8.43 2.89
C LEU C 60 -13.27 6.99 2.82
N ASP C 61 -12.52 6.11 2.14
CA ASP C 61 -12.90 4.71 2.00
C ASP C 61 -13.10 4.07 3.37
N ASP C 62 -12.34 4.54 4.35
CA ASP C 62 -12.36 3.94 5.69
C ASP C 62 -12.64 5.02 6.75
N TRP C 63 -13.54 5.93 6.42
CA TRP C 63 -13.72 7.13 7.24
C TRP C 63 -14.12 6.88 8.69
N ALA C 64 -14.96 5.88 8.92
CA ALA C 64 -15.39 5.56 10.26
C ALA C 64 -14.18 5.39 11.20
N HIS C 65 -13.07 4.91 10.64
CA HIS C 65 -11.86 4.69 11.42
C HIS C 65 -10.80 5.78 11.22
N ALA C 66 -10.56 6.21 9.98
CA ALA C 66 -9.54 7.20 9.72
C ALA C 66 -9.93 8.59 10.25
N GLY C 67 -11.22 8.91 10.19
CA GLY C 67 -11.73 10.21 10.60
C GLY C 67 -11.31 10.62 12.01
N PRO C 68 -11.72 9.83 13.00
CA PRO C 68 -11.30 10.03 14.40
C PRO C 68 -9.77 10.16 14.55
N ARG C 69 -8.99 9.41 13.76
CA ARG C 69 -7.54 9.49 13.91
C ARG C 69 -7.00 10.80 13.32
N LEU C 70 -7.54 11.21 12.18
CA LEU C 70 -7.21 12.50 11.60
C LEU C 70 -7.59 13.68 12.53
N GLU C 71 -8.67 13.54 13.29
CA GLU C 71 -9.07 14.59 14.23
C GLU C 71 -8.02 14.83 15.31
N ARG C 72 -7.45 13.73 15.82
CA ARG C 72 -6.40 13.79 16.81
C ARG C 72 -5.19 14.54 16.25
N VAL C 73 -4.84 14.25 15.01
CA VAL C 73 -3.75 14.97 14.33
C VAL C 73 -4.06 16.47 14.24
N ALA C 74 -5.27 16.80 13.78
CA ALA C 74 -5.69 18.19 13.73
C ALA C 74 -5.50 18.86 15.09
N GLU C 75 -5.90 18.17 16.13
CA GLU C 75 -5.75 18.73 17.48
C GLU C 75 -4.27 18.94 17.83
N GLY C 76 -3.43 17.97 17.49
CA GLY C 76 -2.01 18.08 17.72
C GLY C 76 -1.41 19.26 16.98
N ILE C 77 -1.96 19.58 15.81
CA ILE C 77 -1.45 20.70 15.03
C ILE C 77 -1.80 22.01 15.74
N GLU C 78 -3.02 22.10 16.22
CA GLU C 78 -3.48 23.29 16.91
C GLU C 78 -2.61 23.51 18.17
N THR C 79 -2.42 22.47 18.98
CA THR C 79 -1.70 22.63 20.23
C THR C 79 -0.19 22.71 20.05
N GLY C 80 0.29 22.25 18.91
CA GLY C 80 1.71 22.27 18.62
C GLY C 80 2.45 20.97 18.91
N ALA C 81 1.74 19.98 19.43
CA ALA C 81 2.33 18.67 19.78
C ALA C 81 2.62 17.83 18.54
N GLN C 82 1.98 18.20 17.44
CA GLN C 82 2.17 17.53 16.16
C GLN C 82 3.17 18.32 15.32
N PRO C 83 4.29 17.68 14.94
CA PRO C 83 5.28 18.30 14.06
C PRO C 83 4.67 18.59 12.70
N THR C 84 5.04 19.72 12.12
CA THR C 84 4.42 20.17 10.88
C THR C 84 5.45 20.75 9.93
N MSE C 85 5.02 20.94 8.68
CA MSE C 85 5.82 21.64 7.68
C MSE C 85 4.95 22.76 7.13
O MSE C 85 3.76 22.81 7.40
CB MSE C 85 6.20 20.66 6.58
CG MSE C 85 4.99 20.03 5.92
SE MSE C 85 5.47 18.87 4.41
CE MSE C 85 3.76 17.99 4.16
N ARG C 86 5.54 23.64 6.35
CA ARG C 86 4.82 24.75 5.75
C ARG C 86 3.78 24.21 4.77
N PHE C 87 2.60 24.80 4.77
CA PHE C 87 1.60 24.48 3.76
C PHE C 87 1.62 25.51 2.64
N HIS C 88 1.82 25.05 1.41
CA HIS C 88 1.81 25.94 0.26
C HIS C 88 0.65 25.64 -0.68
N GLU C 89 -0.29 26.58 -0.78
CA GLU C 89 -1.44 26.40 -1.66
C GLU C 89 -1.00 26.07 -3.07
N HIS C 90 0.08 26.67 -3.55
CA HIS C 90 0.52 26.44 -4.93
C HIS C 90 1.11 25.05 -5.10
N ASP C 91 1.31 24.33 -4.00
CA ASP C 91 1.83 22.96 -4.04
C ASP C 91 0.69 21.95 -3.93
N ALA C 92 -0.52 22.45 -3.69
CA ALA C 92 -1.69 21.58 -3.51
C ALA C 92 -2.31 21.19 -4.84
N ALA C 93 -2.83 19.97 -4.87
CA ALA C 93 -3.71 19.51 -5.93
C ALA C 93 -5.12 19.83 -5.42
N SER C 94 -6.13 19.50 -6.21
CA SER C 94 -7.48 19.45 -5.66
C SER C 94 -7.48 18.37 -4.59
N PRO C 95 -8.29 18.55 -3.53
CA PRO C 95 -8.27 17.58 -2.42
C PRO C 95 -8.38 16.11 -2.89
N LEU C 96 -9.22 15.87 -3.90
CA LEU C 96 -9.24 14.61 -4.63
C LEU C 96 -8.79 14.92 -6.06
N PRO C 97 -7.51 14.64 -6.38
CA PRO C 97 -6.94 14.97 -7.69
C PRO C 97 -7.65 14.18 -8.79
N ARG C 98 -7.99 12.93 -8.47
CA ARG C 98 -8.94 12.20 -9.29
C ARG C 98 -9.98 11.63 -8.34
N ALA C 99 -11.24 11.65 -8.79
CA ALA C 99 -12.36 11.23 -7.96
C ALA C 99 -13.18 10.24 -8.78
N PHE C 100 -13.96 9.39 -8.10
CA PHE C 100 -14.84 8.44 -8.78
C PHE C 100 -16.17 9.03 -9.25
N GLN C 101 -16.54 10.19 -8.72
CA GLN C 101 -17.75 10.87 -9.19
C GLN C 101 -17.71 12.37 -8.95
N TRP C 102 -18.10 13.11 -9.97
CA TRP C 102 -18.28 14.55 -9.90
C TRP C 102 -19.66 14.78 -10.47
N ALA C 103 -20.61 15.18 -9.64
CA ALA C 103 -21.96 15.45 -10.12
C ALA C 103 -22.34 16.86 -9.65
N ASP C 104 -22.80 17.70 -10.57
CA ASP C 104 -22.90 19.11 -10.26
C ASP C 104 -24.34 19.61 -10.43
N GLY C 105 -24.90 20.17 -9.37
CA GLY C 105 -26.27 20.63 -9.39
C GLY C 105 -26.35 22.01 -10.00
N SER C 106 -27.57 22.54 -10.06
CA SER C 106 -27.78 23.94 -10.38
C SER C 106 -28.70 24.53 -9.31
N ALA C 107 -28.20 24.59 -8.09
CA ALA C 107 -29.09 24.75 -6.93
C ALA C 107 -29.67 26.15 -6.81
N TYR C 108 -29.02 27.13 -7.45
CA TYR C 108 -29.51 28.51 -7.48
C TYR C 108 -30.30 28.71 -8.78
N VAL C 109 -31.59 28.38 -8.73
CA VAL C 109 -32.42 28.26 -9.92
C VAL C 109 -32.56 29.60 -10.66
N ASN C 110 -32.40 30.70 -9.94
CA ASN C 110 -32.26 32.03 -10.56
C ASN C 110 -31.36 31.96 -11.79
N HIS C 111 -30.22 31.29 -11.67
CA HIS C 111 -29.26 31.26 -12.76
C HIS C 111 -29.89 30.64 -14.01
N VAL C 112 -30.52 29.49 -13.86
CA VAL C 112 -31.13 28.83 -15.03
C VAL C 112 -32.33 29.64 -15.53
N GLU C 113 -32.98 30.37 -14.63
CA GLU C 113 -34.08 31.25 -15.04
C GLU C 113 -33.57 32.41 -15.88
N LEU C 114 -32.43 32.97 -15.51
CA LEU C 114 -31.80 34.04 -16.29
C LEU C 114 -31.58 33.60 -17.74
N VAL C 115 -31.05 32.39 -17.91
CA VAL C 115 -30.83 31.80 -19.22
C VAL C 115 -32.11 31.80 -20.08
N ARG C 116 -33.24 31.52 -19.46
CA ARG C 116 -34.52 31.41 -20.17
C ARG C 116 -35.05 32.78 -20.61
N LYS C 117 -34.99 33.77 -19.72
CA LYS C 117 -35.41 35.13 -20.04
C LYS C 117 -34.64 35.68 -21.24
N ALA C 118 -33.33 35.45 -21.25
CA ALA C 118 -32.45 35.91 -22.31
C ALA C 118 -32.77 35.29 -23.66
N ARG C 119 -33.76 34.39 -23.66
CA ARG C 119 -34.31 33.80 -24.88
C ARG C 119 -35.79 34.14 -25.00
N ASN C 120 -36.26 35.03 -24.12
CA ASN C 120 -37.69 35.33 -24.03
C ASN C 120 -38.52 34.08 -23.76
N ALA C 121 -37.91 33.14 -23.04
CA ALA C 121 -38.56 31.88 -22.71
C ALA C 121 -39.11 31.85 -21.28
N GLU C 122 -40.25 31.17 -21.13
CA GLU C 122 -40.86 30.93 -19.85
C GLU C 122 -40.27 29.67 -19.24
N MSE C 123 -39.65 29.80 -18.07
CA MSE C 123 -39.11 28.63 -17.40
C MSE C 123 -40.21 27.86 -16.69
O MSE C 123 -40.92 28.41 -15.85
CB MSE C 123 -38.00 29.00 -16.41
CG MSE C 123 -37.35 27.79 -15.78
SE MSE C 123 -36.09 28.24 -14.36
CE MSE C 123 -37.34 28.98 -13.06
N PRO C 124 -40.37 26.57 -17.04
CA PRO C 124 -41.34 25.68 -16.41
C PRO C 124 -41.26 25.78 -14.89
N ALA C 125 -42.42 25.81 -14.23
CA ALA C 125 -42.49 25.95 -12.78
C ALA C 125 -41.77 24.81 -12.05
N SER C 126 -41.74 23.64 -12.67
CA SER C 126 -41.09 22.46 -12.08
C SER C 126 -39.62 22.68 -11.72
N PHE C 127 -38.95 23.56 -12.44
CA PHE C 127 -37.54 23.85 -12.16
C PHE C 127 -37.34 24.39 -10.75
N TRP C 128 -38.44 24.84 -10.14
CA TRP C 128 -38.38 25.33 -8.76
C TRP C 128 -38.52 24.18 -7.76
N THR C 129 -38.86 22.99 -8.24
CA THR C 129 -39.09 21.83 -7.37
C THR C 129 -38.27 20.60 -7.74
N ASP C 130 -37.67 20.60 -8.92
CA ASP C 130 -36.97 19.44 -9.45
C ASP C 130 -35.54 19.79 -9.86
N PRO C 131 -34.56 19.41 -9.03
CA PRO C 131 -33.16 19.84 -9.23
C PRO C 131 -32.56 19.39 -10.55
N LEU C 132 -31.72 20.23 -11.14
CA LEU C 132 -30.90 19.82 -12.28
C LEU C 132 -29.59 19.30 -11.74
N ILE C 133 -29.08 18.26 -12.38
CA ILE C 133 -27.76 17.72 -12.03
C ILE C 133 -27.14 17.16 -13.29
N TYR C 134 -25.85 17.36 -13.48
CA TYR C 134 -25.17 16.70 -14.59
C TYR C 134 -23.90 15.94 -14.15
N GLN C 135 -23.59 14.86 -14.85
CA GLN C 135 -22.39 14.07 -14.59
C GLN C 135 -21.18 14.75 -15.22
N GLY C 136 -20.18 15.10 -14.42
CA GLY C 136 -19.01 15.78 -14.96
C GLY C 136 -17.75 14.93 -14.92
N GLY C 137 -16.70 15.41 -15.61
CA GLY C 137 -15.41 14.71 -15.60
C GLY C 137 -14.71 14.77 -14.23
N SER C 138 -14.30 13.62 -13.71
CA SER C 138 -13.78 13.54 -12.34
C SER C 138 -12.36 13.03 -12.25
N ASP C 139 -11.72 12.79 -13.40
CA ASP C 139 -10.47 12.04 -13.41
C ASP C 139 -9.20 12.86 -13.61
N SER C 140 -9.32 14.18 -13.73
CA SER C 140 -8.19 15.00 -14.14
C SER C 140 -8.30 16.44 -13.62
N PHE C 141 -8.73 16.59 -12.38
CA PHE C 141 -8.95 17.92 -11.85
C PHE C 141 -7.65 18.76 -11.86
N LEU C 142 -7.79 20.06 -12.13
CA LEU C 142 -6.67 20.99 -12.02
C LEU C 142 -6.41 21.28 -10.54
N GLY C 143 -5.19 21.66 -10.20
CA GLY C 143 -4.90 22.10 -8.84
C GLY C 143 -5.41 23.53 -8.68
N PRO C 144 -5.60 24.00 -7.44
CA PRO C 144 -6.24 25.31 -7.24
C PRO C 144 -5.42 26.48 -7.80
N ARG C 145 -4.12 26.29 -7.98
CA ARG C 145 -3.28 27.37 -8.54
C ARG C 145 -2.76 27.03 -9.94
N ASP C 146 -3.20 25.90 -10.49
CA ASP C 146 -2.79 25.52 -11.85
C ASP C 146 -3.48 26.42 -12.85
N PRO C 147 -2.78 26.73 -13.95
CA PRO C 147 -3.39 27.57 -14.99
C PRO C 147 -4.50 26.83 -15.71
N ILE C 148 -5.49 27.57 -16.22
CA ILE C 148 -6.49 27.01 -17.11
C ILE C 148 -5.96 27.13 -18.53
N LEU C 149 -5.46 26.01 -19.05
CA LEU C 149 -4.83 26.02 -20.34
C LEU C 149 -5.86 25.51 -21.35
N MSE C 150 -6.02 26.24 -22.44
CA MSE C 150 -6.98 25.84 -23.47
C MSE C 150 -6.41 26.16 -24.84
O MSE C 150 -5.65 27.12 -25.00
CB MSE C 150 -8.31 26.55 -23.27
CG MSE C 150 -9.13 25.94 -22.15
SE MSE C 150 -9.92 24.23 -22.61
CE MSE C 150 -9.71 23.42 -20.86
N ALA C 151 -6.75 25.34 -25.82
CA ALA C 151 -6.20 25.52 -27.15
C ALA C 151 -6.69 26.79 -27.85
N ASP C 152 -7.82 27.35 -27.40
CA ASP C 152 -8.48 28.43 -28.15
C ASP C 152 -9.39 29.29 -27.25
N ASP C 153 -9.08 30.56 -27.10
CA ASP C 153 -9.90 31.43 -26.24
C ASP C 153 -11.08 32.07 -26.99
N ALA C 154 -11.34 31.60 -28.20
CA ALA C 154 -12.57 31.95 -28.89
C ALA C 154 -13.69 31.01 -28.44
N TRP C 155 -13.37 30.10 -27.53
CA TRP C 155 -14.29 29.07 -27.06
C TRP C 155 -15.23 29.55 -25.95
N GLY C 156 -15.07 30.79 -25.49
CA GLY C 156 -15.93 31.28 -24.42
C GLY C 156 -15.56 30.70 -23.07
N ILE C 157 -14.27 30.76 -22.75
CA ILE C 157 -13.79 30.22 -21.50
C ILE C 157 -14.41 31.00 -20.34
N ASP C 158 -15.01 30.31 -19.39
CA ASP C 158 -15.65 30.98 -18.26
C ASP C 158 -15.33 30.28 -16.94
N MSE C 159 -15.27 31.03 -15.84
CA MSE C 159 -15.17 30.40 -14.53
C MSE C 159 -16.58 30.19 -14.00
O MSE C 159 -17.53 30.78 -14.52
CB MSE C 159 -14.35 31.24 -13.55
CG MSE C 159 -15.11 32.41 -12.96
SE MSE C 159 -15.41 33.86 -14.25
CE MSE C 159 -15.08 35.38 -13.06
N GLU C 160 -16.72 29.38 -12.98
CA GLU C 160 -18.01 29.19 -12.36
C GLU C 160 -17.76 28.85 -10.89
N GLY C 161 -17.89 29.84 -10.02
CA GLY C 161 -17.64 29.61 -8.61
C GLY C 161 -18.80 28.90 -7.93
N GLU C 162 -18.49 27.79 -7.25
CA GLU C 162 -19.48 27.01 -6.51
C GLU C 162 -18.89 26.48 -5.18
N ALA C 163 -19.74 25.86 -4.39
CA ALA C 163 -19.28 25.02 -3.30
C ALA C 163 -19.60 23.59 -3.65
N ALA C 164 -18.93 22.63 -2.99
CA ALA C 164 -19.20 21.23 -3.21
C ALA C 164 -18.98 20.48 -1.91
N VAL C 165 -19.67 19.36 -1.77
CA VAL C 165 -19.45 18.49 -0.61
C VAL C 165 -18.89 17.13 -1.08
N ILE C 166 -18.13 16.46 -0.21
CA ILE C 166 -17.66 15.11 -0.48
C ILE C 166 -18.45 14.20 0.45
N VAL C 167 -19.14 13.21 -0.11
CA VAL C 167 -19.98 12.39 0.73
C VAL C 167 -19.32 11.04 0.99
N ASP C 168 -19.65 10.46 2.13
CA ASP C 168 -19.38 9.07 2.42
C ASP C 168 -20.34 8.25 1.56
N ASP C 169 -20.38 6.94 1.74
CA ASP C 169 -21.31 6.11 0.99
C ASP C 169 -22.75 6.55 1.19
N VAL C 170 -23.49 6.72 0.10
CA VAL C 170 -24.93 6.97 0.16
C VAL C 170 -25.66 5.83 -0.53
N PRO C 171 -26.68 5.26 0.13
CA PRO C 171 -27.36 4.12 -0.51
C PRO C 171 -28.28 4.64 -1.59
N MSE C 172 -28.60 3.79 -2.56
CA MSE C 172 -29.62 4.11 -3.54
C MSE C 172 -30.96 4.35 -2.83
O MSE C 172 -31.30 3.63 -1.89
CB MSE C 172 -29.78 2.97 -4.54
CG MSE C 172 -30.93 3.20 -5.51
SE MSE C 172 -30.72 2.04 -7.07
CE MSE C 172 -31.31 0.38 -6.30
N GLY C 173 -31.70 5.37 -3.26
CA GLY C 173 -32.98 5.68 -2.61
C GLY C 173 -32.80 6.25 -1.21
N ALA C 174 -31.69 6.94 -0.98
CA ALA C 174 -31.40 7.57 0.31
C ALA C 174 -32.43 8.60 0.74
N THR C 175 -32.64 8.71 2.05
CA THR C 175 -33.49 9.76 2.62
C THR C 175 -32.72 11.06 2.84
N LEU C 176 -33.47 12.12 3.15
CA LEU C 176 -32.83 13.39 3.49
C LEU C 176 -31.96 13.26 4.73
N ASP C 177 -32.43 12.48 5.72
CA ASP C 177 -31.63 12.25 6.93
C ASP C 177 -30.30 11.57 6.59
N GLU C 178 -30.34 10.56 5.72
CA GLU C 178 -29.14 9.83 5.34
C GLU C 178 -28.15 10.70 4.55
N ALA C 179 -28.68 11.47 3.60
CA ALA C 179 -27.89 12.40 2.80
C ALA C 179 -27.14 13.39 3.68
N LYS C 180 -27.83 13.92 4.67
CA LYS C 180 -27.28 14.91 5.58
C LYS C 180 -26.16 14.30 6.39
N ALA C 181 -26.41 13.10 6.88
CA ALA C 181 -25.43 12.40 7.69
C ALA C 181 -24.23 11.91 6.88
N ALA C 182 -24.33 11.94 5.56
CA ALA C 182 -23.24 11.42 4.75
C ALA C 182 -22.20 12.46 4.32
N ILE C 183 -22.52 13.73 4.55
CA ILE C 183 -21.61 14.81 4.17
C ILE C 183 -20.40 14.79 5.10
N ARG C 184 -19.22 14.68 4.50
CA ARG C 184 -17.98 14.56 5.26
C ARG C 184 -17.13 15.82 5.18
N LEU C 185 -17.10 16.42 4.00
CA LEU C 185 -16.23 17.56 3.75
C LEU C 185 -16.87 18.54 2.79
N VAL C 186 -16.42 19.79 2.88
CA VAL C 186 -16.91 20.87 2.05
C VAL C 186 -15.73 21.57 1.39
N MSE C 187 -15.88 22.00 0.14
CA MSE C 187 -14.81 22.74 -0.51
C MSE C 187 -15.40 23.67 -1.57
O MSE C 187 -16.62 23.71 -1.77
CB MSE C 187 -13.73 21.80 -1.11
CG MSE C 187 -14.27 20.79 -2.11
SE MSE C 187 -13.00 19.38 -2.59
CE MSE C 187 -14.27 18.19 -3.50
N LEU C 188 -14.54 24.45 -2.22
CA LEU C 188 -15.01 25.37 -3.27
C LEU C 188 -14.58 24.81 -4.61
N VAL C 189 -15.23 25.25 -5.69
CA VAL C 189 -14.86 24.75 -7.00
C VAL C 189 -14.91 25.85 -8.02
N ASN C 190 -14.09 25.70 -9.06
CA ASN C 190 -14.26 26.49 -10.27
C ASN C 190 -14.68 25.54 -11.36
N ASP C 191 -15.96 25.55 -11.72
CA ASP C 191 -16.43 24.58 -12.71
C ASP C 191 -16.15 25.15 -14.10
N VAL C 192 -14.93 24.99 -14.58
CA VAL C 192 -14.51 25.60 -15.85
C VAL C 192 -15.45 25.19 -17.02
N SER C 193 -15.90 26.17 -17.81
CA SER C 193 -16.89 25.97 -18.85
C SER C 193 -16.39 26.62 -20.12
N LEU C 194 -16.79 26.06 -21.26
CA LEU C 194 -16.52 26.65 -22.57
C LEU C 194 -17.87 27.03 -23.16
N ARG C 195 -18.32 28.26 -22.88
CA ARG C 195 -19.66 28.68 -23.27
C ARG C 195 -19.81 28.73 -24.79
N GLY C 196 -18.70 28.92 -25.49
CA GLY C 196 -18.74 28.97 -26.94
C GLY C 196 -19.21 27.63 -27.49
N LEU C 197 -19.03 26.57 -26.71
CA LEU C 197 -19.32 25.21 -27.18
C LEU C 197 -20.60 24.66 -26.58
N ILE C 198 -21.11 25.28 -25.53
CA ILE C 198 -22.26 24.71 -24.84
C ILE C 198 -23.51 24.57 -25.70
N PRO C 199 -23.99 25.68 -26.30
CA PRO C 199 -25.23 25.57 -27.08
C PRO C 199 -25.15 24.46 -28.12
N GLY C 200 -24.00 24.36 -28.78
CA GLY C 200 -23.79 23.35 -29.80
C GLY C 200 -23.80 21.94 -29.22
N GLU C 201 -23.12 21.74 -28.09
CA GLU C 201 -23.05 20.40 -27.56
C GLU C 201 -24.39 19.96 -26.96
N LEU C 202 -25.07 20.86 -26.24
CA LEU C 202 -26.32 20.49 -25.61
C LEU C 202 -27.42 20.18 -26.62
N ALA C 203 -27.37 20.81 -27.79
CA ALA C 203 -28.36 20.54 -28.84
C ALA C 203 -28.28 19.10 -29.35
N LYS C 204 -27.11 18.48 -29.19
CA LYS C 204 -26.93 17.08 -29.58
C LYS C 204 -27.78 16.18 -28.70
N GLY C 205 -27.97 16.56 -27.44
CA GLY C 205 -28.89 15.86 -26.55
C GLY C 205 -28.24 14.88 -25.57
N PHE C 206 -26.92 14.92 -25.41
CA PHE C 206 -26.24 13.99 -24.52
C PHE C 206 -25.55 14.71 -23.35
N GLY C 207 -26.03 15.90 -23.02
CA GLY C 207 -25.48 16.66 -21.91
C GLY C 207 -24.12 17.25 -22.21
N PHE C 208 -23.37 17.56 -21.16
CA PHE C 208 -22.09 18.24 -21.31
C PHE C 208 -20.95 17.25 -21.42
N TYR C 209 -20.02 17.52 -22.33
CA TYR C 209 -18.74 16.79 -22.28
C TYR C 209 -17.59 17.68 -22.75
N GLN C 210 -17.51 17.95 -24.06
CA GLN C 210 -16.47 18.88 -24.52
C GLN C 210 -16.60 20.29 -23.93
N SER C 211 -17.82 20.72 -23.65
CA SER C 211 -18.03 22.08 -23.18
C SER C 211 -17.72 22.26 -21.68
N LYS C 212 -17.44 21.15 -20.99
CA LYS C 212 -17.10 21.20 -19.57
C LYS C 212 -15.74 20.56 -19.25
N PRO C 213 -14.65 21.32 -19.47
CA PRO C 213 -13.32 20.77 -19.26
C PRO C 213 -13.00 20.57 -17.77
N SER C 214 -11.75 20.19 -17.48
CA SER C 214 -11.39 19.80 -16.12
C SER C 214 -11.58 20.92 -15.13
N SER C 215 -12.34 20.65 -14.07
CA SER C 215 -12.60 21.64 -13.02
C SER C 215 -11.45 21.75 -12.02
N ALA C 216 -11.51 22.75 -11.15
CA ALA C 216 -10.49 22.92 -10.12
C ALA C 216 -11.15 23.11 -8.75
N PHE C 217 -10.54 22.60 -7.68
CA PHE C 217 -11.10 22.76 -6.32
C PHE C 217 -10.17 23.55 -5.40
N SER C 218 -10.67 23.96 -4.24
CA SER C 218 -9.88 24.76 -3.30
C SER C 218 -8.74 23.94 -2.70
N PRO C 219 -7.66 24.61 -2.28
CA PRO C 219 -6.49 23.95 -1.72
C PRO C 219 -6.87 23.06 -0.54
N VAL C 220 -7.91 23.43 0.19
CA VAL C 220 -8.31 22.66 1.35
C VAL C 220 -9.78 22.24 1.29
N ALA C 221 -10.11 21.09 1.87
CA ALA C 221 -11.50 20.72 2.16
C ALA C 221 -11.67 20.70 3.69
N VAL C 222 -12.83 21.11 4.21
CA VAL C 222 -13.02 21.24 5.66
C VAL C 222 -14.25 20.46 6.11
N THR C 223 -14.27 20.03 7.36
CA THR C 223 -15.42 19.28 7.81
C THR C 223 -16.50 20.29 8.15
N PRO C 224 -17.77 19.88 8.09
CA PRO C 224 -18.88 20.76 8.45
C PRO C 224 -18.67 21.42 9.80
N GLU C 225 -18.13 20.67 10.76
CA GLU C 225 -17.90 21.24 12.08
C GLU C 225 -16.99 22.46 12.03
N GLU C 226 -15.99 22.43 11.16
CA GLU C 226 -15.04 23.52 11.02
C GLU C 226 -15.73 24.80 10.58
N LEU C 227 -16.86 24.64 9.89
CA LEU C 227 -17.60 25.78 9.37
C LEU C 227 -18.43 26.48 10.45
N GLY C 228 -18.68 25.77 11.55
CA GLY C 228 -19.42 26.33 12.68
C GLY C 228 -20.77 26.85 12.26
N GLU C 229 -21.08 28.08 12.66
CA GLU C 229 -22.37 28.69 12.40
C GLU C 229 -22.63 29.03 10.94
N ALA C 230 -21.57 29.12 10.14
CA ALA C 230 -21.73 29.38 8.71
C ALA C 230 -22.33 28.18 7.93
N TRP C 231 -22.42 27.01 8.57
CA TRP C 231 -23.00 25.84 7.91
C TRP C 231 -24.23 25.37 8.65
N ASP C 232 -25.39 25.39 8.00
CA ASP C 232 -26.61 25.03 8.75
C ASP C 232 -26.99 23.54 8.67
N GLY C 233 -26.07 22.73 8.13
CA GLY C 233 -26.33 21.32 7.94
C GLY C 233 -26.59 20.98 6.47
N GLY C 234 -27.05 22.00 5.73
CA GLY C 234 -27.41 21.87 4.32
C GLY C 234 -26.86 22.95 3.41
N LYS C 235 -26.64 24.15 3.96
CA LYS C 235 -25.98 25.20 3.17
C LYS C 235 -24.93 26.03 3.91
N LEU C 236 -24.03 26.63 3.12
CA LEU C 236 -23.06 27.61 3.58
C LEU C 236 -23.66 29.02 3.53
N HIS C 237 -23.52 29.75 4.61
CA HIS C 237 -24.16 31.07 4.69
C HIS C 237 -23.18 32.25 4.61
N LEU C 238 -22.27 32.23 3.64
CA LEU C 238 -21.33 33.35 3.47
C LEU C 238 -21.18 33.74 2.02
N PRO C 239 -20.65 34.96 1.76
CA PRO C 239 -20.34 35.37 0.38
C PRO C 239 -19.23 34.50 -0.23
N LEU C 240 -19.46 34.05 -1.46
CA LEU C 240 -18.38 33.46 -2.24
C LEU C 240 -17.63 34.57 -2.96
N HIS C 241 -16.36 34.77 -2.60
CA HIS C 241 -15.57 35.82 -3.25
C HIS C 241 -15.10 35.35 -4.61
N VAL C 242 -15.52 36.05 -5.66
CA VAL C 242 -15.02 35.78 -7.00
C VAL C 242 -14.42 37.07 -7.58
N ASP C 243 -13.13 37.01 -7.94
CA ASP C 243 -12.43 38.16 -8.50
C ASP C 243 -11.96 37.88 -9.93
N LEU C 244 -12.07 38.86 -10.79
CA LEU C 244 -11.62 38.73 -12.18
C LEU C 244 -10.55 39.78 -12.42
N ASN C 245 -9.37 39.33 -12.82
CA ASN C 245 -8.24 40.23 -12.99
C ASN C 245 -8.02 41.15 -11.79
N GLY C 246 -8.20 40.60 -10.60
CA GLY C 246 -7.94 41.33 -9.37
C GLY C 246 -9.03 42.27 -8.90
N GLU C 247 -10.16 42.32 -9.62
CA GLU C 247 -11.27 43.19 -9.20
C GLU C 247 -12.45 42.35 -8.72
N PRO C 248 -13.10 42.76 -7.62
CA PRO C 248 -14.28 42.00 -7.21
C PRO C 248 -15.23 41.84 -8.38
N PHE C 249 -15.76 40.64 -8.55
CA PHE C 249 -16.68 40.36 -9.64
C PHE C 249 -17.96 39.77 -9.07
N GLY C 250 -17.78 38.92 -8.06
CA GLY C 250 -18.91 38.35 -7.33
C GLY C 250 -18.69 38.30 -5.83
N ARG C 251 -19.77 38.52 -5.09
CA ARG C 251 -19.76 38.38 -3.65
C ARG C 251 -21.11 37.80 -3.25
N ALA C 252 -21.68 36.99 -4.15
CA ALA C 252 -23.01 36.43 -3.89
C ALA C 252 -22.96 35.50 -2.69
N ASN C 253 -24.00 35.54 -1.87
CA ASN C 253 -24.05 34.75 -0.65
C ASN C 253 -24.54 33.35 -0.94
N ALA C 254 -23.77 32.35 -0.52
CA ALA C 254 -24.04 30.97 -0.87
C ALA C 254 -25.31 30.43 -0.19
N GLY C 255 -25.78 31.12 0.85
CA GLY C 255 -27.00 30.71 1.52
C GLY C 255 -28.25 31.49 1.13
N ILE C 256 -28.14 32.33 0.11
CA ILE C 256 -29.27 33.08 -0.42
C ILE C 256 -29.68 32.63 -1.85
N ASP C 257 -30.99 32.50 -2.07
CA ASP C 257 -31.51 32.05 -3.35
C ASP C 257 -31.03 30.64 -3.72
N MSE C 258 -30.60 29.87 -2.73
CA MSE C 258 -30.26 28.47 -2.96
C MSE C 258 -31.52 27.61 -2.86
O MSE C 258 -31.96 27.23 -1.76
CB MSE C 258 -29.20 27.97 -1.97
CG MSE C 258 -28.63 26.62 -2.38
SE MSE C 258 -27.43 25.87 -1.03
CE MSE C 258 -26.58 24.50 -2.12
N THR C 259 -32.10 27.31 -4.02
CA THR C 259 -33.37 26.62 -4.09
C THR C 259 -33.29 25.22 -3.51
N PHE C 260 -32.19 24.53 -3.76
CA PHE C 260 -31.97 23.20 -3.19
C PHE C 260 -30.70 23.16 -2.36
N ASP C 261 -30.81 22.70 -1.12
CA ASP C 261 -29.62 22.54 -0.31
C ASP C 261 -28.90 21.23 -0.65
N PHE C 262 -27.71 21.00 -0.09
CA PHE C 262 -26.91 19.83 -0.45
C PHE C 262 -27.61 18.48 -0.24
N PRO C 263 -28.25 18.27 0.94
CA PRO C 263 -29.03 17.04 1.14
C PRO C 263 -30.06 16.79 0.03
N GLN C 264 -30.74 17.84 -0.42
CA GLN C 264 -31.72 17.67 -1.48
C GLN C 264 -31.02 17.23 -2.78
N LEU C 265 -29.86 17.81 -3.07
CA LEU C 265 -29.10 17.41 -4.25
C LEU C 265 -28.64 15.97 -4.11
N ILE C 266 -28.18 15.61 -2.92
CA ILE C 266 -27.72 14.25 -2.67
C ILE C 266 -28.85 13.24 -2.85
N VAL C 267 -30.02 13.55 -2.27
CA VAL C 267 -31.19 12.69 -2.41
C VAL C 267 -31.60 12.55 -3.88
N HIS C 268 -31.53 13.63 -4.65
CA HIS C 268 -31.85 13.58 -6.07
C HIS C 268 -30.87 12.64 -6.81
N ALA C 269 -29.59 12.81 -6.50
CA ALA C 269 -28.56 12.02 -7.17
C ALA C 269 -28.66 10.54 -6.82
N ALA C 270 -29.20 10.21 -5.65
CA ALA C 270 -29.20 8.82 -5.20
C ALA C 270 -30.49 8.10 -5.55
N ARG C 271 -31.37 8.78 -6.27
CA ARG C 271 -32.68 8.22 -6.56
C ARG C 271 -32.58 6.84 -7.19
N THR C 272 -31.71 6.68 -8.18
CA THR C 272 -31.60 5.40 -8.89
C THR C 272 -30.20 4.81 -8.88
N ARG C 273 -29.36 5.31 -7.98
CA ARG C 273 -28.01 4.80 -7.88
C ARG C 273 -27.46 5.09 -6.48
N PRO C 274 -26.56 4.23 -6.01
CA PRO C 274 -25.80 4.55 -4.81
C PRO C 274 -24.72 5.54 -5.18
N LEU C 275 -24.20 6.27 -4.21
CA LEU C 275 -23.06 7.14 -4.44
C LEU C 275 -21.96 6.63 -3.51
N SER C 276 -20.80 6.30 -4.05
CA SER C 276 -19.81 5.70 -3.18
C SER C 276 -18.95 6.79 -2.54
N ALA C 277 -18.30 6.42 -1.44
CA ALA C 277 -17.45 7.34 -0.68
C ALA C 277 -16.43 8.06 -1.56
N GLY C 278 -16.38 9.38 -1.42
CA GLY C 278 -15.54 10.20 -2.27
C GLY C 278 -16.30 10.86 -3.41
N THR C 279 -17.59 10.55 -3.54
CA THR C 279 -18.42 11.22 -4.53
C THR C 279 -18.48 12.72 -4.20
N ILE C 280 -18.24 13.55 -5.19
CA ILE C 280 -18.30 14.99 -4.99
C ILE C 280 -19.61 15.53 -5.58
N ILE C 281 -20.34 16.34 -4.81
CA ILE C 281 -21.59 16.92 -5.27
C ILE C 281 -21.49 18.44 -5.27
N GLY C 282 -21.70 19.08 -6.41
CA GLY C 282 -21.46 20.51 -6.50
C GLY C 282 -22.77 21.25 -6.42
N SER C 283 -22.75 22.45 -5.84
CA SER C 283 -23.97 23.25 -5.69
C SER C 283 -24.46 23.78 -7.02
N GLY C 284 -23.52 24.10 -7.89
CA GLY C 284 -23.82 24.89 -9.08
C GLY C 284 -23.45 26.34 -8.80
N THR C 285 -23.37 27.13 -9.86
CA THR C 285 -22.92 28.53 -9.74
C THR C 285 -23.75 29.31 -8.71
N VAL C 286 -23.05 29.93 -7.78
CA VAL C 286 -23.71 30.69 -6.71
C VAL C 286 -24.24 31.98 -7.32
N SER C 287 -25.55 32.16 -7.25
CA SER C 287 -26.21 33.32 -7.86
C SER C 287 -27.23 33.93 -6.89
N ASN C 288 -27.27 35.27 -6.84
CA ASN C 288 -28.23 36.00 -6.01
C ASN C 288 -29.10 36.93 -6.86
N LYS C 289 -30.39 36.97 -6.53
CA LYS C 289 -31.32 37.93 -7.10
C LYS C 289 -31.14 39.27 -6.38
N LEU C 290 -31.63 40.34 -7.00
CA LEU C 290 -31.69 41.62 -6.32
C LEU C 290 -33.10 42.16 -6.46
N GLU C 291 -33.75 42.39 -5.34
CA GLU C 291 -35.14 42.83 -5.32
C GLU C 291 -36.00 41.90 -6.17
N GLY C 292 -35.66 40.61 -6.15
CA GLY C 292 -36.42 39.61 -6.87
C GLY C 292 -36.15 39.58 -8.36
N GLY C 293 -35.21 40.40 -8.83
CA GLY C 293 -34.84 40.44 -10.24
C GLY C 293 -33.35 40.18 -10.43
N PRO C 294 -32.83 40.40 -11.64
CA PRO C 294 -31.41 40.16 -11.95
C PRO C 294 -30.50 40.91 -10.99
N GLY C 295 -29.43 40.28 -10.53
CA GLY C 295 -28.50 40.96 -9.65
C GLY C 295 -27.74 42.06 -10.37
N ARG C 296 -27.12 42.95 -9.60
CA ARG C 296 -26.33 44.03 -10.16
C ARG C 296 -24.85 43.87 -9.86
N PRO C 297 -24.00 44.43 -10.72
CA PRO C 297 -22.57 44.28 -10.48
C PRO C 297 -22.17 44.77 -9.10
N VAL C 298 -21.07 44.25 -8.58
CA VAL C 298 -20.54 44.71 -7.31
C VAL C 298 -20.20 46.20 -7.37
N SER C 299 -19.64 46.65 -8.49
CA SER C 299 -19.25 48.05 -8.63
C SER C 299 -20.45 49.01 -8.56
N GLU C 300 -21.65 48.47 -8.74
CA GLU C 300 -22.88 49.25 -8.70
C GLU C 300 -23.61 49.07 -7.39
N GLY C 301 -22.94 48.43 -6.43
CA GLY C 301 -23.51 48.19 -5.12
C GLY C 301 -24.23 46.86 -4.97
N GLY C 302 -24.11 45.99 -5.97
CA GLY C 302 -24.78 44.71 -5.93
C GLY C 302 -23.89 43.60 -5.38
N ALA C 303 -24.35 42.36 -5.53
CA ALA C 303 -23.58 41.19 -5.13
C ALA C 303 -22.84 40.56 -6.31
N GLY C 304 -23.12 41.04 -7.52
CA GLY C 304 -22.41 40.51 -8.66
C GLY C 304 -22.70 39.05 -8.98
N TYR C 305 -21.70 38.37 -9.53
CA TYR C 305 -21.91 37.08 -10.17
C TYR C 305 -20.73 36.15 -9.97
N SER C 306 -20.99 34.84 -10.05
CA SER C 306 -19.92 33.87 -9.90
C SER C 306 -19.47 33.27 -11.24
N CYS C 307 -19.98 33.85 -12.33
CA CYS C 307 -19.56 33.48 -13.67
C CYS C 307 -19.86 34.62 -14.67
N ILE C 308 -19.06 34.72 -15.72
CA ILE C 308 -19.30 35.74 -16.73
C ILE C 308 -20.63 35.50 -17.46
N ALA C 309 -20.94 34.24 -17.73
CA ALA C 309 -22.15 33.92 -18.47
C ALA C 309 -23.35 34.62 -17.86
N GLU C 310 -23.44 34.63 -16.54
CA GLU C 310 -24.59 35.27 -15.91
C GLU C 310 -24.62 36.78 -16.19
N LEU C 311 -23.48 37.43 -16.09
CA LEU C 311 -23.45 38.85 -16.40
C LEU C 311 -23.92 39.08 -17.85
N ARG C 312 -23.49 38.20 -18.75
CA ARG C 312 -23.82 38.36 -20.17
C ARG C 312 -25.31 38.12 -20.48
N MSE C 313 -25.94 37.21 -19.72
CA MSE C 313 -27.38 36.97 -19.82
C MSE C 313 -28.12 38.24 -19.45
O MSE C 313 -29.03 38.69 -20.16
CB MSE C 313 -27.82 35.84 -18.87
CG MSE C 313 -27.27 34.44 -19.15
SE MSE C 313 -27.53 33.82 -20.98
CE MSE C 313 -25.91 34.56 -21.79
N ILE C 314 -27.74 38.83 -18.32
CA ILE C 314 -28.38 40.06 -17.82
C ILE C 314 -28.17 41.26 -18.75
N GLU C 315 -26.99 41.36 -19.32
CA GLU C 315 -26.72 42.38 -20.33
C GLU C 315 -27.63 42.18 -21.54
N THR C 316 -27.86 40.94 -21.93
CA THR C 316 -28.78 40.63 -23.03
C THR C 316 -30.22 41.06 -22.69
N ILE C 317 -30.71 40.63 -21.53
CA ILE C 317 -32.02 41.05 -21.05
C ILE C 317 -32.14 42.57 -20.98
N GLU C 318 -31.10 43.24 -20.48
CA GLU C 318 -31.13 44.69 -20.30
C GLU C 318 -30.94 45.50 -21.59
N GLY C 319 -30.00 45.08 -22.42
CA GLY C 319 -29.53 45.92 -23.51
C GLY C 319 -29.63 45.32 -24.90
N GLY C 320 -30.15 44.11 -25.00
CA GLY C 320 -30.33 43.47 -26.29
C GLY C 320 -29.22 42.48 -26.63
N ALA C 321 -28.05 42.63 -26.02
CA ALA C 321 -26.91 41.75 -26.32
C ALA C 321 -25.87 41.72 -25.20
N PRO C 322 -25.07 40.64 -25.17
CA PRO C 322 -23.93 40.57 -24.23
C PRO C 322 -22.93 41.69 -24.52
N LYS C 323 -22.23 42.17 -23.51
CA LYS C 323 -21.17 43.16 -23.70
C LYS C 323 -19.83 42.73 -23.10
N THR C 324 -19.88 42.05 -21.95
CA THR C 324 -18.65 41.64 -21.27
C THR C 324 -18.06 40.39 -21.91
N GLN C 325 -16.77 40.44 -22.24
CA GLN C 325 -16.06 39.32 -22.87
C GLN C 325 -15.93 38.14 -21.92
N PHE C 326 -15.85 36.92 -22.46
CA PHE C 326 -15.42 35.79 -21.66
C PHE C 326 -13.91 35.87 -21.41
N LEU C 327 -13.39 34.94 -20.61
CA LEU C 327 -11.97 34.91 -20.25
C LEU C 327 -11.07 34.78 -21.47
N LYS C 328 -9.99 35.56 -21.47
CA LYS C 328 -9.02 35.51 -22.55
C LYS C 328 -7.65 35.17 -21.97
N PHE C 329 -6.76 34.66 -22.82
CA PHE C 329 -5.40 34.35 -22.41
C PHE C 329 -4.82 35.54 -21.64
N GLY C 330 -4.33 35.27 -20.43
CA GLY C 330 -3.75 36.29 -19.58
C GLY C 330 -4.64 36.64 -18.40
N ASP C 331 -5.95 36.36 -18.52
CA ASP C 331 -6.89 36.72 -17.46
C ASP C 331 -6.58 35.90 -16.21
N VAL C 332 -6.93 36.42 -15.04
CA VAL C 332 -6.72 35.70 -13.81
C VAL C 332 -8.01 35.70 -13.00
N VAL C 333 -8.36 34.52 -12.49
CA VAL C 333 -9.62 34.33 -11.79
C VAL C 333 -9.29 33.86 -10.38
N ARG C 334 -9.97 34.40 -9.39
CA ARG C 334 -9.74 34.00 -8.00
C ARG C 334 -11.06 33.74 -7.30
N ILE C 335 -11.12 32.64 -6.55
CA ILE C 335 -12.32 32.21 -5.86
C ILE C 335 -11.95 31.77 -4.44
N GLU C 336 -12.58 32.36 -3.43
CA GLU C 336 -12.31 32.00 -2.05
C GLU C 336 -13.52 32.40 -1.22
N MSE C 337 -13.55 32.01 0.05
CA MSE C 337 -14.65 32.36 0.94
C MSE C 337 -14.07 32.62 2.32
O MSE C 337 -13.21 31.86 2.79
CB MSE C 337 -15.68 31.21 1.00
CG MSE C 337 -16.78 31.40 2.04
SE MSE C 337 -18.18 30.02 1.93
CE MSE C 337 -18.91 30.38 0.14
N LYS C 338 -14.52 33.70 2.95
CA LYS C 338 -14.00 34.11 4.25
C LYS C 338 -15.05 33.97 5.33
N ASP C 339 -14.63 33.62 6.54
CA ASP C 339 -15.57 33.53 7.65
C ASP C 339 -15.94 34.93 8.12
N ARG C 340 -16.86 35.02 9.07
CA ARG C 340 -17.36 36.33 9.47
C ARG C 340 -16.24 37.23 10.00
N THR C 341 -15.11 36.63 10.39
CA THR C 341 -14.00 37.40 10.94
C THR C 341 -13.01 37.86 9.85
N GLY C 342 -13.21 37.39 8.62
CA GLY C 342 -12.38 37.81 7.51
C GLY C 342 -11.28 36.81 7.13
N HIS C 343 -11.26 35.66 7.80
CA HIS C 343 -10.24 34.64 7.53
C HIS C 343 -10.71 33.62 6.49
N SER C 344 -9.83 33.33 5.54
CA SER C 344 -10.13 32.40 4.46
C SER C 344 -10.37 31.02 5.04
N ILE C 345 -11.49 30.41 4.68
CA ILE C 345 -11.80 29.09 5.18
C ILE C 345 -11.07 28.02 4.37
N PHE C 346 -11.16 28.09 3.03
CA PHE C 346 -10.67 27.00 2.19
C PHE C 346 -9.35 27.22 1.46
N GLY C 347 -8.70 28.36 1.69
CA GLY C 347 -7.65 28.80 0.78
C GLY C 347 -8.25 29.29 -0.54
N ALA C 348 -7.41 29.79 -1.43
CA ALA C 348 -7.90 30.35 -2.68
C ALA C 348 -7.67 29.46 -3.88
N ILE C 349 -8.66 29.41 -4.76
CA ILE C 349 -8.45 28.98 -6.13
C ILE C 349 -8.02 30.25 -6.83
N GLU C 350 -6.88 30.20 -7.49
CA GLU C 350 -6.43 31.34 -8.26
C GLU C 350 -5.72 30.88 -9.52
N GLN C 351 -6.29 31.20 -10.68
CA GLN C 351 -5.86 30.54 -11.91
C GLN C 351 -5.70 31.51 -13.05
N LYS C 352 -4.57 31.41 -13.75
CA LYS C 352 -4.35 32.20 -14.94
C LYS C 352 -4.78 31.42 -16.18
N VAL C 353 -5.50 32.09 -17.07
CA VAL C 353 -5.89 31.47 -18.33
C VAL C 353 -4.74 31.59 -19.34
N GLY C 354 -4.42 30.48 -19.99
CA GLY C 354 -3.32 30.46 -20.92
C GLY C 354 -3.52 29.49 -22.07
N LYS C 355 -2.65 29.62 -23.07
CA LYS C 355 -2.72 28.83 -24.27
C LYS C 355 -2.16 27.43 -24.04
N TYR C 356 -2.93 26.40 -24.39
CA TYR C 356 -2.45 25.02 -24.42
C TYR C 356 -1.80 24.74 -25.76
N GLU C 357 -0.59 24.20 -25.74
CA GLU C 357 0.06 23.77 -26.97
C GLU C 357 0.69 22.39 -26.76
N ARG C 358 0.41 21.47 -27.68
CA ARG C 358 0.97 20.12 -27.58
C ARG C 358 2.48 20.21 -27.50
N GLN D 20 0.99 -12.22 -27.69
CA GLN D 20 0.11 -13.40 -27.70
C GLN D 20 -1.19 -13.18 -26.91
N GLY D 21 -1.26 -12.08 -26.16
CA GLY D 21 -2.52 -11.65 -25.55
C GLY D 21 -2.73 -12.11 -24.12
N MSE D 22 -3.63 -11.42 -23.41
CA MSE D 22 -3.99 -11.85 -22.06
C MSE D 22 -5.38 -11.39 -21.61
O MSE D 22 -5.98 -10.48 -22.21
CB MSE D 22 -2.92 -11.43 -21.04
CG MSE D 22 -2.76 -9.94 -20.83
SE MSE D 22 -1.55 -9.55 -19.34
CE MSE D 22 -1.47 -7.61 -19.59
N LYS D 23 -5.85 -12.04 -20.55
CA LYS D 23 -7.16 -11.74 -19.99
C LYS D 23 -7.05 -11.39 -18.51
N LEU D 24 -7.68 -10.28 -18.11
CA LEU D 24 -7.64 -9.80 -16.74
C LEU D 24 -9.04 -9.72 -16.10
N ALA D 25 -9.12 -9.97 -14.80
CA ALA D 25 -10.39 -9.85 -14.08
C ALA D 25 -10.15 -9.32 -12.69
N THR D 26 -11.24 -8.87 -12.06
CA THR D 26 -11.22 -8.45 -10.66
C THR D 26 -12.19 -9.31 -9.86
N LEU D 27 -11.68 -10.03 -8.85
CA LEU D 27 -12.56 -10.81 -7.98
C LEU D 27 -13.05 -9.94 -6.83
N LYS D 28 -14.33 -10.08 -6.49
CA LYS D 28 -14.87 -9.31 -5.37
C LYS D 28 -14.12 -9.74 -4.12
N ASP D 29 -13.83 -8.79 -3.25
CA ASP D 29 -13.32 -9.16 -1.92
C ASP D 29 -13.74 -8.11 -0.90
N SER D 30 -13.12 -8.12 0.28
CA SER D 30 -13.53 -7.20 1.34
C SER D 30 -13.16 -5.75 1.04
N THR D 31 -12.44 -5.50 -0.07
CA THR D 31 -11.99 -4.15 -0.38
C THR D 31 -12.81 -3.56 -1.55
N ARG D 32 -12.77 -2.24 -1.71
CA ARG D 32 -13.62 -1.58 -2.69
C ARG D 32 -13.16 -1.79 -4.14
N ASP D 33 -11.87 -2.02 -4.33
CA ASP D 33 -11.32 -2.19 -5.67
C ASP D 33 -11.11 -3.64 -6.09
N GLY D 34 -11.43 -4.56 -5.18
CA GLY D 34 -11.38 -5.98 -5.52
C GLY D 34 -9.98 -6.52 -5.69
N LYS D 35 -9.89 -7.77 -6.13
CA LYS D 35 -8.59 -8.45 -6.22
C LYS D 35 -8.26 -8.76 -7.66
N LEU D 36 -7.16 -8.19 -8.15
CA LEU D 36 -6.75 -8.39 -9.55
C LEU D 36 -6.19 -9.80 -9.79
N VAL D 37 -6.70 -10.47 -10.82
CA VAL D 37 -6.17 -11.77 -11.24
C VAL D 37 -6.00 -11.86 -12.78
N VAL D 38 -5.04 -12.67 -13.20
CA VAL D 38 -4.87 -12.98 -14.61
C VAL D 38 -5.68 -14.24 -14.89
N VAL D 39 -6.40 -14.24 -16.00
CA VAL D 39 -7.33 -15.31 -16.33
C VAL D 39 -6.92 -16.08 -17.61
N SER D 40 -7.01 -17.41 -17.54
CA SER D 40 -6.68 -18.29 -18.66
C SER D 40 -7.62 -18.03 -19.85
N LYS D 41 -7.14 -18.34 -21.04
CA LYS D 41 -7.93 -18.05 -22.24
C LYS D 41 -9.31 -18.72 -22.18
N ASP D 42 -9.37 -19.92 -21.62
CA ASP D 42 -10.61 -20.65 -21.54
C ASP D 42 -11.48 -20.23 -20.36
N LEU D 43 -11.05 -19.19 -19.64
CA LEU D 43 -11.81 -18.63 -18.53
C LEU D 43 -12.12 -19.62 -17.39
N THR D 44 -11.31 -20.67 -17.25
CA THR D 44 -11.53 -21.64 -16.18
C THR D 44 -10.59 -21.44 -15.00
N ARG D 45 -9.44 -20.83 -15.25
CA ARG D 45 -8.42 -20.66 -14.20
C ARG D 45 -7.90 -19.23 -14.11
N CYS D 46 -7.44 -18.84 -12.92
CA CYS D 46 -6.86 -17.51 -12.74
C CYS D 46 -5.74 -17.56 -11.71
N SER D 47 -4.87 -16.55 -11.73
CA SER D 47 -3.84 -16.41 -10.71
C SER D 47 -3.84 -15.00 -10.10
N GLU D 48 -3.84 -14.93 -8.78
CA GLU D 48 -3.74 -13.64 -8.11
C GLU D 48 -2.34 -13.14 -8.42
N VAL D 49 -2.14 -11.84 -8.51
CA VAL D 49 -0.82 -11.32 -8.85
C VAL D 49 -0.34 -10.20 -7.93
N GLY D 50 -0.47 -10.42 -6.62
CA GLY D 50 -0.21 -9.37 -5.63
C GLY D 50 1.20 -8.80 -5.56
N HIS D 51 2.16 -9.50 -6.12
CA HIS D 51 3.54 -8.99 -6.16
C HIS D 51 3.68 -7.97 -7.30
N ILE D 52 2.70 -7.94 -8.20
CA ILE D 52 2.74 -6.97 -9.31
C ILE D 52 1.74 -5.83 -9.10
N ALA D 53 0.46 -6.18 -8.99
CA ALA D 53 -0.59 -5.21 -8.71
C ALA D 53 -1.71 -5.85 -7.91
N ARG D 54 -2.20 -5.16 -6.89
CA ARG D 54 -3.33 -5.64 -6.09
C ARG D 54 -4.64 -5.48 -6.86
N THR D 55 -4.70 -4.46 -7.70
CA THR D 55 -5.93 -4.05 -8.39
C THR D 55 -5.68 -3.70 -9.85
N LEU D 56 -6.71 -3.87 -10.66
CA LEU D 56 -6.58 -3.48 -12.07
C LEU D 56 -6.15 -2.02 -12.21
N GLN D 57 -6.76 -1.14 -11.43
CA GLN D 57 -6.40 0.27 -11.54
C GLN D 57 -4.91 0.51 -11.27
N ALA D 58 -4.35 -0.20 -10.30
CA ALA D 58 -2.94 -0.01 -9.98
C ALA D 58 -2.06 -0.51 -11.14
N ALA D 59 -2.50 -1.58 -11.78
CA ALA D 59 -1.83 -2.05 -12.99
C ALA D 59 -1.86 -1.00 -14.12
N LEU D 60 -3.05 -0.47 -14.41
CA LEU D 60 -3.17 0.60 -15.40
C LEU D 60 -2.36 1.86 -15.06
N ASP D 61 -2.31 2.21 -13.77
CA ASP D 61 -1.60 3.40 -13.31
C ASP D 61 -0.14 3.34 -13.72
N ASP D 62 0.41 2.12 -13.77
CA ASP D 62 1.84 1.91 -13.98
C ASP D 62 2.07 0.92 -15.13
N TRP D 63 1.19 0.99 -16.12
CA TRP D 63 1.12 -0.02 -17.16
C TRP D 63 2.42 -0.28 -17.91
N ALA D 64 3.19 0.77 -18.19
CA ALA D 64 4.41 0.61 -18.95
C ALA D 64 5.29 -0.43 -18.29
N HIS D 65 5.23 -0.49 -16.96
CA HIS D 65 6.03 -1.44 -16.23
C HIS D 65 5.25 -2.68 -15.80
N ALA D 66 4.00 -2.49 -15.37
CA ALA D 66 3.20 -3.61 -14.89
C ALA D 66 2.75 -4.53 -16.01
N GLY D 67 2.39 -3.97 -17.16
CA GLY D 67 1.86 -4.73 -18.27
C GLY D 67 2.68 -5.95 -18.67
N PRO D 68 3.97 -5.75 -18.91
CA PRO D 68 4.80 -6.88 -19.36
C PRO D 68 4.93 -7.95 -18.27
N ARG D 69 4.83 -7.54 -17.02
CA ARG D 69 4.93 -8.49 -15.91
C ARG D 69 3.69 -9.38 -15.92
N LEU D 70 2.53 -8.77 -16.11
CA LEU D 70 1.27 -9.50 -16.21
C LEU D 70 1.29 -10.45 -17.42
N GLU D 71 1.88 -10.00 -18.52
CA GLU D 71 2.02 -10.83 -19.72
C GLU D 71 2.81 -12.12 -19.43
N ARG D 72 3.86 -11.99 -18.65
CA ARG D 72 4.67 -13.15 -18.29
C ARG D 72 3.88 -14.13 -17.43
N VAL D 73 3.01 -13.61 -16.57
CA VAL D 73 2.12 -14.47 -15.80
C VAL D 73 1.12 -15.16 -16.73
N ALA D 74 0.59 -14.41 -17.68
CA ALA D 74 -0.40 -14.95 -18.60
C ALA D 74 0.16 -16.17 -19.33
N GLU D 75 1.43 -16.11 -19.69
CA GLU D 75 2.02 -17.19 -20.47
C GLU D 75 2.43 -18.35 -19.57
N GLY D 76 2.73 -18.05 -18.31
CA GLY D 76 2.95 -19.07 -17.31
C GLY D 76 1.68 -19.85 -17.03
N ILE D 77 0.54 -19.21 -17.21
CA ILE D 77 -0.76 -19.86 -16.99
C ILE D 77 -1.07 -20.80 -18.14
N GLU D 78 -0.74 -20.36 -19.34
CA GLU D 78 -1.04 -21.12 -20.55
C GLU D 78 -0.14 -22.35 -20.68
N THR D 79 1.08 -22.27 -20.18
CA THR D 79 2.00 -23.41 -20.16
C THR D 79 1.74 -24.33 -18.97
N GLY D 80 1.50 -23.74 -17.80
CA GLY D 80 1.23 -24.53 -16.61
C GLY D 80 2.24 -24.32 -15.52
N ALA D 81 3.26 -23.52 -15.81
CA ALA D 81 4.25 -23.16 -14.80
C ALA D 81 3.61 -22.36 -13.67
N GLN D 82 2.54 -21.64 -14.01
CA GLN D 82 1.88 -20.76 -13.07
C GLN D 82 0.77 -21.46 -12.29
N PRO D 83 0.93 -21.55 -10.97
CA PRO D 83 -0.15 -22.08 -10.13
C PRO D 83 -1.40 -21.21 -10.27
N THR D 84 -2.57 -21.82 -10.38
CA THR D 84 -3.82 -21.09 -10.53
C THR D 84 -4.93 -21.68 -9.69
N MSE D 85 -6.03 -20.96 -9.59
CA MSE D 85 -7.25 -21.47 -8.95
C MSE D 85 -8.40 -21.38 -9.96
O MSE D 85 -8.27 -20.75 -11.00
CB MSE D 85 -7.58 -20.66 -7.70
CG MSE D 85 -7.79 -19.17 -7.97
SE MSE D 85 -8.10 -18.09 -6.36
CE MSE D 85 -7.88 -16.34 -7.17
N ARG D 86 -9.53 -22.02 -9.63
CA ARG D 86 -10.73 -21.95 -10.47
C ARG D 86 -11.21 -20.50 -10.63
N PHE D 87 -11.51 -20.11 -11.86
CA PHE D 87 -12.10 -18.80 -12.10
C PHE D 87 -13.61 -18.96 -12.13
N HIS D 88 -14.31 -18.22 -11.26
CA HIS D 88 -15.77 -18.24 -11.23
C HIS D 88 -16.38 -16.89 -11.66
N GLU D 89 -17.02 -16.88 -12.82
CA GLU D 89 -17.68 -15.67 -13.28
C GLU D 89 -18.67 -15.10 -12.25
N HIS D 90 -19.26 -15.96 -11.42
CA HIS D 90 -20.19 -15.49 -10.39
C HIS D 90 -19.54 -14.70 -9.26
N ASP D 91 -18.21 -14.78 -9.17
CA ASP D 91 -17.48 -14.11 -8.09
C ASP D 91 -16.74 -12.87 -8.55
N ALA D 92 -16.81 -12.59 -9.85
CA ALA D 92 -16.07 -11.48 -10.41
C ALA D 92 -16.86 -10.20 -10.23
N ALA D 93 -16.15 -9.11 -9.94
CA ALA D 93 -16.71 -7.77 -10.06
C ALA D 93 -16.57 -7.37 -11.51
N SER D 94 -16.96 -6.14 -11.83
CA SER D 94 -16.55 -5.55 -13.09
C SER D 94 -15.05 -5.35 -13.00
N PRO D 95 -14.33 -5.57 -14.11
CA PRO D 95 -12.86 -5.44 -14.12
C PRO D 95 -12.39 -4.18 -13.39
N LEU D 96 -13.05 -3.04 -13.60
CA LEU D 96 -12.89 -1.89 -12.70
C LEU D 96 -14.19 -1.67 -11.93
N PRO D 97 -14.23 -2.12 -10.67
CA PRO D 97 -15.45 -2.03 -9.85
C PRO D 97 -15.86 -0.57 -9.66
N ARG D 98 -14.86 0.29 -9.53
CA ARG D 98 -15.07 1.72 -9.60
C ARG D 98 -13.97 2.26 -10.51
N ALA D 99 -14.36 3.20 -11.39
CA ALA D 99 -13.44 3.82 -12.34
C ALA D 99 -13.51 5.33 -12.21
N PHE D 100 -12.46 5.99 -12.64
CA PHE D 100 -12.36 7.44 -12.62
C PHE D 100 -13.12 8.11 -13.76
N GLN D 101 -13.44 7.34 -14.78
CA GLN D 101 -14.21 7.88 -15.90
C GLN D 101 -14.92 6.80 -16.69
N TRP D 102 -16.18 7.09 -17.03
CA TRP D 102 -16.97 6.23 -17.91
C TRP D 102 -17.67 7.18 -18.89
N ALA D 103 -17.30 7.09 -20.16
CA ALA D 103 -17.81 7.98 -21.18
C ALA D 103 -18.25 7.09 -22.35
N ASP D 104 -19.49 7.25 -22.74
CA ASP D 104 -20.14 6.29 -23.60
C ASP D 104 -20.62 6.99 -24.87
N GLY D 105 -20.17 6.49 -26.02
CA GLY D 105 -20.59 7.06 -27.28
C GLY D 105 -21.85 6.38 -27.77
N SER D 106 -22.32 6.80 -28.95
CA SER D 106 -23.32 6.06 -29.71
C SER D 106 -22.73 5.92 -31.10
N ALA D 107 -21.75 5.04 -31.25
CA ALA D 107 -21.00 4.90 -32.49
C ALA D 107 -21.83 4.39 -33.67
N TYR D 108 -22.93 3.71 -33.37
CA TYR D 108 -23.78 3.13 -34.41
C TYR D 108 -24.94 4.08 -34.67
N VAL D 109 -24.69 5.06 -35.51
CA VAL D 109 -25.58 6.20 -35.67
C VAL D 109 -26.95 5.78 -36.20
N ASN D 110 -27.01 4.62 -36.84
CA ASN D 110 -28.28 4.03 -37.19
C ASN D 110 -29.24 3.99 -36.00
N HIS D 111 -28.74 3.57 -34.84
CA HIS D 111 -29.58 3.48 -33.65
C HIS D 111 -30.22 4.81 -33.28
N VAL D 112 -29.46 5.89 -33.40
CA VAL D 112 -30.01 7.20 -33.05
C VAL D 112 -30.88 7.75 -34.18
N GLU D 113 -30.54 7.41 -35.41
CA GLU D 113 -31.36 7.82 -36.56
C GLU D 113 -32.76 7.24 -36.42
N LEU D 114 -32.84 6.07 -35.81
CA LEU D 114 -34.11 5.42 -35.54
C LEU D 114 -34.94 6.22 -34.55
N VAL D 115 -34.37 6.54 -33.39
CA VAL D 115 -35.11 7.28 -32.38
C VAL D 115 -35.52 8.67 -32.86
N ARG D 116 -34.71 9.27 -33.74
CA ARG D 116 -35.05 10.55 -34.34
C ARG D 116 -36.26 10.40 -35.25
N LYS D 117 -36.31 9.26 -35.95
CA LYS D 117 -37.41 8.97 -36.85
C LYS D 117 -38.69 8.60 -36.10
N ALA D 118 -38.52 8.08 -34.89
CA ALA D 118 -39.68 7.72 -34.07
C ALA D 118 -40.39 8.97 -33.56
N ARG D 119 -39.63 9.95 -33.10
CA ARG D 119 -40.18 11.23 -32.66
C ARG D 119 -40.56 12.06 -33.88
N ASN D 120 -40.54 11.41 -35.04
CA ASN D 120 -40.74 12.07 -36.32
C ASN D 120 -40.02 13.41 -36.42
N ALA D 121 -38.83 13.46 -35.82
CA ALA D 121 -37.91 14.58 -36.02
C ALA D 121 -36.89 14.13 -37.06
N GLU D 122 -36.23 15.08 -37.70
CA GLU D 122 -35.20 14.75 -38.68
C GLU D 122 -33.80 14.91 -38.10
N MSE D 123 -32.96 13.92 -38.35
CA MSE D 123 -31.59 13.97 -37.87
C MSE D 123 -30.72 14.71 -38.87
O MSE D 123 -30.62 14.31 -40.03
CB MSE D 123 -31.06 12.55 -37.65
CG MSE D 123 -29.80 12.51 -36.81
SE MSE D 123 -29.00 10.73 -36.77
CE MSE D 123 -28.66 10.50 -38.68
N PRO D 124 -30.08 15.80 -38.42
CA PRO D 124 -29.16 16.59 -39.25
C PRO D 124 -27.97 15.73 -39.72
N ALA D 125 -27.35 16.11 -40.83
CA ALA D 125 -26.26 15.32 -41.41
C ALA D 125 -24.98 15.36 -40.57
N SER D 126 -24.91 16.31 -39.65
CA SER D 126 -23.75 16.46 -38.80
C SER D 126 -23.48 15.17 -38.01
N PHE D 127 -24.55 14.41 -37.77
CA PHE D 127 -24.48 13.21 -36.94
C PHE D 127 -23.64 12.09 -37.56
N TRP D 128 -23.53 12.07 -38.88
CA TRP D 128 -22.69 11.08 -39.55
C TRP D 128 -21.21 11.43 -39.48
N THR D 129 -20.91 12.62 -38.95
CA THR D 129 -19.52 13.08 -38.88
C THR D 129 -19.09 13.59 -37.50
N ASP D 130 -20.06 13.88 -36.63
CA ASP D 130 -19.74 14.38 -35.29
C ASP D 130 -20.29 13.49 -34.17
N PRO D 131 -19.42 12.69 -33.55
CA PRO D 131 -19.82 11.65 -32.59
C PRO D 131 -20.57 12.20 -31.38
N LEU D 132 -21.51 11.40 -30.86
CA LEU D 132 -22.17 11.70 -29.58
C LEU D 132 -21.39 11.02 -28.46
N ILE D 133 -21.34 11.66 -27.30
CA ILE D 133 -20.73 11.04 -26.12
C ILE D 133 -21.41 11.59 -24.87
N TYR D 134 -21.58 10.78 -23.84
CA TYR D 134 -22.09 11.29 -22.55
C TYR D 134 -21.27 10.75 -21.40
N GLN D 135 -21.22 11.53 -20.33
CA GLN D 135 -20.51 11.19 -19.11
C GLN D 135 -21.46 10.35 -18.25
N GLY D 136 -21.04 9.14 -17.89
CA GLY D 136 -21.89 8.24 -17.11
C GLY D 136 -21.34 8.01 -15.70
N GLY D 137 -22.12 7.36 -14.83
CA GLY D 137 -21.67 7.07 -13.48
C GLY D 137 -20.59 5.99 -13.51
N SER D 138 -19.47 6.22 -12.84
CA SER D 138 -18.38 5.25 -12.93
C SER D 138 -17.97 4.69 -11.56
N ASP D 139 -18.70 5.05 -10.52
CA ASP D 139 -18.24 4.76 -9.17
C ASP D 139 -18.86 3.54 -8.49
N SER D 140 -19.86 2.93 -9.11
CA SER D 140 -20.62 1.84 -8.47
C SER D 140 -21.07 0.75 -9.43
N PHE D 141 -20.17 0.25 -10.27
CA PHE D 141 -20.58 -0.72 -11.30
C PHE D 141 -21.06 -2.03 -10.70
N LEU D 142 -22.01 -2.67 -11.36
CA LEU D 142 -22.47 -3.96 -10.89
C LEU D 142 -21.52 -5.04 -11.42
N GLY D 143 -21.38 -6.13 -10.67
CA GLY D 143 -20.66 -7.29 -11.16
C GLY D 143 -21.45 -7.94 -12.28
N PRO D 144 -20.75 -8.62 -13.21
CA PRO D 144 -21.32 -9.26 -14.40
C PRO D 144 -22.53 -10.15 -14.09
N ARG D 145 -22.51 -10.82 -12.95
CA ARG D 145 -23.60 -11.74 -12.61
C ARG D 145 -24.53 -11.15 -11.57
N ASP D 146 -24.25 -9.91 -11.19
CA ASP D 146 -25.06 -9.19 -10.20
C ASP D 146 -26.45 -8.87 -10.76
N PRO D 147 -27.48 -9.01 -9.92
CA PRO D 147 -28.84 -8.68 -10.37
C PRO D 147 -29.04 -7.18 -10.55
N ILE D 148 -29.88 -6.81 -11.51
CA ILE D 148 -30.27 -5.42 -11.73
C ILE D 148 -31.46 -5.05 -10.84
N LEU D 149 -31.19 -4.36 -9.73
CA LEU D 149 -32.21 -4.05 -8.76
C LEU D 149 -32.69 -2.60 -8.90
N MSE D 150 -33.99 -2.44 -9.18
CA MSE D 150 -34.62 -1.11 -9.28
C MSE D 150 -35.82 -1.04 -8.35
O MSE D 150 -36.47 -2.05 -8.10
CB MSE D 150 -35.07 -0.82 -10.72
CG MSE D 150 -33.97 -0.43 -11.70
SE MSE D 150 -32.76 0.98 -11.07
CE MSE D 150 -34.01 2.37 -10.64
N ALA D 151 -36.13 0.15 -7.86
CA ALA D 151 -37.32 0.32 -7.03
C ALA D 151 -38.62 0.05 -7.79
N ASP D 152 -38.65 0.40 -9.08
CA ASP D 152 -39.88 0.32 -9.87
C ASP D 152 -39.59 -0.18 -11.30
N ASP D 153 -40.18 -1.31 -11.67
CA ASP D 153 -39.97 -1.82 -13.03
C ASP D 153 -40.91 -1.14 -14.03
N ALA D 154 -41.56 -0.08 -13.58
CA ALA D 154 -42.37 0.75 -14.47
C ALA D 154 -41.49 1.85 -15.10
N TRP D 155 -40.25 1.95 -14.63
CA TRP D 155 -39.33 2.96 -15.14
C TRP D 155 -38.77 2.64 -16.53
N GLY D 156 -39.34 1.63 -17.19
CA GLY D 156 -38.87 1.21 -18.51
C GLY D 156 -37.44 0.73 -18.49
N ILE D 157 -37.17 -0.30 -17.67
CA ILE D 157 -35.84 -0.89 -17.56
C ILE D 157 -35.37 -1.56 -18.86
N ASP D 158 -34.18 -1.19 -19.33
CA ASP D 158 -33.69 -1.70 -20.60
C ASP D 158 -32.21 -2.08 -20.46
N MSE D 159 -31.81 -3.15 -21.15
CA MSE D 159 -30.38 -3.43 -21.24
C MSE D 159 -29.85 -2.69 -22.46
O MSE D 159 -30.63 -2.20 -23.29
CB MSE D 159 -30.10 -4.93 -21.32
CG MSE D 159 -30.32 -5.57 -22.67
SE MSE D 159 -32.20 -5.61 -23.16
CE MSE D 159 -32.13 -6.92 -24.60
N GLU D 160 -28.53 -2.60 -22.57
CA GLU D 160 -27.91 -1.99 -23.74
C GLU D 160 -26.51 -2.58 -23.91
N GLY D 161 -26.41 -3.56 -24.80
CA GLY D 161 -25.17 -4.28 -25.03
C GLY D 161 -24.22 -3.46 -25.88
N GLU D 162 -22.99 -3.29 -25.39
CA GLU D 162 -21.97 -2.55 -26.11
C GLU D 162 -20.62 -3.18 -25.87
N ALA D 163 -19.60 -2.63 -26.51
CA ALA D 163 -18.21 -2.95 -26.17
C ALA D 163 -17.58 -1.66 -25.64
N ALA D 164 -16.52 -1.81 -24.84
CA ALA D 164 -15.84 -0.66 -24.27
C ALA D 164 -14.35 -0.91 -24.26
N VAL D 165 -13.58 0.15 -24.38
CA VAL D 165 -12.12 0.04 -24.21
C VAL D 165 -11.68 0.76 -22.95
N ILE D 166 -10.59 0.28 -22.36
CA ILE D 166 -9.95 1.01 -21.27
C ILE D 166 -8.67 1.58 -21.85
N VAL D 167 -8.47 2.87 -21.67
CA VAL D 167 -7.28 3.53 -22.17
C VAL D 167 -6.26 3.90 -21.10
N ASP D 168 -4.99 3.93 -21.52
CA ASP D 168 -3.90 4.55 -20.77
C ASP D 168 -4.11 6.08 -20.75
N ASP D 169 -3.17 6.83 -20.19
CA ASP D 169 -3.28 8.28 -20.28
C ASP D 169 -3.37 8.78 -21.74
N VAL D 170 -4.32 9.69 -21.97
CA VAL D 170 -4.52 10.34 -23.26
C VAL D 170 -4.44 11.84 -23.03
N PRO D 171 -3.55 12.52 -23.76
CA PRO D 171 -3.34 13.96 -23.59
C PRO D 171 -4.49 14.72 -24.21
N MSE D 172 -4.69 15.95 -23.76
CA MSE D 172 -5.68 16.82 -24.38
C MSE D 172 -5.27 17.10 -25.84
O MSE D 172 -4.10 17.33 -26.12
CB MSE D 172 -5.79 18.12 -23.58
CG MSE D 172 -6.77 19.11 -24.21
SE MSE D 172 -7.37 20.40 -22.81
CE MSE D 172 -5.67 21.26 -22.54
N GLY D 173 -6.24 17.07 -26.77
CA GLY D 173 -5.90 17.29 -28.18
C GLY D 173 -5.19 16.09 -28.80
N ALA D 174 -5.42 14.91 -28.24
CA ALA D 174 -4.83 13.66 -28.74
C ALA D 174 -5.12 13.45 -30.23
N THR D 175 -4.17 12.90 -30.96
CA THR D 175 -4.36 12.57 -32.37
C THR D 175 -4.91 11.14 -32.45
N LEU D 176 -5.31 10.74 -33.65
CA LEU D 176 -5.76 9.37 -33.87
C LEU D 176 -4.65 8.38 -33.56
N ASP D 177 -3.41 8.72 -33.90
CA ASP D 177 -2.31 7.78 -33.62
C ASP D 177 -2.19 7.58 -32.12
N GLU D 178 -2.28 8.68 -31.38
CA GLU D 178 -2.12 8.59 -29.93
C GLU D 178 -3.28 7.83 -29.29
N ALA D 179 -4.47 8.03 -29.86
CA ALA D 179 -5.70 7.44 -29.33
C ALA D 179 -5.65 5.93 -29.49
N LYS D 180 -5.22 5.48 -30.67
CA LYS D 180 -5.11 4.06 -30.94
C LYS D 180 -4.08 3.41 -30.03
N ALA D 181 -2.91 4.04 -29.92
CA ALA D 181 -1.82 3.52 -29.12
C ALA D 181 -2.17 3.46 -27.63
N ALA D 182 -3.17 4.21 -27.19
CA ALA D 182 -3.52 4.24 -25.77
C ALA D 182 -4.53 3.17 -25.36
N ILE D 183 -5.11 2.43 -26.31
CA ILE D 183 -6.04 1.37 -25.95
C ILE D 183 -5.31 0.19 -25.32
N ARG D 184 -5.70 -0.18 -24.11
CA ARG D 184 -4.99 -1.21 -23.35
C ARG D 184 -5.81 -2.50 -23.25
N LEU D 185 -7.11 -2.34 -23.03
CA LEU D 185 -8.02 -3.46 -22.78
C LEU D 185 -9.37 -3.24 -23.43
N VAL D 186 -10.05 -4.35 -23.74
CA VAL D 186 -11.38 -4.32 -24.32
C VAL D 186 -12.31 -5.17 -23.45
N MSE D 187 -13.56 -4.78 -23.34
CA MSE D 187 -14.54 -5.57 -22.59
C MSE D 187 -15.96 -5.31 -23.09
O MSE D 187 -16.17 -4.48 -23.98
CB MSE D 187 -14.44 -5.34 -21.05
CG MSE D 187 -14.53 -3.90 -20.62
SE MSE D 187 -14.13 -3.59 -18.70
CE MSE D 187 -14.23 -1.61 -18.76
N LEU D 188 -16.91 -6.04 -22.53
CA LEU D 188 -18.31 -5.90 -22.90
C LEU D 188 -19.05 -5.17 -21.80
N VAL D 189 -20.14 -4.49 -22.17
CA VAL D 189 -20.87 -3.70 -21.20
C VAL D 189 -22.39 -3.85 -21.35
N ASN D 190 -23.08 -3.70 -20.24
CA ASN D 190 -24.52 -3.56 -20.22
C ASN D 190 -24.83 -2.19 -19.67
N ASP D 191 -25.12 -1.23 -20.55
CA ASP D 191 -25.42 0.13 -20.13
C ASP D 191 -26.88 0.21 -19.70
N VAL D 192 -27.15 -0.21 -18.47
CA VAL D 192 -28.50 -0.24 -17.93
C VAL D 192 -29.16 1.13 -18.07
N SER D 193 -30.37 1.13 -18.62
CA SER D 193 -31.08 2.38 -18.89
C SER D 193 -32.48 2.33 -18.31
N LEU D 194 -32.97 3.47 -17.83
CA LEU D 194 -34.36 3.57 -17.42
C LEU D 194 -35.08 4.43 -18.43
N ARG D 195 -35.58 3.78 -19.48
CA ARG D 195 -36.16 4.46 -20.63
C ARG D 195 -37.36 5.33 -20.27
N GLY D 196 -38.08 4.93 -19.22
CA GLY D 196 -39.23 5.71 -18.78
C GLY D 196 -38.85 7.09 -18.32
N LEU D 197 -37.66 7.21 -17.73
CA LEU D 197 -37.22 8.48 -17.16
C LEU D 197 -36.36 9.30 -18.12
N ILE D 198 -36.00 8.72 -19.26
CA ILE D 198 -35.11 9.40 -20.19
C ILE D 198 -35.70 10.69 -20.77
N PRO D 199 -36.89 10.62 -21.39
CA PRO D 199 -37.51 11.82 -21.96
C PRO D 199 -37.56 12.98 -20.97
N GLY D 200 -38.09 12.73 -19.78
CA GLY D 200 -38.20 13.75 -18.75
C GLY D 200 -36.85 14.36 -18.42
N GLU D 201 -35.83 13.51 -18.32
CA GLU D 201 -34.50 13.98 -17.93
C GLU D 201 -33.80 14.73 -19.07
N LEU D 202 -33.79 14.16 -20.26
CA LEU D 202 -33.21 14.85 -21.41
C LEU D 202 -33.90 16.19 -21.66
N ALA D 203 -35.18 16.28 -21.33
CA ALA D 203 -35.91 17.53 -21.50
C ALA D 203 -35.39 18.61 -20.54
N LYS D 204 -34.78 18.18 -19.44
CA LYS D 204 -34.17 19.13 -18.50
C LYS D 204 -32.90 19.74 -19.12
N GLY D 205 -32.26 18.99 -20.00
CA GLY D 205 -31.21 19.52 -20.85
C GLY D 205 -29.77 19.20 -20.47
N PHE D 206 -29.59 18.65 -19.27
CA PHE D 206 -28.25 18.39 -18.72
C PHE D 206 -27.80 16.94 -18.90
N GLY D 207 -28.37 16.25 -19.87
CA GLY D 207 -27.96 14.90 -20.18
C GLY D 207 -28.51 13.88 -19.21
N PHE D 208 -27.80 12.75 -19.10
CA PHE D 208 -28.30 11.59 -18.37
C PHE D 208 -27.79 11.51 -16.95
N TYR D 209 -28.71 11.36 -16.00
CA TYR D 209 -28.29 11.00 -14.64
C TYR D 209 -29.20 9.94 -14.00
N GLN D 210 -30.40 10.34 -13.57
CA GLN D 210 -31.33 9.38 -12.94
C GLN D 210 -31.70 8.27 -13.91
N SER D 211 -31.72 8.60 -15.21
CA SER D 211 -32.15 7.65 -16.23
C SER D 211 -31.05 6.67 -16.66
N LYS D 212 -29.83 6.87 -16.16
CA LYS D 212 -28.73 5.93 -16.44
C LYS D 212 -28.11 5.44 -15.12
N PRO D 213 -28.69 4.38 -14.54
CA PRO D 213 -28.18 3.76 -13.30
C PRO D 213 -26.92 2.93 -13.56
N SER D 214 -26.37 2.31 -12.50
CA SER D 214 -25.08 1.64 -12.58
C SER D 214 -25.00 0.59 -13.70
N SER D 215 -23.95 0.66 -14.51
CA SER D 215 -23.77 -0.30 -15.57
C SER D 215 -23.04 -1.53 -15.07
N ALA D 216 -22.92 -2.53 -15.93
CA ALA D 216 -22.21 -3.77 -15.60
C ALA D 216 -21.27 -4.13 -16.76
N PHE D 217 -20.11 -4.69 -16.43
CA PHE D 217 -19.18 -5.10 -17.48
C PHE D 217 -18.92 -6.58 -17.46
N SER D 218 -18.23 -7.05 -18.50
CA SER D 218 -17.95 -8.47 -18.64
C SER D 218 -16.99 -8.99 -17.56
N PRO D 219 -17.10 -10.29 -17.22
CA PRO D 219 -16.25 -10.87 -16.17
C PRO D 219 -14.77 -10.60 -16.44
N VAL D 220 -14.44 -10.46 -17.73
CA VAL D 220 -13.06 -10.40 -18.16
C VAL D 220 -12.83 -9.22 -19.10
N ALA D 221 -11.69 -8.55 -18.94
CA ALA D 221 -11.23 -7.57 -19.95
C ALA D 221 -9.98 -8.17 -20.60
N VAL D 222 -9.78 -7.91 -21.89
CA VAL D 222 -8.74 -8.60 -22.65
C VAL D 222 -7.94 -7.60 -23.48
N THR D 223 -6.64 -7.88 -23.65
CA THR D 223 -5.81 -7.01 -24.48
C THR D 223 -6.12 -7.19 -25.98
N PRO D 224 -5.91 -6.11 -26.77
CA PRO D 224 -6.19 -6.21 -28.20
C PRO D 224 -5.46 -7.39 -28.85
N GLU D 225 -4.21 -7.63 -28.47
CA GLU D 225 -3.47 -8.78 -28.97
C GLU D 225 -4.27 -10.08 -28.84
N GLU D 226 -5.04 -10.20 -27.77
CA GLU D 226 -5.81 -11.39 -27.49
C GLU D 226 -6.92 -11.62 -28.53
N LEU D 227 -7.51 -10.53 -29.02
CA LEU D 227 -8.63 -10.61 -29.95
C LEU D 227 -8.21 -11.04 -31.36
N GLY D 228 -6.91 -11.03 -31.61
CA GLY D 228 -6.40 -11.53 -32.89
C GLY D 228 -7.00 -10.81 -34.08
N GLU D 229 -7.39 -11.58 -35.10
CA GLU D 229 -7.88 -11.01 -36.34
C GLU D 229 -9.21 -10.27 -36.18
N ALA D 230 -9.91 -10.56 -35.07
CA ALA D 230 -11.21 -9.94 -34.78
C ALA D 230 -11.14 -8.44 -34.41
N TRP D 231 -9.95 -7.99 -34.00
CA TRP D 231 -9.70 -6.58 -33.70
C TRP D 231 -8.84 -5.98 -34.81
N ASP D 232 -9.34 -4.93 -35.46
CA ASP D 232 -8.62 -4.36 -36.60
C ASP D 232 -7.92 -3.05 -36.23
N GLY D 233 -7.55 -2.95 -34.95
CA GLY D 233 -6.91 -1.75 -34.44
C GLY D 233 -7.88 -0.79 -33.80
N GLY D 234 -9.13 -0.75 -34.30
CA GLY D 234 -10.12 0.18 -33.80
C GLY D 234 -11.55 -0.33 -33.68
N LYS D 235 -11.84 -1.50 -34.26
CA LYS D 235 -13.18 -2.11 -34.21
C LYS D 235 -13.13 -3.59 -33.84
N LEU D 236 -14.18 -4.06 -33.18
CA LEU D 236 -14.35 -5.49 -32.93
C LEU D 236 -15.30 -6.07 -33.99
N HIS D 237 -14.83 -7.04 -34.76
CA HIS D 237 -15.62 -7.55 -35.88
C HIS D 237 -16.29 -8.90 -35.60
N LEU D 238 -17.03 -8.96 -34.50
CA LEU D 238 -17.75 -10.19 -34.16
C LEU D 238 -19.16 -9.88 -33.72
N PRO D 239 -20.07 -10.86 -33.86
CA PRO D 239 -21.43 -10.72 -33.36
C PRO D 239 -21.43 -10.47 -31.87
N LEU D 240 -22.19 -9.48 -31.41
CA LEU D 240 -22.40 -9.33 -29.98
C LEU D 240 -23.69 -10.06 -29.61
N HIS D 241 -23.57 -11.11 -28.82
CA HIS D 241 -24.72 -11.92 -28.44
C HIS D 241 -25.50 -11.31 -27.28
N VAL D 242 -26.74 -10.90 -27.56
CA VAL D 242 -27.64 -10.44 -26.52
C VAL D 242 -28.83 -11.39 -26.43
N ASP D 243 -29.05 -11.94 -25.24
CA ASP D 243 -30.19 -12.82 -24.97
C ASP D 243 -31.19 -12.13 -24.06
N LEU D 244 -32.47 -12.37 -24.32
CA LEU D 244 -33.52 -11.87 -23.46
C LEU D 244 -34.38 -13.05 -23.01
N ASN D 245 -34.53 -13.21 -21.71
CA ASN D 245 -35.22 -14.35 -21.12
C ASN D 245 -34.92 -15.70 -21.78
N GLY D 246 -33.63 -15.97 -21.97
CA GLY D 246 -33.18 -17.26 -22.49
C GLY D 246 -33.26 -17.36 -24.00
N GLU D 247 -33.84 -16.36 -24.63
CA GLU D 247 -34.03 -16.38 -26.08
C GLU D 247 -33.12 -15.38 -26.77
N PRO D 248 -32.58 -15.78 -27.93
CA PRO D 248 -31.75 -14.85 -28.70
C PRO D 248 -32.51 -13.56 -29.02
N PHE D 249 -31.87 -12.43 -28.77
CA PHE D 249 -32.48 -11.14 -29.03
C PHE D 249 -31.62 -10.34 -29.99
N GLY D 250 -30.31 -10.50 -29.86
CA GLY D 250 -29.37 -9.76 -30.70
C GLY D 250 -28.14 -10.55 -31.08
N ARG D 251 -27.70 -10.36 -32.32
CA ARG D 251 -26.48 -10.98 -32.83
C ARG D 251 -25.81 -9.99 -33.75
N ALA D 252 -26.05 -8.71 -33.50
CA ALA D 252 -25.54 -7.64 -34.36
C ALA D 252 -24.02 -7.60 -34.31
N ASN D 253 -23.41 -7.42 -35.48
CA ASN D 253 -21.95 -7.42 -35.61
C ASN D 253 -21.38 -6.07 -35.20
N ALA D 254 -20.52 -6.07 -34.19
CA ALA D 254 -20.00 -4.82 -33.66
C ALA D 254 -19.09 -4.07 -34.65
N GLY D 255 -18.73 -4.72 -35.74
CA GLY D 255 -17.86 -4.13 -36.75
C GLY D 255 -18.62 -3.73 -38.02
N ILE D 256 -19.93 -3.79 -37.94
CA ILE D 256 -20.79 -3.39 -39.06
C ILE D 256 -21.64 -2.20 -38.62
N ASP D 257 -21.69 -1.17 -39.47
CA ASP D 257 -22.48 0.03 -39.18
C ASP D 257 -21.96 0.77 -37.94
N MSE D 258 -20.68 0.58 -37.65
CA MSE D 258 -20.05 1.40 -36.63
C MSE D 258 -19.47 2.64 -37.31
O MSE D 258 -18.45 2.57 -37.97
CB MSE D 258 -18.95 0.62 -35.90
CG MSE D 258 -18.40 1.42 -34.73
SE MSE D 258 -17.01 0.44 -33.86
CE MSE D 258 -17.13 1.31 -32.11
N THR D 259 -20.14 3.78 -37.14
CA THR D 259 -19.78 4.94 -37.94
C THR D 259 -18.52 5.62 -37.38
N PHE D 260 -18.24 5.40 -36.10
CA PHE D 260 -17.04 5.91 -35.43
C PHE D 260 -16.34 4.76 -34.72
N ASP D 261 -15.05 4.55 -35.00
CA ASP D 261 -14.30 3.52 -34.31
C ASP D 261 -13.81 4.01 -32.94
N PHE D 262 -13.14 3.15 -32.18
CA PHE D 262 -12.71 3.56 -30.84
C PHE D 262 -11.73 4.73 -30.83
N PRO D 263 -10.70 4.70 -31.70
CA PRO D 263 -9.79 5.87 -31.76
C PRO D 263 -10.55 7.19 -32.03
N GLN D 264 -11.54 7.17 -32.91
CA GLN D 264 -12.33 8.39 -33.18
C GLN D 264 -13.09 8.85 -31.94
N LEU D 265 -13.69 7.92 -31.21
CA LEU D 265 -14.41 8.28 -30.00
C LEU D 265 -13.43 8.87 -29.00
N ILE D 266 -12.25 8.27 -28.90
CA ILE D 266 -11.22 8.74 -27.95
C ILE D 266 -10.72 10.15 -28.31
N VAL D 267 -10.50 10.39 -29.60
CA VAL D 267 -10.12 11.73 -30.02
C VAL D 267 -11.19 12.78 -29.67
N HIS D 268 -12.46 12.43 -29.86
CA HIS D 268 -13.58 13.33 -29.57
C HIS D 268 -13.58 13.64 -28.05
N ALA D 269 -13.47 12.58 -27.25
CA ALA D 269 -13.43 12.72 -25.80
C ALA D 269 -12.27 13.62 -25.36
N ALA D 270 -11.13 13.54 -26.04
CA ALA D 270 -9.93 14.27 -25.58
C ALA D 270 -9.80 15.68 -26.13
N ARG D 271 -10.79 16.12 -26.91
CA ARG D 271 -10.70 17.45 -27.51
C ARG D 271 -10.31 18.54 -26.49
N THR D 272 -10.99 18.57 -25.34
CA THR D 272 -10.79 19.68 -24.42
C THR D 272 -10.45 19.18 -23.03
N ARG D 273 -10.00 17.92 -22.95
CA ARG D 273 -9.56 17.38 -21.66
C ARG D 273 -8.65 16.21 -21.89
N PRO D 274 -7.73 15.95 -20.93
CA PRO D 274 -6.98 14.71 -20.96
C PRO D 274 -7.89 13.58 -20.48
N LEU D 275 -7.53 12.33 -20.79
CA LEU D 275 -8.22 11.17 -20.22
C LEU D 275 -7.19 10.38 -19.40
N SER D 276 -7.40 10.28 -18.10
CA SER D 276 -6.38 9.61 -17.28
C SER D 276 -6.48 8.08 -17.43
N ALA D 277 -5.37 7.41 -17.13
CA ALA D 277 -5.28 5.96 -17.20
C ALA D 277 -6.41 5.30 -16.41
N GLY D 278 -7.12 4.36 -17.05
CA GLY D 278 -8.26 3.72 -16.42
C GLY D 278 -9.59 4.23 -16.94
N THR D 279 -9.53 5.25 -17.79
CA THR D 279 -10.73 5.80 -18.38
C THR D 279 -11.39 4.75 -19.28
N ILE D 280 -12.69 4.54 -19.08
CA ILE D 280 -13.47 3.61 -19.90
C ILE D 280 -14.24 4.35 -21.00
N ILE D 281 -14.11 3.89 -22.25
CA ILE D 281 -14.86 4.49 -23.36
C ILE D 281 -15.82 3.45 -23.98
N GLY D 282 -17.13 3.74 -23.94
CA GLY D 282 -18.14 2.84 -24.49
C GLY D 282 -18.49 3.15 -25.95
N SER D 283 -18.80 2.09 -26.72
CA SER D 283 -19.11 2.24 -28.15
C SER D 283 -20.53 2.72 -28.37
N GLY D 284 -21.40 2.46 -27.40
CA GLY D 284 -22.81 2.70 -27.57
C GLY D 284 -23.43 1.39 -28.02
N THR D 285 -24.75 1.29 -27.92
CA THR D 285 -25.44 0.04 -28.23
C THR D 285 -25.15 -0.41 -29.65
N VAL D 286 -24.68 -1.64 -29.80
CA VAL D 286 -24.34 -2.16 -31.13
C VAL D 286 -25.59 -2.48 -31.94
N SER D 287 -25.70 -1.80 -33.07
CA SER D 287 -26.88 -1.87 -33.91
C SER D 287 -26.48 -2.09 -35.37
N ASN D 288 -27.23 -2.94 -36.07
CA ASN D 288 -27.01 -3.15 -37.49
C ASN D 288 -28.26 -2.84 -38.33
N LYS D 289 -28.04 -2.30 -39.53
CA LYS D 289 -29.11 -2.18 -40.49
C LYS D 289 -29.28 -3.52 -41.20
N LEU D 290 -30.40 -3.68 -41.90
CA LEU D 290 -30.63 -4.84 -42.76
C LEU D 290 -30.84 -4.32 -44.19
N GLU D 291 -29.85 -4.52 -45.06
CA GLU D 291 -29.92 -4.03 -46.43
C GLU D 291 -30.41 -2.59 -46.54
N GLY D 292 -29.86 -1.70 -45.71
CA GLY D 292 -30.22 -0.30 -45.77
C GLY D 292 -31.41 0.06 -44.89
N GLY D 293 -32.18 -0.94 -44.52
CA GLY D 293 -33.35 -0.72 -43.68
C GLY D 293 -33.08 -1.09 -42.23
N PRO D 294 -34.08 -0.86 -41.36
CA PRO D 294 -33.96 -1.25 -39.96
C PRO D 294 -33.70 -2.75 -39.86
N GLY D 295 -32.85 -3.16 -38.92
CA GLY D 295 -32.57 -4.57 -38.74
C GLY D 295 -33.84 -5.34 -38.40
N ARG D 296 -33.79 -6.65 -38.56
CA ARG D 296 -34.94 -7.48 -38.24
C ARG D 296 -34.60 -8.49 -37.14
N PRO D 297 -35.64 -8.96 -36.41
CA PRO D 297 -35.42 -9.90 -35.30
C PRO D 297 -34.64 -11.12 -35.76
N VAL D 298 -33.93 -11.74 -34.82
CA VAL D 298 -33.11 -12.91 -35.12
C VAL D 298 -33.97 -14.08 -35.61
N SER D 299 -35.16 -14.24 -35.03
CA SER D 299 -36.07 -15.32 -35.41
C SER D 299 -36.66 -15.13 -36.80
N GLU D 300 -36.12 -14.17 -37.55
CA GLU D 300 -36.54 -13.93 -38.92
C GLU D 300 -35.33 -13.72 -39.83
N GLY D 301 -34.23 -14.36 -39.47
CA GLY D 301 -33.02 -14.31 -40.27
C GLY D 301 -32.37 -12.94 -40.28
N GLY D 302 -32.63 -12.15 -39.24
CA GLY D 302 -32.05 -10.83 -39.13
C GLY D 302 -31.00 -10.84 -38.04
N ALA D 303 -30.37 -9.70 -37.81
CA ALA D 303 -29.30 -9.61 -36.82
C ALA D 303 -29.77 -9.24 -35.41
N GLY D 304 -31.04 -8.88 -35.27
CA GLY D 304 -31.58 -8.56 -33.96
C GLY D 304 -31.13 -7.22 -33.41
N TYR D 305 -31.25 -7.05 -32.10
CA TYR D 305 -30.95 -5.77 -31.46
C TYR D 305 -30.27 -5.95 -30.11
N SER D 306 -29.52 -4.94 -29.67
CA SER D 306 -28.81 -5.00 -28.39
C SER D 306 -29.53 -4.29 -27.25
N CYS D 307 -30.74 -3.80 -27.52
CA CYS D 307 -31.54 -3.12 -26.50
C CYS D 307 -32.99 -3.07 -26.97
N ILE D 308 -33.92 -3.21 -26.03
CA ILE D 308 -35.34 -3.25 -26.39
C ILE D 308 -35.80 -1.92 -27.00
N ALA D 309 -35.21 -0.82 -26.54
CA ALA D 309 -35.59 0.50 -27.02
C ALA D 309 -35.54 0.60 -28.56
N GLU D 310 -34.59 -0.10 -29.17
CA GLU D 310 -34.45 -0.05 -30.62
C GLU D 310 -35.58 -0.80 -31.31
N LEU D 311 -35.91 -1.97 -30.78
CA LEU D 311 -37.03 -2.75 -31.29
C LEU D 311 -38.32 -1.93 -31.22
N ARG D 312 -38.49 -1.20 -30.12
CA ARG D 312 -39.67 -0.37 -29.92
C ARG D 312 -39.73 0.82 -30.87
N MSE D 313 -38.59 1.49 -31.09
CA MSE D 313 -38.56 2.59 -32.04
C MSE D 313 -39.02 2.11 -33.42
O MSE D 313 -39.80 2.78 -34.11
CB MSE D 313 -37.15 3.19 -32.14
CG MSE D 313 -36.64 3.87 -30.88
SE MSE D 313 -37.74 5.36 -30.23
CE MSE D 313 -38.96 4.37 -29.07
N ILE D 314 -38.53 0.93 -33.81
CA ILE D 314 -38.87 0.31 -35.10
C ILE D 314 -40.36 -0.03 -35.18
N GLU D 315 -40.92 -0.54 -34.08
CA GLU D 315 -42.33 -0.87 -34.03
C GLU D 315 -43.19 0.38 -34.09
N THR D 316 -42.63 1.49 -33.62
CA THR D 316 -43.31 2.78 -33.65
C THR D 316 -43.41 3.33 -35.08
N ILE D 317 -42.26 3.50 -35.71
CA ILE D 317 -42.20 4.06 -37.07
C ILE D 317 -43.06 3.27 -38.04
N GLU D 318 -43.04 1.95 -37.93
CA GLU D 318 -43.74 1.09 -38.87
C GLU D 318 -45.16 0.77 -38.44
N GLY D 319 -45.30 0.29 -37.21
CA GLY D 319 -46.62 0.10 -36.64
C GLY D 319 -47.24 1.46 -36.37
N GLY D 320 -47.78 1.64 -35.17
CA GLY D 320 -48.27 2.94 -34.75
C GLY D 320 -47.63 3.32 -33.44
N ALA D 321 -47.17 2.29 -32.72
CA ALA D 321 -46.58 2.47 -31.40
C ALA D 321 -45.86 1.19 -30.99
N PRO D 322 -45.03 1.26 -29.94
CA PRO D 322 -44.27 0.09 -29.46
C PRO D 322 -45.17 -1.09 -29.09
N LYS D 323 -44.68 -2.30 -29.36
CA LYS D 323 -45.41 -3.51 -29.02
C LYS D 323 -44.74 -4.29 -27.88
N THR D 324 -43.41 -4.30 -27.87
CA THR D 324 -42.66 -5.09 -26.90
C THR D 324 -42.36 -4.32 -25.61
N GLN D 325 -42.56 -4.97 -24.47
CA GLN D 325 -42.38 -4.31 -23.20
CA GLN D 325 -42.38 -4.37 -23.16
C GLN D 325 -40.92 -4.30 -22.73
N PHE D 326 -40.62 -3.42 -21.78
CA PHE D 326 -39.28 -3.37 -21.22
C PHE D 326 -39.11 -4.44 -20.14
N LEU D 327 -37.89 -4.55 -19.62
CA LEU D 327 -37.59 -5.52 -18.56
C LEU D 327 -38.50 -5.37 -17.35
N LYS D 328 -38.97 -6.49 -16.83
CA LYS D 328 -39.76 -6.53 -15.61
C LYS D 328 -39.08 -7.44 -14.60
N PHE D 329 -39.44 -7.31 -13.33
CA PHE D 329 -38.87 -8.19 -12.30
C PHE D 329 -38.95 -9.65 -12.73
N GLY D 330 -37.84 -10.36 -12.58
CA GLY D 330 -37.76 -11.75 -12.97
C GLY D 330 -37.10 -11.94 -14.32
N ASP D 331 -37.17 -10.91 -15.17
CA ASP D 331 -36.56 -10.98 -16.49
C ASP D 331 -35.05 -11.17 -16.40
N VAL D 332 -34.47 -11.79 -17.42
CA VAL D 332 -33.05 -12.06 -17.40
C VAL D 332 -32.40 -11.59 -18.69
N VAL D 333 -31.24 -10.96 -18.55
CA VAL D 333 -30.46 -10.52 -19.70
C VAL D 333 -29.10 -11.22 -19.73
N ARG D 334 -28.61 -11.48 -20.92
CA ARG D 334 -27.30 -12.10 -21.10
C ARG D 334 -26.60 -11.45 -22.29
N ILE D 335 -25.39 -10.96 -22.06
CA ILE D 335 -24.56 -10.34 -23.10
C ILE D 335 -23.22 -11.05 -23.14
N GLU D 336 -22.81 -11.53 -24.30
CA GLU D 336 -21.49 -12.16 -24.47
C GLU D 336 -21.04 -12.07 -25.93
N MSE D 337 -19.78 -12.40 -26.18
CA MSE D 337 -19.26 -12.41 -27.54
C MSE D 337 -18.29 -13.57 -27.74
O MSE D 337 -17.43 -13.83 -26.90
CB MSE D 337 -18.61 -11.06 -27.87
CG MSE D 337 -17.95 -11.02 -29.24
SE MSE D 337 -17.07 -9.30 -29.55
CE MSE D 337 -18.65 -8.17 -29.75
N LYS D 338 -18.44 -14.27 -28.86
CA LYS D 338 -17.63 -15.46 -29.10
C LYS D 338 -16.71 -15.30 -30.30
N ASP D 339 -15.54 -15.95 -30.24
CA ASP D 339 -14.60 -15.89 -31.35
C ASP D 339 -15.08 -16.76 -32.50
N ARG D 340 -14.35 -16.73 -33.61
CA ARG D 340 -14.79 -17.42 -34.81
C ARG D 340 -15.01 -18.92 -34.58
N THR D 341 -14.23 -19.51 -33.67
CA THR D 341 -14.33 -20.94 -33.38
C THR D 341 -15.32 -21.24 -32.25
N GLY D 342 -16.00 -20.21 -31.75
CA GLY D 342 -17.13 -20.43 -30.86
C GLY D 342 -16.89 -20.23 -29.38
N HIS D 343 -15.68 -19.80 -29.03
CA HIS D 343 -15.30 -19.66 -27.62
C HIS D 343 -15.60 -18.28 -27.05
N SER D 344 -16.09 -18.25 -25.82
CA SER D 344 -16.42 -16.99 -25.18
C SER D 344 -15.13 -16.22 -24.96
N ILE D 345 -15.10 -14.97 -25.41
CA ILE D 345 -13.91 -14.14 -25.26
C ILE D 345 -13.88 -13.43 -23.90
N PHE D 346 -14.99 -12.77 -23.55
CA PHE D 346 -15.01 -11.93 -22.35
C PHE D 346 -15.68 -12.60 -21.15
N GLY D 347 -16.36 -13.71 -21.40
CA GLY D 347 -17.23 -14.29 -20.39
C GLY D 347 -18.62 -13.70 -20.54
N ALA D 348 -19.50 -13.99 -19.59
CA ALA D 348 -20.89 -13.62 -19.76
C ALA D 348 -21.41 -12.65 -18.68
N ILE D 349 -21.99 -11.54 -19.13
CA ILE D 349 -22.83 -10.72 -18.27
C ILE D 349 -24.22 -11.34 -18.27
N GLU D 350 -24.67 -11.80 -17.11
CA GLU D 350 -25.99 -12.42 -17.04
C GLU D 350 -26.71 -11.94 -15.79
N GLN D 351 -27.76 -11.15 -15.98
CA GLN D 351 -28.37 -10.46 -14.86
C GLN D 351 -29.89 -10.61 -14.82
N LYS D 352 -30.42 -10.85 -13.63
CA LYS D 352 -31.85 -10.93 -13.44
C LYS D 352 -32.35 -9.59 -12.88
N VAL D 353 -33.43 -9.07 -13.46
CA VAL D 353 -34.00 -7.82 -12.96
C VAL D 353 -34.86 -8.09 -11.73
N GLY D 354 -34.68 -7.29 -10.68
CA GLY D 354 -35.39 -7.51 -9.44
C GLY D 354 -35.71 -6.22 -8.70
N LYS D 355 -36.58 -6.31 -7.71
CA LYS D 355 -37.05 -5.12 -6.99
C LYS D 355 -36.12 -4.72 -5.86
N TYR D 356 -35.70 -3.45 -5.89
CA TYR D 356 -34.84 -2.92 -4.85
C TYR D 356 -35.66 -2.53 -3.64
N GLU D 357 -35.17 -2.95 -2.47
CA GLU D 357 -35.80 -2.63 -1.20
C GLU D 357 -34.78 -2.05 -0.21
N ARG D 358 -35.19 -1.02 0.51
CA ARG D 358 -34.39 -0.51 1.63
C ARG D 358 -34.69 -1.40 2.83
N GLY D 359 -33.65 -2.01 3.40
CA GLY D 359 -33.83 -2.91 4.52
C GLY D 359 -34.07 -2.20 5.84
CA CA E . 16.23 -22.68 21.39
CA CA F . 31.22 -4.87 15.59
CA CA G . -21.71 24.18 -12.84
CA CA H . -25.28 3.55 -24.14
#